data_2KW9
#
_entry.id   2KW9
#
_entity_poly.entity_id   1
_entity_poly.type   'polypeptide(L)'
_entity_poly.pdbx_seq_one_letter_code
;MGHHHHHHSHMSTPLTGKPGALPANLDDMKVAELKQELKLRSLPVSGTKTELIERLRAYQDQISPVPGAPKAPAA
;
_entity_poly.pdbx_strand_id   A
#
# COMPACT_ATOMS: atom_id res chain seq x y z
N MET A 1 -47.46 -21.14 24.19
CA MET A 1 -46.88 -21.86 23.01
C MET A 1 -46.03 -20.91 22.16
N GLY A 2 -44.81 -21.31 21.84
CA GLY A 2 -43.91 -20.48 21.06
C GLY A 2 -42.89 -21.26 20.25
N HIS A 3 -42.15 -20.57 19.40
CA HIS A 3 -41.17 -21.21 18.51
C HIS A 3 -39.86 -21.54 19.25
N HIS A 4 -39.87 -22.62 20.02
CA HIS A 4 -38.70 -23.03 20.81
C HIS A 4 -37.81 -24.03 20.05
N HIS A 5 -36.71 -23.54 19.48
CA HIS A 5 -35.78 -24.40 18.73
C HIS A 5 -34.39 -23.73 18.63
N HIS A 6 -33.33 -24.54 18.68
CA HIS A 6 -31.95 -24.00 18.66
C HIS A 6 -31.00 -24.86 17.81
N HIS A 7 -30.26 -24.20 16.92
CA HIS A 7 -29.23 -24.86 16.11
C HIS A 7 -28.50 -23.83 15.23
N HIS A 8 -27.18 -23.93 15.15
CA HIS A 8 -26.36 -22.98 14.38
C HIS A 8 -25.03 -23.60 13.92
N SER A 9 -24.56 -23.23 12.73
CA SER A 9 -23.27 -23.73 12.20
C SER A 9 -22.59 -22.70 11.29
N HIS A 10 -21.27 -22.84 11.12
CA HIS A 10 -20.49 -21.95 10.24
C HIS A 10 -19.03 -22.42 10.13
N MET A 11 -18.37 -22.15 9.01
CA MET A 11 -16.96 -22.50 8.83
C MET A 11 -16.26 -21.58 7.82
N SER A 12 -14.96 -21.38 8.00
CA SER A 12 -14.16 -20.50 7.12
C SER A 12 -12.66 -20.81 7.24
N THR A 13 -12.07 -21.31 6.16
CA THR A 13 -10.63 -21.67 6.13
C THR A 13 -9.78 -20.56 5.51
N PRO A 14 -8.59 -20.26 6.09
CA PRO A 14 -7.65 -19.27 5.54
C PRO A 14 -7.18 -19.64 4.11
N LEU A 15 -7.43 -18.74 3.15
CA LEU A 15 -7.09 -19.00 1.74
C LEU A 15 -5.78 -18.33 1.32
N THR A 16 -5.27 -18.68 0.13
CA THR A 16 -4.06 -18.06 -0.41
C THR A 16 -4.40 -16.89 -1.36
N GLY A 17 -3.41 -16.37 -2.08
CA GLY A 17 -3.61 -15.17 -2.87
C GLY A 17 -3.29 -13.92 -2.07
N LYS A 18 -2.03 -13.49 -2.09
CA LYS A 18 -1.53 -12.52 -1.12
C LYS A 18 -0.61 -11.46 -1.76
N PRO A 19 -0.68 -10.20 -1.27
CA PRO A 19 0.26 -9.15 -1.65
C PRO A 19 1.56 -9.21 -0.83
N GLY A 20 2.28 -8.09 -0.76
CA GLY A 20 3.51 -8.02 0.04
C GLY A 20 4.30 -6.74 -0.17
N ALA A 21 5.33 -6.81 -1.03
CA ALA A 21 6.19 -5.65 -1.31
C ALA A 21 5.51 -4.66 -2.26
N LEU A 22 5.89 -3.39 -2.16
CA LEU A 22 5.33 -2.34 -3.01
C LEU A 22 5.80 -2.48 -4.47
N PRO A 23 5.04 -1.92 -5.44
CA PRO A 23 5.43 -1.94 -6.86
C PRO A 23 6.77 -1.24 -7.13
N ALA A 24 7.71 -1.93 -7.75
CA ALA A 24 9.05 -1.38 -8.02
C ALA A 24 9.05 -0.41 -9.22
N ASN A 25 7.89 -0.26 -9.86
CA ASN A 25 7.76 0.64 -11.01
C ASN A 25 7.09 1.97 -10.64
N LEU A 26 7.30 2.42 -9.40
CA LEU A 26 6.76 3.72 -8.95
C LEU A 26 7.24 4.87 -9.86
N ASP A 27 8.53 4.85 -10.20
CA ASP A 27 9.11 5.85 -11.10
C ASP A 27 8.51 5.79 -12.51
N ASP A 28 8.10 4.60 -12.93
CA ASP A 28 7.54 4.38 -14.26
C ASP A 28 6.09 4.89 -14.36
N MET A 29 5.41 4.99 -13.23
CA MET A 29 4.00 5.40 -13.22
C MET A 29 3.84 6.94 -13.20
N LYS A 30 2.59 7.38 -13.22
CA LYS A 30 2.27 8.82 -13.21
C LYS A 30 2.24 9.38 -11.78
N VAL A 31 2.39 10.70 -11.65
CA VAL A 31 2.33 11.37 -10.35
C VAL A 31 1.00 11.08 -9.65
N ALA A 32 -0.09 11.10 -10.43
CA ALA A 32 -1.43 10.80 -9.92
C ALA A 32 -1.50 9.41 -9.27
N GLU A 33 -0.89 8.42 -9.92
CA GLU A 33 -0.88 7.04 -9.40
C GLU A 33 -0.20 6.99 -8.01
N LEU A 34 0.90 7.72 -7.89
CA LEU A 34 1.62 7.82 -6.61
C LEU A 34 0.74 8.47 -5.54
N LYS A 35 0.08 9.57 -5.92
CA LYS A 35 -0.87 10.25 -5.03
C LYS A 35 -2.02 9.32 -4.61
N GLN A 36 -2.42 8.44 -5.53
CA GLN A 36 -3.45 7.43 -5.24
C GLN A 36 -2.95 6.44 -4.17
N GLU A 37 -1.76 5.89 -4.38
CA GLU A 37 -1.14 4.97 -3.40
C GLU A 37 -0.97 5.63 -2.03
N LEU A 38 -0.58 6.90 -2.02
CA LEU A 38 -0.41 7.65 -0.77
C LEU A 38 -1.73 7.83 -0.02
N LYS A 39 -2.73 8.41 -0.69
CA LYS A 39 -4.02 8.72 -0.04
C LYS A 39 -4.66 7.47 0.62
N LEU A 40 -4.59 6.33 -0.06
CA LEU A 40 -5.18 5.08 0.45
C LEU A 40 -4.45 4.58 1.71
N ARG A 41 -3.20 5.02 1.89
CA ARG A 41 -2.39 4.62 3.05
C ARG A 41 -2.29 5.75 4.10
N SER A 42 -3.21 6.72 3.99
CA SER A 42 -3.28 7.86 4.92
C SER A 42 -2.05 8.80 4.80
N LEU A 43 -1.32 8.67 3.69
CA LEU A 43 -0.12 9.47 3.44
C LEU A 43 -0.44 10.78 2.70
N PRO A 44 0.27 11.88 3.03
CA PRO A 44 0.10 13.17 2.33
C PRO A 44 0.59 13.13 0.87
N VAL A 45 -0.24 13.65 -0.04
CA VAL A 45 0.07 13.64 -1.48
C VAL A 45 0.69 14.97 -1.95
N SER A 46 1.51 15.57 -1.08
CA SER A 46 1.99 16.94 -1.27
C SER A 46 3.16 17.07 -2.26
N GLY A 47 4.29 16.44 -1.94
CA GLY A 47 5.56 16.72 -2.64
C GLY A 47 5.61 16.29 -4.10
N THR A 48 6.81 16.37 -4.68
CA THR A 48 7.05 16.04 -6.10
C THR A 48 7.01 14.53 -6.33
N LYS A 49 7.12 14.12 -7.60
CA LYS A 49 7.08 12.70 -7.97
C LYS A 49 8.03 11.86 -7.12
N THR A 50 9.32 12.25 -7.08
CA THR A 50 10.33 11.54 -6.29
C THR A 50 9.97 11.50 -4.81
N GLU A 51 9.50 12.65 -4.27
CA GLU A 51 9.05 12.74 -2.89
C GLU A 51 7.99 11.66 -2.59
N LEU A 52 6.93 11.63 -3.41
CA LEU A 52 5.84 10.67 -3.24
C LEU A 52 6.36 9.23 -3.29
N ILE A 53 7.20 8.93 -4.28
CA ILE A 53 7.82 7.60 -4.44
C ILE A 53 8.56 7.17 -3.16
N GLU A 54 9.44 8.04 -2.68
CA GLU A 54 10.23 7.73 -1.49
C GLU A 54 9.39 7.76 -0.21
N ARG A 55 8.28 8.49 -0.22
CA ARG A 55 7.37 8.49 0.93
C ARG A 55 6.67 7.13 1.06
N LEU A 56 6.36 6.52 -0.09
CA LEU A 56 5.84 5.15 -0.11
C LEU A 56 6.86 4.16 0.48
N ARG A 57 8.12 4.31 0.09
CA ARG A 57 9.21 3.49 0.65
C ARG A 57 9.37 3.71 2.16
N ALA A 58 9.29 4.98 2.57
CA ALA A 58 9.39 5.34 3.99
C ALA A 58 8.25 4.72 4.81
N TYR A 59 7.04 4.69 4.23
CA TYR A 59 5.89 4.05 4.86
C TYR A 59 6.13 2.54 5.04
N GLN A 60 6.61 1.90 3.97
CA GLN A 60 6.96 0.48 4.01
C GLN A 60 8.03 0.21 5.08
N ASP A 61 9.05 1.07 5.12
CA ASP A 61 10.17 0.92 6.06
C ASP A 61 9.68 0.95 7.53
N GLN A 62 8.52 1.53 7.76
CA GLN A 62 7.92 1.60 9.10
C GLN A 62 7.04 0.37 9.39
N ILE A 63 6.10 0.08 8.49
CA ILE A 63 5.17 -1.05 8.67
C ILE A 63 5.86 -2.41 8.48
N SER A 64 6.99 -2.42 7.77
CA SER A 64 7.73 -3.65 7.48
C SER A 64 9.13 -3.33 6.91
N PRO A 65 10.15 -3.23 7.78
CA PRO A 65 11.53 -2.85 7.37
C PRO A 65 12.31 -4.00 6.68
N VAL A 66 11.60 -4.85 5.95
CA VAL A 66 12.21 -6.00 5.26
C VAL A 66 11.97 -5.94 3.74
N PRO A 67 12.76 -6.67 2.93
CA PRO A 67 12.62 -6.68 1.45
C PRO A 67 11.34 -7.37 0.94
N GLY A 68 10.26 -7.32 1.73
CA GLY A 68 9.02 -8.00 1.35
C GLY A 68 8.93 -9.42 1.91
N ALA A 69 8.60 -9.52 3.20
CA ALA A 69 8.50 -10.83 3.87
C ALA A 69 7.61 -10.74 5.13
N PRO A 70 6.86 -11.82 5.45
CA PRO A 70 6.02 -11.85 6.66
C PRO A 70 6.86 -11.73 7.95
N LYS A 71 6.50 -10.78 8.82
CA LYS A 71 7.26 -10.52 10.05
C LYS A 71 6.98 -11.55 11.15
N ALA A 72 6.65 -12.78 10.75
CA ALA A 72 6.35 -13.87 11.69
C ALA A 72 6.41 -15.23 10.97
N PRO A 73 6.85 -16.29 11.68
CA PRO A 73 6.91 -17.66 11.11
C PRO A 73 5.52 -18.21 10.76
N ALA A 74 4.98 -17.80 9.61
CA ALA A 74 3.65 -18.23 9.17
C ALA A 74 3.43 -17.91 7.68
N ALA A 75 2.21 -18.13 7.21
CA ALA A 75 1.86 -17.88 5.79
C ALA A 75 1.36 -16.44 5.57
N MET A 1 -42.91 -16.59 1.24
CA MET A 1 -42.77 -18.02 0.81
C MET A 1 -42.88 -18.97 2.01
N GLY A 2 -42.78 -20.28 1.74
CA GLY A 2 -42.80 -21.28 2.79
C GLY A 2 -41.43 -21.52 3.39
N HIS A 3 -41.37 -21.69 4.71
CA HIS A 3 -40.09 -21.89 5.40
C HIS A 3 -39.42 -23.23 5.00
N HIS A 4 -38.55 -23.17 3.99
CA HIS A 4 -37.84 -24.36 3.50
C HIS A 4 -36.31 -24.21 3.67
N HIS A 5 -35.68 -25.24 4.22
CA HIS A 5 -34.24 -25.21 4.51
C HIS A 5 -33.45 -26.12 3.54
N HIS A 6 -32.23 -25.69 3.19
CA HIS A 6 -31.35 -26.50 2.34
C HIS A 6 -29.92 -26.51 2.91
N HIS A 7 -29.29 -27.68 2.91
CA HIS A 7 -27.94 -27.85 3.48
C HIS A 7 -26.87 -27.08 2.70
N HIS A 8 -26.14 -26.20 3.38
CA HIS A 8 -25.04 -25.45 2.76
C HIS A 8 -23.74 -26.27 2.79
N SER A 9 -22.83 -25.99 1.85
CA SER A 9 -21.57 -26.73 1.75
C SER A 9 -20.52 -26.21 2.74
N HIS A 10 -19.74 -27.14 3.32
CA HIS A 10 -18.67 -26.80 4.25
C HIS A 10 -17.42 -26.31 3.50
N MET A 11 -17.19 -25.00 3.50
CA MET A 11 -16.04 -24.42 2.76
C MET A 11 -15.02 -23.76 3.70
N SER A 12 -13.98 -24.50 4.05
CA SER A 12 -12.86 -23.97 4.85
C SER A 12 -11.60 -23.83 3.97
N THR A 13 -11.52 -22.71 3.23
CA THR A 13 -10.46 -22.51 2.25
C THR A 13 -9.32 -21.62 2.79
N PRO A 14 -8.09 -21.76 2.23
CA PRO A 14 -6.96 -20.88 2.61
C PRO A 14 -7.23 -19.41 2.26
N LEU A 15 -7.28 -18.56 3.28
CA LEU A 15 -7.68 -17.16 3.11
C LEU A 15 -6.48 -16.27 2.72
N THR A 16 -6.70 -15.41 1.73
CA THR A 16 -5.68 -14.45 1.27
C THR A 16 -6.00 -13.03 1.73
N GLY A 17 -4.97 -12.24 2.01
CA GLY A 17 -5.17 -10.86 2.48
C GLY A 17 -4.26 -9.84 1.79
N LYS A 18 -4.42 -8.56 2.14
CA LYS A 18 -3.60 -7.48 1.56
C LYS A 18 -2.16 -7.47 2.13
N PRO A 19 -1.14 -7.64 1.26
CA PRO A 19 0.27 -7.61 1.69
C PRO A 19 0.84 -6.17 1.80
N GLY A 20 1.45 -5.86 2.94
CA GLY A 20 2.03 -4.53 3.14
C GLY A 20 3.38 -4.34 2.42
N ALA A 21 3.33 -4.27 1.10
CA ALA A 21 4.54 -4.11 0.27
C ALA A 21 4.31 -3.19 -0.93
N LEU A 22 5.38 -2.77 -1.58
CA LEU A 22 5.30 -1.85 -2.74
C LEU A 22 5.79 -2.50 -4.05
N PRO A 23 5.32 -2.00 -5.20
CA PRO A 23 5.82 -2.40 -6.52
C PRO A 23 7.06 -1.59 -6.93
N ALA A 24 7.96 -2.20 -7.71
CA ALA A 24 9.19 -1.51 -8.14
C ALA A 24 8.91 -0.48 -9.25
N ASN A 25 7.69 -0.51 -9.79
CA ASN A 25 7.30 0.38 -10.90
C ASN A 25 6.83 1.77 -10.41
N LEU A 26 7.34 2.22 -9.27
CA LEU A 26 6.91 3.50 -8.66
C LEU A 26 7.12 4.69 -9.62
N ASP A 27 8.36 4.98 -9.99
CA ASP A 27 8.66 6.11 -10.88
C ASP A 27 8.19 5.83 -12.31
N ASP A 28 8.01 4.54 -12.63
CA ASP A 28 7.46 4.14 -13.94
C ASP A 28 5.99 4.57 -14.07
N MET A 29 5.29 4.64 -12.94
CA MET A 29 3.92 5.19 -12.91
C MET A 29 3.97 6.73 -12.82
N LYS A 30 2.85 7.38 -13.10
CA LYS A 30 2.79 8.84 -13.11
C LYS A 30 2.49 9.44 -11.72
N VAL A 31 2.70 10.75 -11.59
CA VAL A 31 2.52 11.46 -10.31
C VAL A 31 1.12 11.22 -9.71
N ALA A 32 0.09 11.36 -10.54
CA ALA A 32 -1.30 11.16 -10.09
C ALA A 32 -1.56 9.73 -9.58
N GLU A 33 -0.78 8.78 -10.09
CA GLU A 33 -0.93 7.37 -9.68
C GLU A 33 -0.26 7.10 -8.32
N LEU A 34 0.90 7.73 -8.10
CA LEU A 34 1.61 7.59 -6.83
C LEU A 34 0.82 8.26 -5.69
N LYS A 35 0.23 9.43 -5.96
CA LYS A 35 -0.61 10.12 -4.97
C LYS A 35 -1.83 9.27 -4.59
N GLN A 36 -2.30 8.44 -5.52
CA GLN A 36 -3.34 7.45 -5.22
C GLN A 36 -2.82 6.46 -4.17
N GLU A 37 -1.68 5.84 -4.46
CA GLU A 37 -1.04 4.90 -3.54
C GLU A 37 -0.73 5.54 -2.17
N LEU A 38 -0.58 6.86 -2.15
CA LEU A 38 -0.38 7.59 -0.89
C LEU A 38 -1.69 7.67 -0.10
N LYS A 39 -2.73 8.22 -0.71
CA LYS A 39 -4.02 8.44 -0.02
C LYS A 39 -4.66 7.12 0.46
N LEU A 40 -4.40 6.02 -0.26
CA LEU A 40 -4.87 4.70 0.16
C LEU A 40 -4.33 4.32 1.55
N ARG A 41 -3.19 4.90 1.93
CA ARG A 41 -2.55 4.61 3.22
C ARG A 41 -2.38 5.89 4.07
N SER A 42 -3.21 6.89 3.81
CA SER A 42 -3.25 8.13 4.61
C SER A 42 -1.92 8.91 4.53
N LEU A 43 -1.27 8.84 3.39
CA LEU A 43 -0.01 9.57 3.17
C LEU A 43 -0.24 10.91 2.44
N PRO A 44 0.59 11.93 2.73
CA PRO A 44 0.44 13.28 2.13
C PRO A 44 0.67 13.30 0.61
N VAL A 45 -0.34 13.77 -0.12
CA VAL A 45 -0.31 13.81 -1.60
C VAL A 45 0.09 15.20 -2.13
N SER A 46 0.91 15.93 -1.38
CA SER A 46 1.28 17.31 -1.73
C SER A 46 2.59 17.39 -2.54
N GLY A 47 3.59 16.60 -2.14
CA GLY A 47 4.91 16.67 -2.75
C GLY A 47 4.99 16.26 -4.23
N THR A 48 6.19 16.32 -4.79
CA THR A 48 6.44 15.99 -6.20
C THR A 48 6.66 14.49 -6.43
N LYS A 49 6.87 14.11 -7.68
CA LYS A 49 7.11 12.71 -8.09
C LYS A 49 8.04 11.97 -7.10
N THR A 50 9.26 12.49 -6.93
CA THR A 50 10.26 11.86 -6.06
C THR A 50 9.77 11.79 -4.61
N GLU A 51 9.08 12.83 -4.16
CA GLU A 51 8.53 12.87 -2.80
C GLU A 51 7.52 11.73 -2.58
N LEU A 52 6.67 11.49 -3.57
CA LEU A 52 5.67 10.42 -3.50
C LEU A 52 6.35 9.06 -3.37
N ILE A 53 7.39 8.83 -4.18
CA ILE A 53 8.17 7.59 -4.15
C ILE A 53 8.79 7.35 -2.76
N GLU A 54 9.52 8.35 -2.26
CA GLU A 54 10.16 8.24 -0.95
C GLU A 54 9.13 8.14 0.18
N ARG A 55 7.98 8.79 0.00
CA ARG A 55 6.89 8.74 0.97
C ARG A 55 6.40 7.30 1.17
N LEU A 56 6.06 6.64 0.05
CA LEU A 56 5.66 5.25 0.06
C LEU A 56 6.75 4.35 0.67
N ARG A 57 7.98 4.49 0.19
CA ARG A 57 9.11 3.69 0.66
C ARG A 57 9.42 3.94 2.15
N ALA A 58 9.16 5.15 2.63
CA ALA A 58 9.33 5.48 4.04
C ALA A 58 8.25 4.81 4.91
N TYR A 59 6.99 4.94 4.47
CA TYR A 59 5.87 4.31 5.17
C TYR A 59 6.01 2.79 5.19
N GLN A 60 6.42 2.21 4.05
CA GLN A 60 6.56 0.76 3.93
C GLN A 60 7.78 0.25 4.71
N ASP A 61 8.86 1.03 4.74
CA ASP A 61 10.08 0.66 5.48
C ASP A 61 9.76 0.40 6.96
N GLN A 62 8.90 1.26 7.51
CA GLN A 62 8.49 1.17 8.92
C GLN A 62 7.70 -0.11 9.23
N ILE A 63 6.94 -0.59 8.24
CA ILE A 63 6.14 -1.82 8.39
C ILE A 63 6.78 -3.02 7.66
N SER A 64 8.00 -2.83 7.18
CA SER A 64 8.73 -3.88 6.45
C SER A 64 9.72 -4.62 7.36
N PRO A 65 9.82 -5.96 7.23
CA PRO A 65 10.73 -6.77 8.06
C PRO A 65 12.19 -6.28 8.02
N VAL A 66 12.81 -6.18 9.19
CA VAL A 66 14.21 -5.76 9.31
C VAL A 66 15.14 -6.95 9.61
N PRO A 67 16.36 -6.96 9.04
CA PRO A 67 17.32 -8.08 9.23
C PRO A 67 18.01 -8.05 10.61
N GLY A 68 17.27 -7.66 11.66
CA GLY A 68 17.84 -7.53 12.99
C GLY A 68 18.26 -6.10 13.33
N ALA A 69 17.83 -5.14 12.51
CA ALA A 69 18.12 -3.72 12.73
C ALA A 69 17.13 -3.09 13.72
N PRO A 70 17.62 -2.47 14.81
CA PRO A 70 16.76 -1.84 15.85
C PRO A 70 15.83 -0.74 15.28
N LYS A 71 14.54 -1.07 15.16
CA LYS A 71 13.53 -0.11 14.70
C LYS A 71 12.37 -0.02 15.70
N ALA A 72 11.39 0.84 15.39
CA ALA A 72 10.18 0.95 16.20
C ALA A 72 9.28 -0.29 16.02
N PRO A 73 8.68 -0.82 17.10
CA PRO A 73 7.81 -2.01 17.04
C PRO A 73 6.63 -1.84 16.05
N ALA A 74 6.80 -2.34 14.83
CA ALA A 74 5.76 -2.27 13.80
C ALA A 74 4.47 -2.99 14.24
N ALA A 75 3.54 -2.24 14.80
CA ALA A 75 2.26 -2.78 15.29
C ALA A 75 1.24 -1.65 15.54
N MET A 1 -41.61 -22.48 28.30
CA MET A 1 -40.85 -23.38 29.22
C MET A 1 -39.74 -24.14 28.46
N GLY A 2 -39.16 -25.15 29.11
CA GLY A 2 -38.09 -25.93 28.46
C GLY A 2 -36.73 -25.25 28.54
N HIS A 3 -36.65 -24.03 28.02
CA HIS A 3 -35.44 -23.20 28.11
C HIS A 3 -34.25 -23.83 27.36
N HIS A 4 -34.51 -24.40 26.18
CA HIS A 4 -33.45 -25.00 25.37
C HIS A 4 -32.53 -23.92 24.78
N HIS A 5 -31.53 -23.52 25.56
CA HIS A 5 -30.57 -22.50 25.12
C HIS A 5 -29.74 -23.00 23.92
N HIS A 6 -29.57 -22.13 22.93
CA HIS A 6 -28.82 -22.46 21.71
C HIS A 6 -27.75 -21.41 21.40
N HIS A 7 -26.53 -21.66 21.87
CA HIS A 7 -25.40 -20.76 21.66
C HIS A 7 -24.52 -21.27 20.51
N HIS A 8 -24.30 -20.43 19.49
CA HIS A 8 -23.50 -20.84 18.32
C HIS A 8 -22.67 -19.67 17.77
N SER A 9 -21.41 -19.96 17.42
CA SER A 9 -20.51 -18.98 16.81
C SER A 9 -19.64 -19.64 15.73
N HIS A 10 -19.51 -18.99 14.58
CA HIS A 10 -18.72 -19.54 13.47
C HIS A 10 -18.40 -18.47 12.41
N MET A 11 -17.14 -18.44 11.97
CA MET A 11 -16.72 -17.55 10.87
C MET A 11 -15.89 -18.34 9.82
N SER A 12 -15.48 -17.67 8.75
CA SER A 12 -14.66 -18.29 7.71
C SER A 12 -13.27 -17.63 7.64
N THR A 13 -12.25 -18.42 7.30
CA THR A 13 -10.88 -17.90 7.19
C THR A 13 -10.22 -18.32 5.86
N PRO A 14 -10.02 -17.38 4.92
CA PRO A 14 -9.31 -17.65 3.67
C PRO A 14 -7.78 -17.76 3.86
N LEU A 15 -7.04 -17.97 2.76
CA LEU A 15 -5.58 -18.06 2.83
C LEU A 15 -4.94 -16.69 3.08
N THR A 16 -4.48 -16.46 4.30
CA THR A 16 -3.83 -15.21 4.68
C THR A 16 -2.40 -15.14 4.16
N GLY A 17 -2.19 -14.30 3.15
CA GLY A 17 -0.86 -14.15 2.56
C GLY A 17 -0.73 -12.89 1.71
N LYS A 18 0.03 -12.99 0.62
CA LYS A 18 0.26 -11.88 -0.31
C LYS A 18 1.11 -10.76 0.32
N PRO A 19 2.02 -10.15 -0.49
CA PRO A 19 2.89 -9.07 -0.01
C PRO A 19 2.22 -7.68 -0.06
N GLY A 20 1.78 -7.19 1.10
CA GLY A 20 1.25 -5.83 1.21
C GLY A 20 2.35 -4.77 1.09
N ALA A 21 2.95 -4.66 -0.09
CA ALA A 21 4.07 -3.76 -0.32
C ALA A 21 3.79 -2.79 -1.49
N LEU A 22 4.85 -2.24 -2.08
CA LEU A 22 4.73 -1.30 -3.21
C LEU A 22 4.87 -2.02 -4.57
N PRO A 23 4.34 -1.41 -5.66
CA PRO A 23 4.61 -1.87 -7.04
C PRO A 23 6.11 -1.78 -7.38
N ALA A 24 6.52 -2.41 -8.48
CA ALA A 24 7.93 -2.45 -8.88
C ALA A 24 8.38 -1.11 -9.49
N ASN A 25 7.82 -0.76 -10.65
CA ASN A 25 8.23 0.43 -11.40
C ASN A 25 7.57 1.71 -10.84
N LEU A 26 7.96 2.08 -9.62
CA LEU A 26 7.37 3.23 -8.93
C LEU A 26 7.52 4.55 -9.71
N ASP A 27 8.74 4.88 -10.13
CA ASP A 27 9.00 6.13 -10.85
C ASP A 27 8.43 6.10 -12.28
N ASP A 28 8.12 4.91 -12.77
CA ASP A 28 7.47 4.76 -14.07
C ASP A 28 5.96 4.99 -13.96
N MET A 29 5.41 4.77 -12.76
CA MET A 29 4.01 5.08 -12.48
C MET A 29 3.79 6.61 -12.50
N LYS A 30 2.66 7.01 -13.07
CA LYS A 30 2.35 8.44 -13.22
C LYS A 30 2.15 9.13 -11.87
N VAL A 31 2.44 10.43 -11.82
CA VAL A 31 2.35 11.22 -10.57
C VAL A 31 1.01 11.01 -9.85
N ALA A 32 -0.10 11.00 -10.60
CA ALA A 32 -1.42 10.77 -10.03
C ALA A 32 -1.55 9.37 -9.40
N GLU A 33 -0.92 8.37 -10.03
CA GLU A 33 -0.94 6.99 -9.52
C GLU A 33 -0.24 6.90 -8.16
N LEU A 34 0.89 7.61 -8.03
CA LEU A 34 1.62 7.66 -6.77
C LEU A 34 0.76 8.29 -5.66
N LYS A 35 0.11 9.41 -5.99
CA LYS A 35 -0.79 10.09 -5.04
C LYS A 35 -2.00 9.21 -4.68
N GLN A 36 -2.45 8.39 -5.64
CA GLN A 36 -3.54 7.45 -5.40
C GLN A 36 -3.15 6.41 -4.33
N GLU A 37 -1.92 5.92 -4.40
CA GLU A 37 -1.39 5.02 -3.35
C GLU A 37 -1.22 5.76 -2.01
N LEU A 38 -0.63 6.95 -2.06
CA LEU A 38 -0.39 7.76 -0.85
C LEU A 38 -1.69 7.99 -0.04
N LYS A 39 -2.74 8.48 -0.70
CA LYS A 39 -4.01 8.78 -0.01
C LYS A 39 -4.59 7.53 0.68
N LEU A 40 -4.50 6.37 0.02
CA LEU A 40 -4.97 5.11 0.60
C LEU A 40 -4.21 4.80 1.90
N ARG A 41 -2.96 5.25 1.97
CA ARG A 41 -2.08 4.96 3.10
C ARG A 41 -2.02 6.13 4.10
N SER A 42 -2.96 7.08 3.97
CA SER A 42 -3.05 8.25 4.86
C SER A 42 -1.82 9.16 4.72
N LEU A 43 -1.10 9.03 3.62
CA LEU A 43 0.11 9.81 3.36
C LEU A 43 -0.21 11.11 2.59
N PRO A 44 0.56 12.20 2.85
CA PRO A 44 0.41 13.45 2.10
C PRO A 44 0.64 13.27 0.58
N VAL A 45 -0.25 13.84 -0.23
CA VAL A 45 -0.21 13.65 -1.70
C VAL A 45 0.32 14.89 -2.44
N SER A 46 0.42 16.02 -1.74
CA SER A 46 0.80 17.31 -2.37
C SER A 46 2.33 17.48 -2.45
N GLY A 47 3.05 16.40 -2.72
CA GLY A 47 4.51 16.46 -2.87
C GLY A 47 4.96 16.28 -4.32
N THR A 48 6.26 16.45 -4.58
CA THR A 48 6.82 16.25 -5.93
C THR A 48 7.06 14.76 -6.21
N LYS A 49 7.21 14.42 -7.50
CA LYS A 49 7.40 13.03 -7.96
C LYS A 49 8.29 12.20 -7.00
N THR A 50 9.53 12.64 -6.82
CA THR A 50 10.50 11.92 -5.98
C THR A 50 10.01 11.77 -4.53
N GLU A 51 9.41 12.83 -3.99
CA GLU A 51 8.88 12.80 -2.61
C GLU A 51 7.77 11.75 -2.45
N LEU A 52 6.89 11.67 -3.44
CA LEU A 52 5.78 10.70 -3.42
C LEU A 52 6.31 9.26 -3.29
N ILE A 53 7.32 8.95 -4.11
CA ILE A 53 7.94 7.62 -4.13
C ILE A 53 8.64 7.30 -2.79
N GLU A 54 9.59 8.15 -2.39
CA GLU A 54 10.35 7.93 -1.16
C GLU A 54 9.44 7.88 0.08
N ARG A 55 8.36 8.64 0.06
CA ARG A 55 7.36 8.62 1.13
C ARG A 55 6.67 7.24 1.22
N LEU A 56 6.29 6.70 0.07
CA LEU A 56 5.72 5.33 0.00
C LEU A 56 6.71 4.30 0.57
N ARG A 57 7.97 4.41 0.17
CA ARG A 57 9.02 3.48 0.61
C ARG A 57 9.28 3.60 2.11
N ALA A 58 9.32 4.83 2.62
CA ALA A 58 9.53 5.08 4.06
C ALA A 58 8.40 4.45 4.89
N TYR A 59 7.18 4.57 4.40
CA TYR A 59 6.00 3.96 5.04
C TYR A 59 6.15 2.44 5.15
N GLN A 60 6.50 1.80 4.03
CA GLN A 60 6.69 0.34 4.01
C GLN A 60 7.91 -0.10 4.85
N ASP A 61 8.90 0.78 4.93
CA ASP A 61 10.10 0.51 5.75
C ASP A 61 9.76 0.38 7.24
N GLN A 62 8.87 1.25 7.71
CA GLN A 62 8.43 1.24 9.11
C GLN A 62 7.72 -0.08 9.48
N ILE A 63 6.76 -0.49 8.66
CA ILE A 63 6.02 -1.73 8.89
C ILE A 63 6.82 -2.97 8.44
N SER A 64 7.82 -2.75 7.56
CA SER A 64 8.69 -3.82 7.03
C SER A 64 7.91 -4.78 6.11
N PRO A 65 8.56 -5.35 5.07
CA PRO A 65 7.92 -6.32 4.17
C PRO A 65 7.19 -7.44 4.93
N VAL A 66 5.86 -7.40 4.90
CA VAL A 66 5.03 -8.36 5.64
C VAL A 66 5.25 -9.82 5.19
N PRO A 67 5.41 -10.75 6.13
CA PRO A 67 5.59 -12.19 5.81
C PRO A 67 4.27 -12.86 5.41
N GLY A 68 3.61 -12.31 4.39
CA GLY A 68 2.32 -12.82 3.96
C GLY A 68 1.17 -12.39 4.86
N ALA A 69 0.77 -11.13 4.75
CA ALA A 69 -0.30 -10.58 5.59
C ALA A 69 -0.82 -9.24 5.03
N PRO A 70 -2.14 -9.11 4.85
CA PRO A 70 -2.75 -7.85 4.36
C PRO A 70 -2.83 -6.77 5.46
N LYS A 71 -2.66 -5.51 5.06
CA LYS A 71 -2.73 -4.38 6.00
C LYS A 71 -4.19 -4.09 6.40
N ALA A 72 -5.08 -4.18 5.42
CA ALA A 72 -6.51 -4.00 5.66
C ALA A 72 -7.26 -5.34 5.52
N PRO A 73 -8.44 -5.49 6.16
CA PRO A 73 -9.24 -6.74 6.09
C PRO A 73 -9.97 -6.92 4.75
N ALA A 74 -9.30 -6.58 3.64
CA ALA A 74 -9.88 -6.67 2.29
C ALA A 74 -8.79 -6.89 1.23
N ALA A 75 -9.21 -7.00 -0.03
CA ALA A 75 -8.28 -7.23 -1.15
C ALA A 75 -7.81 -5.91 -1.79
N MET A 1 -55.08 3.93 -23.45
CA MET A 1 -54.22 4.28 -22.28
C MET A 1 -53.06 5.20 -22.70
N GLY A 2 -52.62 6.06 -21.77
CA GLY A 2 -51.54 7.01 -22.07
C GLY A 2 -50.16 6.38 -22.01
N HIS A 3 -49.29 6.74 -22.96
CA HIS A 3 -47.92 6.18 -23.03
C HIS A 3 -46.87 7.24 -22.66
N HIS A 4 -46.21 7.04 -21.51
CA HIS A 4 -45.18 7.98 -21.03
C HIS A 4 -43.90 7.24 -20.61
N HIS A 5 -42.84 8.00 -20.38
CA HIS A 5 -41.54 7.43 -19.98
C HIS A 5 -41.12 7.90 -18.57
N HIS A 6 -40.34 7.08 -17.88
CA HIS A 6 -39.93 7.38 -16.50
C HIS A 6 -38.48 6.98 -16.24
N HIS A 7 -37.73 7.87 -15.59
CA HIS A 7 -36.31 7.68 -15.31
C HIS A 7 -36.04 6.46 -14.39
N HIS A 8 -34.99 5.71 -14.71
CA HIS A 8 -34.50 4.61 -13.86
C HIS A 8 -33.11 4.93 -13.29
N SER A 9 -33.02 5.10 -11.98
CA SER A 9 -31.74 5.44 -11.33
C SER A 9 -30.79 4.23 -11.28
N HIS A 10 -29.49 4.52 -11.22
CA HIS A 10 -28.46 3.47 -11.22
C HIS A 10 -27.12 4.00 -10.67
N MET A 11 -26.55 3.27 -9.72
CA MET A 11 -25.26 3.66 -9.09
C MET A 11 -24.25 2.50 -9.10
N SER A 12 -23.04 2.78 -8.62
CA SER A 12 -21.97 1.76 -8.52
C SER A 12 -20.98 2.09 -7.40
N THR A 13 -20.73 1.13 -6.52
CA THR A 13 -19.79 1.30 -5.39
C THR A 13 -18.53 0.46 -5.59
N PRO A 14 -17.36 0.94 -5.12
CA PRO A 14 -16.09 0.20 -5.23
C PRO A 14 -15.99 -0.97 -4.24
N LEU A 15 -14.93 -1.76 -4.35
CA LEU A 15 -14.74 -2.93 -3.46
C LEU A 15 -14.01 -2.53 -2.17
N THR A 16 -14.17 -3.35 -1.13
CA THR A 16 -13.57 -3.08 0.19
C THR A 16 -12.10 -3.56 0.25
N GLY A 17 -11.17 -2.63 0.46
CA GLY A 17 -9.77 -3.00 0.60
C GLY A 17 -8.80 -2.00 -0.03
N LYS A 18 -7.50 -2.21 0.20
CA LYS A 18 -6.44 -1.36 -0.35
C LYS A 18 -5.05 -2.03 -0.21
N PRO A 19 -4.11 -1.73 -1.12
CA PRO A 19 -2.76 -2.35 -1.12
C PRO A 19 -1.92 -2.03 0.13
N GLY A 20 -1.29 -3.06 0.71
CA GLY A 20 -0.37 -2.87 1.82
C GLY A 20 1.08 -2.78 1.36
N ALA A 21 1.48 -3.69 0.47
CA ALA A 21 2.84 -3.69 -0.08
C ALA A 21 3.00 -2.66 -1.21
N LEU A 22 4.19 -2.60 -1.79
CA LEU A 22 4.48 -1.67 -2.90
C LEU A 22 5.17 -2.38 -4.08
N PRO A 23 4.93 -1.89 -5.32
CA PRO A 23 5.66 -2.37 -6.50
C PRO A 23 7.02 -1.66 -6.69
N ALA A 24 7.82 -2.13 -7.62
CA ALA A 24 9.11 -1.49 -7.94
C ALA A 24 8.95 -0.48 -9.09
N ASN A 25 7.75 -0.39 -9.65
CA ASN A 25 7.48 0.49 -10.80
C ASN A 25 7.08 1.91 -10.37
N LEU A 26 7.42 2.29 -9.14
CA LEU A 26 7.01 3.58 -8.55
C LEU A 26 7.39 4.79 -9.43
N ASP A 27 8.66 4.88 -9.83
CA ASP A 27 9.12 6.00 -10.67
C ASP A 27 8.68 5.84 -12.13
N ASP A 28 8.30 4.63 -12.51
CA ASP A 28 7.86 4.34 -13.88
C ASP A 28 6.39 4.76 -14.11
N MET A 29 5.59 4.72 -13.04
CA MET A 29 4.18 5.09 -13.12
C MET A 29 3.97 6.62 -13.07
N LYS A 30 2.72 7.04 -13.29
CA LYS A 30 2.36 8.47 -13.29
C LYS A 30 2.24 9.01 -11.86
N VAL A 31 2.41 10.32 -11.71
CA VAL A 31 2.30 10.98 -10.40
C VAL A 31 0.92 10.74 -9.76
N ALA A 32 -0.12 10.68 -10.59
CA ALA A 32 -1.47 10.37 -10.12
C ALA A 32 -1.54 8.99 -9.44
N GLU A 33 -0.79 8.03 -9.97
CA GLU A 33 -0.74 6.68 -9.39
C GLU A 33 -0.11 6.71 -7.99
N LEU A 34 1.00 7.44 -7.87
CA LEU A 34 1.69 7.62 -6.58
C LEU A 34 0.74 8.26 -5.55
N LYS A 35 0.12 9.38 -5.95
CA LYS A 35 -0.85 10.06 -5.08
C LYS A 35 -2.05 9.15 -4.75
N GLN A 36 -2.39 8.26 -5.68
CA GLN A 36 -3.48 7.28 -5.48
C GLN A 36 -3.12 6.31 -4.34
N GLU A 37 -1.89 5.80 -4.35
CA GLU A 37 -1.41 4.92 -3.27
C GLU A 37 -1.31 5.67 -1.93
N LEU A 38 -0.82 6.90 -1.99
CA LEU A 38 -0.70 7.75 -0.79
C LEU A 38 -2.05 7.95 -0.09
N LYS A 39 -3.05 8.42 -0.83
CA LYS A 39 -4.36 8.74 -0.26
C LYS A 39 -5.02 7.51 0.40
N LEU A 40 -4.75 6.32 -0.14
CA LEU A 40 -5.26 5.08 0.45
C LEU A 40 -4.60 4.79 1.81
N ARG A 41 -3.38 5.27 1.98
CA ARG A 41 -2.59 4.98 3.20
C ARG A 41 -2.57 6.20 4.14
N SER A 42 -3.49 7.15 3.93
CA SER A 42 -3.59 8.38 4.74
C SER A 42 -2.31 9.24 4.65
N LEU A 43 -1.59 9.09 3.54
CA LEU A 43 -0.34 9.82 3.30
C LEU A 43 -0.58 11.10 2.46
N PRO A 44 0.05 12.23 2.85
CA PRO A 44 -0.10 13.50 2.12
C PRO A 44 0.61 13.52 0.76
N VAL A 45 0.00 14.19 -0.22
CA VAL A 45 0.55 14.29 -1.59
C VAL A 45 1.25 15.66 -1.81
N SER A 46 1.88 16.16 -0.75
CA SER A 46 2.40 17.54 -0.71
C SER A 46 3.68 17.74 -1.55
N GLY A 47 4.47 16.70 -1.74
CA GLY A 47 5.75 16.84 -2.43
C GLY A 47 5.70 16.54 -3.93
N THR A 48 6.89 16.51 -4.55
CA THR A 48 7.02 16.19 -5.99
C THR A 48 7.05 14.67 -6.22
N LYS A 49 7.16 14.27 -7.49
CA LYS A 49 7.18 12.84 -7.86
C LYS A 49 8.13 12.01 -6.97
N THR A 50 9.42 12.36 -6.97
CA THR A 50 10.41 11.64 -6.16
C THR A 50 10.07 11.64 -4.67
N GLU A 51 9.58 12.78 -4.17
CA GLU A 51 9.15 12.90 -2.77
C GLU A 51 8.07 11.85 -2.45
N LEU A 52 7.00 11.84 -3.24
CA LEU A 52 5.90 10.89 -3.05
C LEU A 52 6.42 9.45 -3.05
N ILE A 53 7.36 9.16 -3.96
CA ILE A 53 7.99 7.84 -4.03
C ILE A 53 8.77 7.53 -2.73
N GLU A 54 9.57 8.48 -2.27
CA GLU A 54 10.32 8.33 -1.02
C GLU A 54 9.38 8.17 0.19
N ARG A 55 8.25 8.87 0.14
CA ARG A 55 7.26 8.77 1.21
C ARG A 55 6.65 7.36 1.28
N LEU A 56 6.31 6.82 0.11
CA LEU A 56 5.82 5.43 0.01
C LEU A 56 6.87 4.44 0.55
N ARG A 57 8.11 4.61 0.09
CA ARG A 57 9.22 3.73 0.52
C ARG A 57 9.52 3.87 2.02
N ALA A 58 9.50 5.10 2.53
CA ALA A 58 9.72 5.36 3.97
C ALA A 58 8.59 4.80 4.82
N TYR A 59 7.37 4.78 4.26
CA TYR A 59 6.21 4.20 4.92
C TYR A 59 6.27 2.66 4.91
N GLN A 60 6.63 2.10 3.75
CA GLN A 60 6.76 0.64 3.60
C GLN A 60 7.92 0.11 4.45
N ASP A 61 8.99 0.90 4.54
CA ASP A 61 10.15 0.57 5.39
C ASP A 61 9.71 0.19 6.82
N GLN A 62 8.62 0.79 7.28
CA GLN A 62 8.11 0.59 8.64
C GLN A 62 7.20 -0.66 8.74
N ILE A 63 6.72 -1.16 7.60
CA ILE A 63 5.76 -2.29 7.59
C ILE A 63 6.19 -3.43 6.65
N SER A 64 7.39 -3.34 6.07
CA SER A 64 7.88 -4.36 5.12
C SER A 64 8.74 -5.42 5.84
N PRO A 65 8.62 -6.71 5.45
CA PRO A 65 9.46 -7.79 6.01
C PRO A 65 10.94 -7.67 5.62
N VAL A 66 11.63 -6.72 6.23
CA VAL A 66 13.06 -6.47 5.94
C VAL A 66 13.91 -6.59 7.21
N PRO A 67 15.22 -6.91 7.07
CA PRO A 67 16.15 -7.00 8.22
C PRO A 67 16.26 -5.68 9.00
N GLY A 68 16.35 -4.55 8.29
CA GLY A 68 16.38 -3.25 8.95
C GLY A 68 16.94 -2.13 8.08
N ALA A 69 16.75 -2.23 6.76
CA ALA A 69 17.21 -1.20 5.81
C ALA A 69 18.74 -1.07 5.77
N PRO A 70 19.31 -0.55 4.65
CA PRO A 70 20.77 -0.33 4.54
C PRO A 70 21.27 0.71 5.55
N LYS A 71 21.93 0.25 6.61
CA LYS A 71 22.42 1.15 7.66
C LYS A 71 23.95 1.22 7.65
N ALA A 72 24.48 2.40 7.32
CA ALA A 72 25.93 2.62 7.34
C ALA A 72 26.26 4.03 7.88
N PRO A 73 26.23 4.21 9.21
CA PRO A 73 26.50 5.51 9.85
C PRO A 73 27.98 5.73 10.19
N ALA A 74 28.85 4.84 9.71
CA ALA A 74 30.30 4.88 10.01
C ALA A 74 30.58 4.56 11.50
N ALA A 75 30.11 5.44 12.39
CA ALA A 75 30.23 5.24 13.85
C ALA A 75 31.70 5.26 14.34
N MET A 1 -28.28 44.78 -8.18
CA MET A 1 -27.42 44.24 -7.09
C MET A 1 -27.51 42.72 -7.02
N GLY A 2 -26.73 42.08 -6.14
CA GLY A 2 -26.83 40.63 -5.96
C GLY A 2 -25.50 39.97 -5.63
N HIS A 3 -25.57 38.82 -4.94
CA HIS A 3 -24.38 38.04 -4.60
C HIS A 3 -24.61 36.55 -4.87
N HIS A 4 -23.86 36.01 -5.83
CA HIS A 4 -24.08 34.64 -6.34
C HIS A 4 -23.37 33.56 -5.49
N HIS A 5 -24.13 32.55 -5.07
CA HIS A 5 -23.57 31.37 -4.40
C HIS A 5 -23.32 30.24 -5.43
N HIS A 6 -22.17 29.58 -5.34
CA HIS A 6 -21.82 28.52 -6.29
C HIS A 6 -21.56 27.19 -5.57
N HIS A 7 -21.17 26.17 -6.33
CA HIS A 7 -20.86 24.85 -5.75
C HIS A 7 -19.42 24.42 -6.07
N HIS A 8 -18.96 23.36 -5.41
CA HIS A 8 -17.67 22.74 -5.71
C HIS A 8 -17.73 21.22 -5.52
N SER A 9 -17.94 20.49 -6.61
CA SER A 9 -18.14 19.04 -6.56
C SER A 9 -16.81 18.27 -6.43
N HIS A 10 -16.92 16.96 -6.21
CA HIS A 10 -15.75 16.08 -6.13
C HIS A 10 -16.12 14.64 -6.54
N MET A 11 -15.16 13.89 -7.06
CA MET A 11 -15.39 12.49 -7.47
C MET A 11 -14.47 11.52 -6.71
N SER A 12 -15.04 10.44 -6.21
CA SER A 12 -14.26 9.40 -5.51
C SER A 12 -13.41 8.58 -6.50
N THR A 13 -12.09 8.62 -6.34
CA THR A 13 -11.18 7.88 -7.24
C THR A 13 -11.04 6.41 -6.82
N PRO A 14 -11.16 5.47 -7.79
CA PRO A 14 -11.13 4.01 -7.51
C PRO A 14 -9.74 3.49 -7.11
N LEU A 15 -9.72 2.38 -6.37
CA LEU A 15 -8.47 1.78 -5.88
C LEU A 15 -8.27 0.34 -6.40
N THR A 16 -7.18 -0.29 -5.98
CA THR A 16 -6.88 -1.67 -6.37
C THR A 16 -6.04 -2.39 -5.29
N GLY A 17 -5.81 -3.69 -5.48
CA GLY A 17 -5.08 -4.48 -4.48
C GLY A 17 -3.63 -4.07 -4.29
N LYS A 18 -3.19 -4.02 -3.03
CA LYS A 18 -1.82 -3.61 -2.69
C LYS A 18 -1.14 -4.68 -1.80
N PRO A 19 0.08 -5.13 -2.17
CA PRO A 19 0.83 -6.14 -1.40
C PRO A 19 1.52 -5.55 -0.14
N GLY A 20 2.30 -6.38 0.54
CA GLY A 20 3.03 -5.93 1.74
C GLY A 20 4.37 -5.27 1.40
N ALA A 21 4.70 -5.23 0.12
CA ALA A 21 5.93 -4.57 -0.36
C ALA A 21 5.60 -3.51 -1.41
N LEU A 22 6.62 -2.88 -1.96
CA LEU A 22 6.44 -1.84 -3.00
C LEU A 22 7.00 -2.31 -4.35
N PRO A 23 6.24 -2.12 -5.44
CA PRO A 23 6.70 -2.47 -6.79
C PRO A 23 7.72 -1.45 -7.34
N ALA A 24 8.79 -1.95 -7.96
CA ALA A 24 9.82 -1.07 -8.55
C ALA A 24 9.22 -0.16 -9.64
N ASN A 25 8.03 -0.52 -10.11
CA ASN A 25 7.34 0.25 -11.16
C ASN A 25 6.78 1.60 -10.67
N LEU A 26 6.94 1.90 -9.38
CA LEU A 26 6.55 3.23 -8.85
C LEU A 26 7.25 4.35 -9.65
N ASP A 27 8.45 4.05 -10.13
CA ASP A 27 9.18 4.94 -11.03
C ASP A 27 8.40 5.15 -12.34
N ASP A 28 7.95 4.05 -12.94
CA ASP A 28 7.21 4.08 -14.20
C ASP A 28 5.82 4.74 -14.02
N MET A 29 5.21 4.52 -12.86
CA MET A 29 3.88 5.06 -12.56
C MET A 29 3.86 6.60 -12.58
N LYS A 30 2.74 7.17 -13.00
CA LYS A 30 2.58 8.62 -13.15
C LYS A 30 2.44 9.32 -11.78
N VAL A 31 2.50 10.64 -11.79
CA VAL A 31 2.43 11.44 -10.57
C VAL A 31 1.09 11.22 -9.83
N ALA A 32 -0.01 11.26 -10.57
CA ALA A 32 -1.35 11.08 -9.98
C ALA A 32 -1.53 9.67 -9.38
N GLU A 33 -0.95 8.67 -10.03
CA GLU A 33 -1.06 7.27 -9.58
C GLU A 33 -0.38 7.09 -8.21
N LEU A 34 0.82 7.64 -8.07
CA LEU A 34 1.56 7.59 -6.81
C LEU A 34 0.76 8.26 -5.68
N LYS A 35 0.19 9.42 -5.98
CA LYS A 35 -0.67 10.14 -5.02
C LYS A 35 -1.87 9.27 -4.60
N GLN A 36 -2.40 8.49 -5.56
CA GLN A 36 -3.53 7.61 -5.28
C GLN A 36 -3.19 6.59 -4.19
N GLU A 37 -2.01 6.00 -4.25
CA GLU A 37 -1.55 5.07 -3.20
C GLU A 37 -1.32 5.81 -1.88
N LEU A 38 -0.69 6.99 -1.94
CA LEU A 38 -0.46 7.81 -0.74
C LEU A 38 -1.75 8.05 0.05
N LYS A 39 -2.75 8.65 -0.60
CA LYS A 39 -4.03 8.97 0.05
C LYS A 39 -4.69 7.72 0.68
N LEU A 40 -4.56 6.58 0.01
CA LEU A 40 -5.11 5.32 0.53
C LEU A 40 -4.35 4.84 1.79
N ARG A 41 -3.07 5.19 1.86
CA ARG A 41 -2.21 4.81 2.99
C ARG A 41 -2.13 5.94 4.04
N SER A 42 -3.06 6.91 3.95
CA SER A 42 -3.13 8.04 4.90
C SER A 42 -1.89 8.96 4.81
N LEU A 43 -1.29 9.00 3.63
CA LEU A 43 -0.10 9.83 3.38
C LEU A 43 -0.46 11.11 2.60
N PRO A 44 0.22 12.25 2.89
CA PRO A 44 -0.04 13.53 2.19
C PRO A 44 0.44 13.51 0.72
N VAL A 45 -0.48 13.80 -0.20
CA VAL A 45 -0.21 13.71 -1.65
C VAL A 45 0.50 14.95 -2.20
N SER A 46 0.51 16.05 -1.43
CA SER A 46 1.11 17.31 -1.88
C SER A 46 2.66 17.22 -1.92
N GLY A 47 3.19 16.62 -2.97
CA GLY A 47 4.64 16.53 -3.14
C GLY A 47 5.06 16.29 -4.59
N THR A 48 6.37 16.34 -4.84
CA THR A 48 6.92 16.07 -6.18
C THR A 48 6.95 14.56 -6.46
N LYS A 49 6.99 14.17 -7.74
CA LYS A 49 6.96 12.75 -8.11
C LYS A 49 7.97 11.92 -7.31
N THR A 50 9.18 12.47 -7.10
CA THR A 50 10.19 11.85 -6.25
C THR A 50 9.68 11.68 -4.82
N GLU A 51 9.23 12.79 -4.21
CA GLU A 51 8.73 12.80 -2.83
C GLU A 51 7.60 11.78 -2.64
N LEU A 52 6.77 11.59 -3.67
CA LEU A 52 5.68 10.61 -3.62
C LEU A 52 6.23 9.19 -3.45
N ILE A 53 7.22 8.82 -4.28
CA ILE A 53 7.86 7.51 -4.20
C ILE A 53 8.55 7.33 -2.84
N GLU A 54 9.37 8.30 -2.45
CA GLU A 54 10.06 8.27 -1.16
C GLU A 54 9.07 8.12 0.02
N ARG A 55 7.94 8.82 -0.08
CA ARG A 55 6.91 8.79 0.96
C ARG A 55 6.25 7.41 1.05
N LEU A 56 6.03 6.78 -0.10
CA LEU A 56 5.55 5.40 -0.13
C LEU A 56 6.56 4.46 0.55
N ARG A 57 7.85 4.70 0.29
CA ARG A 57 8.91 3.91 0.92
C ARG A 57 8.88 4.04 2.44
N ALA A 58 8.90 5.28 2.92
CA ALA A 58 8.91 5.56 4.37
C ALA A 58 7.80 4.80 5.12
N TYR A 59 6.58 4.87 4.60
CA TYR A 59 5.43 4.15 5.18
C TYR A 59 5.69 2.63 5.25
N GLN A 60 5.98 2.04 4.10
CA GLN A 60 6.19 0.58 4.00
C GLN A 60 7.45 0.13 4.77
N ASP A 61 8.45 1.01 4.81
CA ASP A 61 9.74 0.72 5.45
C ASP A 61 9.60 0.51 6.97
N GLN A 62 8.61 1.17 7.58
CA GLN A 62 8.37 1.05 9.03
C GLN A 62 8.11 -0.41 9.44
N ILE A 63 7.36 -1.14 8.60
CA ILE A 63 7.01 -2.54 8.88
C ILE A 63 7.87 -3.53 8.08
N SER A 64 8.52 -3.05 7.02
CA SER A 64 9.34 -3.90 6.14
C SER A 64 10.64 -4.33 6.83
N PRO A 65 11.08 -5.59 6.63
CA PRO A 65 12.37 -6.08 7.13
C PRO A 65 13.55 -5.21 6.63
N VAL A 66 14.00 -4.28 7.46
CA VAL A 66 15.10 -3.37 7.08
C VAL A 66 16.47 -4.04 7.29
N PRO A 67 17.48 -3.68 6.46
CA PRO A 67 18.84 -4.27 6.55
C PRO A 67 19.64 -3.75 7.77
N GLY A 68 19.17 -4.06 8.97
CA GLY A 68 19.84 -3.59 10.18
C GLY A 68 19.62 -2.10 10.45
N ALA A 69 18.35 -1.69 10.52
CA ALA A 69 17.96 -0.29 10.69
C ALA A 69 18.28 0.57 9.45
N PRO A 70 17.36 1.46 9.03
CA PRO A 70 17.59 2.37 7.90
C PRO A 70 18.75 3.35 8.15
N LYS A 71 19.68 3.41 7.20
CA LYS A 71 20.87 4.27 7.35
C LYS A 71 20.50 5.76 7.40
N ALA A 72 19.54 6.17 6.57
CA ALA A 72 19.09 7.58 6.53
C ALA A 72 18.04 7.87 7.62
N PRO A 73 18.32 8.84 8.53
CA PRO A 73 17.37 9.20 9.60
C PRO A 73 16.07 9.81 9.06
N ALA A 74 14.95 9.11 9.25
CA ALA A 74 13.64 9.55 8.76
C ALA A 74 13.25 10.93 9.31
N ALA A 75 13.09 11.90 8.40
CA ALA A 75 12.69 13.26 8.76
C ALA A 75 11.20 13.52 8.46
N MET A 1 -26.45 -17.91 46.58
CA MET A 1 -25.81 -18.99 45.78
C MET A 1 -26.35 -19.00 44.35
N GLY A 2 -25.52 -19.42 43.39
CA GLY A 2 -25.95 -19.50 42.00
C GLY A 2 -24.84 -19.22 41.00
N HIS A 3 -25.00 -19.71 39.77
CA HIS A 3 -24.01 -19.49 38.72
C HIS A 3 -24.61 -19.78 37.33
N HIS A 4 -24.67 -18.76 36.47
CA HIS A 4 -25.16 -18.95 35.10
C HIS A 4 -24.21 -19.87 34.32
N HIS A 5 -24.76 -20.92 33.71
CA HIS A 5 -23.95 -21.90 32.97
C HIS A 5 -23.22 -21.26 31.78
N HIS A 6 -21.89 -21.20 31.85
CA HIS A 6 -21.08 -20.62 30.76
C HIS A 6 -20.32 -21.72 29.99
N HIS A 7 -19.68 -21.33 28.88
CA HIS A 7 -18.95 -22.27 28.02
C HIS A 7 -17.75 -21.59 27.33
N HIS A 8 -16.97 -22.39 26.61
CA HIS A 8 -15.84 -21.87 25.83
C HIS A 8 -16.26 -21.59 24.37
N SER A 9 -15.91 -20.40 23.86
CA SER A 9 -16.23 -20.03 22.48
C SER A 9 -14.99 -20.14 21.58
N HIS A 10 -15.16 -20.69 20.38
CA HIS A 10 -14.05 -20.88 19.45
C HIS A 10 -14.07 -19.82 18.32
N MET A 11 -12.92 -19.20 18.06
CA MET A 11 -12.82 -18.18 17.00
C MET A 11 -11.71 -18.51 15.99
N SER A 12 -11.53 -17.66 14.99
CA SER A 12 -10.52 -17.87 13.94
C SER A 12 -9.68 -16.62 13.69
N THR A 13 -8.43 -16.81 13.28
CA THR A 13 -7.50 -15.69 13.03
C THR A 13 -7.64 -15.11 11.62
N PRO A 14 -7.84 -13.79 11.49
CA PRO A 14 -7.96 -13.12 10.18
C PRO A 14 -6.68 -13.22 9.33
N LEU A 15 -6.72 -14.07 8.31
CA LEU A 15 -5.56 -14.26 7.42
C LEU A 15 -5.43 -13.13 6.38
N THR A 16 -4.22 -12.91 5.86
CA THR A 16 -3.96 -11.83 4.90
C THR A 16 -4.02 -12.32 3.45
N GLY A 17 -3.35 -13.42 3.17
CA GLY A 17 -3.33 -13.99 1.81
C GLY A 17 -2.22 -13.42 0.93
N LYS A 18 -2.22 -12.11 0.75
CA LYS A 18 -1.22 -11.44 -0.09
C LYS A 18 -0.32 -10.50 0.73
N PRO A 19 1.00 -10.51 0.47
CA PRO A 19 1.98 -9.67 1.20
C PRO A 19 1.74 -8.15 1.01
N GLY A 20 1.79 -7.40 2.11
CA GLY A 20 1.62 -5.94 2.05
C GLY A 20 2.90 -5.19 1.71
N ALA A 21 3.15 -5.01 0.41
CA ALA A 21 4.37 -4.32 -0.06
C ALA A 21 4.02 -3.16 -1.01
N LEU A 22 5.04 -2.59 -1.65
CA LEU A 22 4.86 -1.53 -2.65
C LEU A 22 5.07 -2.06 -4.08
N PRO A 23 4.47 -1.39 -5.10
CA PRO A 23 4.75 -1.70 -6.52
C PRO A 23 6.25 -1.48 -6.88
N ALA A 24 6.80 -2.37 -7.69
CA ALA A 24 8.21 -2.28 -8.10
C ALA A 24 8.51 -0.97 -8.85
N ASN A 25 7.77 -0.72 -9.93
CA ASN A 25 8.00 0.45 -10.78
C ASN A 25 7.15 1.64 -10.34
N LEU A 26 7.65 2.41 -9.36
CA LEU A 26 6.95 3.61 -8.90
C LEU A 26 7.30 4.82 -9.79
N ASP A 27 8.53 4.85 -10.31
CA ASP A 27 9.00 5.93 -11.17
C ASP A 27 8.23 5.97 -12.50
N ASP A 28 7.99 4.78 -13.07
CA ASP A 28 7.26 4.65 -14.34
C ASP A 28 5.83 5.23 -14.25
N MET A 29 5.13 4.92 -13.16
CA MET A 29 3.76 5.41 -12.97
C MET A 29 3.74 6.94 -12.78
N LYS A 30 2.59 7.56 -13.05
CA LYS A 30 2.47 9.03 -13.03
C LYS A 30 2.34 9.57 -11.60
N VAL A 31 2.61 10.86 -11.43
CA VAL A 31 2.45 11.52 -10.12
C VAL A 31 1.04 11.32 -9.56
N ALA A 32 0.05 11.41 -10.44
CA ALA A 32 -1.35 11.17 -10.07
C ALA A 32 -1.56 9.76 -9.51
N GLU A 33 -0.88 8.78 -10.11
CA GLU A 33 -0.95 7.39 -9.67
C GLU A 33 -0.37 7.25 -8.25
N LEU A 34 0.79 7.86 -8.03
CA LEU A 34 1.46 7.85 -6.72
C LEU A 34 0.57 8.46 -5.64
N LYS A 35 -0.12 9.56 -5.97
CA LYS A 35 -1.04 10.20 -5.03
C LYS A 35 -2.19 9.25 -4.64
N GLN A 36 -2.65 8.46 -5.61
CA GLN A 36 -3.66 7.42 -5.34
C GLN A 36 -3.11 6.36 -4.38
N GLU A 37 -1.87 5.96 -4.58
CA GLU A 37 -1.19 5.02 -3.68
C GLU A 37 -0.97 5.64 -2.28
N LEU A 38 -0.62 6.91 -2.23
CA LEU A 38 -0.39 7.62 -0.97
C LEU A 38 -1.63 7.58 -0.06
N LYS A 39 -2.78 7.98 -0.60
CA LYS A 39 -4.03 8.04 0.19
C LYS A 39 -4.39 6.65 0.77
N LEU A 40 -4.07 5.58 0.03
CA LEU A 40 -4.30 4.22 0.53
C LEU A 40 -3.34 3.87 1.67
N ARG A 41 -2.22 4.59 1.74
CA ARG A 41 -1.22 4.41 2.80
C ARG A 41 -1.34 5.51 3.87
N SER A 42 -2.45 6.25 3.86
CA SER A 42 -2.70 7.35 4.81
C SER A 42 -1.67 8.50 4.66
N LEU A 43 -0.99 8.54 3.51
CA LEU A 43 0.02 9.54 3.24
C LEU A 43 -0.56 10.76 2.50
N PRO A 44 -0.03 11.97 2.75
CA PRO A 44 -0.49 13.20 2.07
C PRO A 44 -0.03 13.28 0.61
N VAL A 45 -0.87 13.86 -0.25
CA VAL A 45 -0.60 13.92 -1.69
C VAL A 45 0.21 15.18 -2.10
N SER A 46 0.88 15.81 -1.12
CA SER A 46 1.65 17.04 -1.38
C SER A 46 3.14 16.75 -1.53
N GLY A 47 3.64 16.78 -2.76
CA GLY A 47 5.07 16.54 -3.01
C GLY A 47 5.40 16.39 -4.49
N THR A 48 6.68 16.08 -4.78
CA THR A 48 7.14 15.91 -6.16
C THR A 48 7.16 14.43 -6.57
N LYS A 49 7.35 14.17 -7.86
CA LYS A 49 7.38 12.79 -8.39
C LYS A 49 8.32 11.89 -7.59
N THR A 50 9.59 12.30 -7.46
CA THR A 50 10.57 11.54 -6.68
C THR A 50 10.20 11.48 -5.19
N GLU A 51 9.76 12.62 -4.64
CA GLU A 51 9.40 12.74 -3.23
C GLU A 51 8.35 11.70 -2.80
N LEU A 52 7.22 11.68 -3.52
CA LEU A 52 6.11 10.78 -3.19
C LEU A 52 6.56 9.31 -3.14
N ILE A 53 7.44 8.92 -4.06
CA ILE A 53 8.02 7.58 -4.06
C ILE A 53 8.82 7.34 -2.77
N GLU A 54 9.63 8.33 -2.39
CA GLU A 54 10.45 8.26 -1.18
C GLU A 54 9.57 8.19 0.08
N ARG A 55 8.44 8.91 0.05
CA ARG A 55 7.49 8.91 1.16
C ARG A 55 6.81 7.54 1.29
N LEU A 56 6.47 6.92 0.16
CA LEU A 56 5.94 5.55 0.14
C LEU A 56 6.93 4.56 0.76
N ARG A 57 8.17 4.56 0.27
CA ARG A 57 9.20 3.66 0.79
C ARG A 57 9.42 3.85 2.30
N ALA A 58 9.51 5.12 2.72
CA ALA A 58 9.72 5.45 4.14
C ALA A 58 8.58 4.93 5.03
N TYR A 59 7.35 4.93 4.50
CA TYR A 59 6.18 4.44 5.24
C TYR A 59 6.17 2.90 5.32
N GLN A 60 6.25 2.25 4.16
CA GLN A 60 6.19 0.79 4.08
C GLN A 60 7.35 0.14 4.88
N ASP A 61 8.49 0.83 4.91
CA ASP A 61 9.65 0.41 5.70
C ASP A 61 9.31 0.28 7.20
N GLN A 62 8.34 1.08 7.67
CA GLN A 62 7.94 1.08 9.09
C GLN A 62 7.00 -0.08 9.43
N ILE A 63 6.13 -0.45 8.50
CA ILE A 63 5.17 -1.54 8.72
C ILE A 63 5.77 -2.92 8.38
N SER A 64 6.82 -2.92 7.55
CA SER A 64 7.49 -4.16 7.14
C SER A 64 8.70 -4.46 8.05
N PRO A 65 8.84 -5.73 8.51
CA PRO A 65 9.97 -6.14 9.35
C PRO A 65 11.34 -5.90 8.66
N VAL A 66 12.05 -4.86 9.11
CA VAL A 66 13.37 -4.53 8.56
C VAL A 66 14.41 -5.60 8.94
N PRO A 67 15.56 -5.67 8.22
CA PRO A 67 16.59 -6.69 8.47
C PRO A 67 17.07 -6.74 9.94
N GLY A 68 16.93 -5.63 10.66
CA GLY A 68 17.33 -5.59 12.07
C GLY A 68 16.23 -6.11 13.01
N ALA A 69 15.00 -6.13 12.53
CA ALA A 69 13.86 -6.58 13.35
C ALA A 69 13.57 -8.08 13.15
N PRO A 70 12.94 -8.74 14.15
CA PRO A 70 12.54 -10.15 14.04
C PRO A 70 11.24 -10.34 13.24
N LYS A 71 11.08 -11.50 12.62
CA LYS A 71 9.86 -11.81 11.86
C LYS A 71 8.76 -12.39 12.78
N ALA A 72 7.53 -11.91 12.59
CA ALA A 72 6.38 -12.27 13.44
C ALA A 72 6.52 -11.65 14.85
N PRO A 73 6.06 -10.40 15.03
CA PRO A 73 6.10 -9.70 16.33
C PRO A 73 4.99 -10.18 17.29
N ALA A 74 4.60 -9.31 18.23
CA ALA A 74 3.53 -9.65 19.19
C ALA A 74 2.19 -9.92 18.48
N ALA A 75 1.94 -11.19 18.13
CA ALA A 75 0.69 -11.59 17.49
C ALA A 75 -0.43 -11.83 18.53
N MET A 1 -27.61 -15.59 -29.75
CA MET A 1 -27.17 -15.89 -28.36
C MET A 1 -26.10 -16.99 -28.34
N GLY A 2 -25.22 -16.93 -27.34
CA GLY A 2 -24.18 -17.95 -27.21
C GLY A 2 -24.59 -19.10 -26.30
N HIS A 3 -25.08 -20.19 -26.89
CA HIS A 3 -25.55 -21.36 -26.13
C HIS A 3 -24.43 -21.99 -25.27
N HIS A 4 -23.18 -21.73 -25.64
CA HIS A 4 -22.02 -22.19 -24.86
C HIS A 4 -20.92 -21.13 -24.86
N HIS A 5 -20.80 -20.41 -23.74
CA HIS A 5 -19.84 -19.32 -23.62
C HIS A 5 -18.40 -19.86 -23.43
N HIS A 6 -17.56 -19.62 -24.42
CA HIS A 6 -16.16 -20.08 -24.39
C HIS A 6 -15.27 -19.08 -23.66
N HIS A 7 -14.54 -19.54 -22.65
CA HIS A 7 -13.63 -18.69 -21.89
C HIS A 7 -12.34 -18.38 -22.69
N HIS A 8 -12.11 -17.11 -22.95
CA HIS A 8 -10.97 -16.68 -23.76
C HIS A 8 -9.65 -16.67 -22.96
N SER A 9 -8.71 -17.53 -23.37
CA SER A 9 -7.38 -17.58 -22.75
C SER A 9 -6.37 -18.26 -23.68
N HIS A 10 -5.11 -17.85 -23.61
CA HIS A 10 -4.07 -18.37 -24.51
C HIS A 10 -3.50 -19.70 -24.00
N MET A 11 -2.76 -20.39 -24.88
CA MET A 11 -2.04 -21.61 -24.52
C MET A 11 -0.54 -21.35 -24.37
N SER A 12 -0.16 -20.08 -24.44
CA SER A 12 1.25 -19.65 -24.35
C SER A 12 1.77 -19.69 -22.89
N THR A 13 2.88 -18.99 -22.63
CA THR A 13 3.45 -18.92 -21.28
C THR A 13 2.44 -18.36 -20.25
N PRO A 14 2.36 -18.99 -19.06
CA PRO A 14 1.47 -18.53 -17.98
C PRO A 14 1.78 -17.09 -17.53
N LEU A 15 0.78 -16.42 -16.94
CA LEU A 15 0.93 -15.04 -16.46
C LEU A 15 1.67 -14.99 -15.11
N THR A 16 2.11 -13.80 -14.72
CA THR A 16 2.83 -13.60 -13.45
C THR A 16 2.11 -12.59 -12.55
N GLY A 17 2.09 -12.88 -11.26
CA GLY A 17 1.43 -11.99 -10.30
C GLY A 17 2.36 -10.92 -9.73
N LYS A 18 1.82 -10.08 -8.84
CA LYS A 18 2.61 -9.02 -8.19
C LYS A 18 2.75 -9.28 -6.68
N PRO A 19 3.90 -8.89 -6.08
CA PRO A 19 4.15 -9.08 -4.64
C PRO A 19 3.33 -8.13 -3.75
N GLY A 20 3.09 -8.55 -2.50
CA GLY A 20 2.33 -7.73 -1.56
C GLY A 20 3.13 -6.58 -0.97
N ALA A 21 3.51 -5.64 -1.83
CA ALA A 21 4.32 -4.47 -1.43
C ALA A 21 4.30 -3.40 -2.53
N LEU A 22 5.12 -2.36 -2.36
CA LEU A 22 5.22 -1.30 -3.36
C LEU A 22 5.70 -1.83 -4.73
N PRO A 23 5.07 -1.39 -5.83
CA PRO A 23 5.51 -1.75 -7.18
C PRO A 23 6.87 -1.10 -7.52
N ALA A 24 7.88 -1.93 -7.82
CA ALA A 24 9.23 -1.44 -8.10
C ALA A 24 9.28 -0.41 -9.26
N ASN A 25 8.19 -0.29 -10.00
CA ASN A 25 8.09 0.65 -11.12
C ASN A 25 7.52 2.01 -10.68
N LEU A 26 7.81 2.45 -9.45
CA LEU A 26 7.32 3.73 -8.93
C LEU A 26 7.67 4.90 -9.87
N ASP A 27 8.82 4.82 -10.53
CA ASP A 27 9.22 5.82 -11.52
C ASP A 27 8.34 5.75 -12.78
N ASP A 28 7.99 4.53 -13.19
CA ASP A 28 7.14 4.33 -14.36
C ASP A 28 5.69 4.78 -14.09
N MET A 29 5.25 4.63 -12.84
CA MET A 29 3.91 5.05 -12.43
C MET A 29 3.75 6.57 -12.51
N LYS A 30 2.58 7.03 -12.97
CA LYS A 30 2.31 8.46 -13.15
C LYS A 30 1.96 9.13 -11.81
N VAL A 31 2.12 10.46 -11.77
CA VAL A 31 1.91 11.25 -10.55
C VAL A 31 0.56 10.94 -9.85
N ALA A 32 -0.52 10.94 -10.63
CA ALA A 32 -1.86 10.65 -10.09
C ALA A 32 -1.92 9.27 -9.42
N GLU A 33 -1.21 8.30 -10.02
CA GLU A 33 -1.14 6.94 -9.48
C GLU A 33 -0.41 6.92 -8.13
N LEU A 34 0.76 7.55 -8.07
CA LEU A 34 1.54 7.64 -6.83
C LEU A 34 0.73 8.31 -5.71
N LYS A 35 0.06 9.41 -6.03
CA LYS A 35 -0.80 10.11 -5.07
C LYS A 35 -1.98 9.23 -4.62
N GLN A 36 -2.45 8.36 -5.51
CA GLN A 36 -3.49 7.39 -5.17
C GLN A 36 -2.93 6.32 -4.21
N GLU A 37 -1.72 5.84 -4.52
CA GLU A 37 -0.99 4.91 -3.64
C GLU A 37 -0.75 5.50 -2.23
N LEU A 38 -0.59 6.83 -2.17
CA LEU A 38 -0.39 7.53 -0.90
C LEU A 38 -1.67 7.54 -0.04
N LYS A 39 -2.76 8.09 -0.61
CA LYS A 39 -4.01 8.27 0.14
C LYS A 39 -4.56 6.95 0.71
N LEU A 40 -4.31 5.84 0.00
CA LEU A 40 -4.74 4.52 0.48
C LEU A 40 -4.12 4.17 1.84
N ARG A 41 -2.88 4.62 2.04
CA ARG A 41 -2.10 4.26 3.24
C ARG A 41 -1.82 5.48 4.14
N SER A 42 -2.78 6.41 4.20
CA SER A 42 -2.74 7.54 5.15
C SER A 42 -1.62 8.56 4.81
N LEU A 43 -1.01 8.42 3.64
CA LEU A 43 0.10 9.30 3.24
C LEU A 43 -0.40 10.57 2.51
N PRO A 44 0.24 11.72 2.77
CA PRO A 44 -0.11 13.01 2.11
C PRO A 44 0.38 13.11 0.65
N VAL A 45 -0.43 13.73 -0.21
CA VAL A 45 -0.14 13.83 -1.65
C VAL A 45 0.52 15.17 -2.03
N SER A 46 0.72 16.04 -1.04
CA SER A 46 1.27 17.39 -1.27
C SER A 46 2.80 17.40 -1.44
N GLY A 47 3.32 16.48 -2.26
CA GLY A 47 4.76 16.40 -2.50
C GLY A 47 5.13 16.30 -3.99
N THR A 48 6.43 16.35 -4.28
CA THR A 48 6.94 16.22 -5.65
C THR A 48 7.03 14.74 -6.06
N LYS A 49 7.36 14.49 -7.34
CA LYS A 49 7.48 13.12 -7.86
C LYS A 49 8.38 12.25 -6.97
N THR A 50 9.56 12.76 -6.64
CA THR A 50 10.49 12.05 -5.74
C THR A 50 9.89 11.89 -4.34
N GLU A 51 9.21 12.91 -3.85
CA GLU A 51 8.56 12.86 -2.54
C GLU A 51 7.51 11.75 -2.46
N LEU A 52 6.70 11.62 -3.53
CA LEU A 52 5.68 10.57 -3.59
C LEU A 52 6.33 9.18 -3.44
N ILE A 53 7.37 8.95 -4.23
CA ILE A 53 8.12 7.67 -4.21
C ILE A 53 8.80 7.43 -2.85
N GLU A 54 9.62 8.38 -2.42
CA GLU A 54 10.38 8.26 -1.16
C GLU A 54 9.44 8.08 0.06
N ARG A 55 8.36 8.85 0.10
CA ARG A 55 7.41 8.80 1.22
C ARG A 55 6.71 7.43 1.27
N LEU A 56 6.44 6.85 0.09
CA LEU A 56 5.91 5.49 0.00
C LEU A 56 6.92 4.47 0.56
N ARG A 57 8.17 4.53 0.09
CA ARG A 57 9.20 3.57 0.50
C ARG A 57 9.42 3.59 2.02
N ALA A 58 9.63 4.78 2.57
CA ALA A 58 9.86 4.95 4.00
C ALA A 58 8.69 4.40 4.84
N TYR A 59 7.48 4.85 4.53
CA TYR A 59 6.28 4.41 5.25
C TYR A 59 6.10 2.88 5.17
N GLN A 60 6.01 2.35 3.95
CA GLN A 60 5.74 0.93 3.73
C GLN A 60 6.79 0.04 4.43
N ASP A 61 8.02 0.54 4.53
CA ASP A 61 9.11 -0.19 5.18
C ASP A 61 9.03 -0.12 6.72
N GLN A 62 8.80 1.08 7.24
CA GLN A 62 8.81 1.30 8.70
C GLN A 62 7.61 0.66 9.41
N ILE A 63 6.46 0.59 8.73
CA ILE A 63 5.25 0.00 9.32
C ILE A 63 5.41 -1.50 9.59
N SER A 64 6.41 -2.11 8.94
CA SER A 64 6.68 -3.55 9.06
C SER A 64 5.64 -4.39 8.30
N PRO A 65 5.85 -4.59 6.99
CA PRO A 65 4.89 -5.32 6.13
C PRO A 65 5.01 -6.85 6.24
N VAL A 66 4.23 -7.55 5.42
CA VAL A 66 4.24 -9.01 5.37
C VAL A 66 5.26 -9.54 4.34
N PRO A 67 6.24 -10.37 4.77
CA PRO A 67 7.23 -10.96 3.85
C PRO A 67 6.61 -12.08 3.00
N GLY A 68 5.67 -11.70 2.13
CA GLY A 68 4.95 -12.67 1.32
C GLY A 68 3.82 -13.36 2.09
N ALA A 69 4.17 -14.00 3.20
CA ALA A 69 3.19 -14.66 4.07
C ALA A 69 2.59 -13.67 5.10
N PRO A 70 1.33 -13.88 5.52
CA PRO A 70 0.67 -12.99 6.49
C PRO A 70 1.35 -13.01 7.88
N LYS A 71 2.35 -12.16 8.05
CA LYS A 71 3.11 -12.07 9.31
C LYS A 71 2.22 -11.61 10.48
N ALA A 72 1.63 -10.43 10.35
CA ALA A 72 0.78 -9.84 11.40
C ALA A 72 0.24 -8.47 10.96
N PRO A 73 -0.99 -8.11 11.37
CA PRO A 73 -1.57 -6.78 11.08
C PRO A 73 -0.74 -5.64 11.69
N ALA A 74 -0.01 -4.90 10.85
CA ALA A 74 0.93 -3.88 11.32
C ALA A 74 0.31 -2.47 11.34
N ALA A 75 1.11 -1.48 11.76
CA ALA A 75 0.67 -0.08 11.90
C ALA A 75 -0.34 0.09 13.06
N MET A 1 -33.66 7.00 39.74
CA MET A 1 -34.46 6.04 38.92
C MET A 1 -33.66 5.57 37.69
N GLY A 2 -34.34 4.97 36.73
CA GLY A 2 -33.70 4.39 35.54
C GLY A 2 -32.72 5.33 34.81
N HIS A 3 -31.44 4.96 34.86
CA HIS A 3 -30.38 5.64 34.09
C HIS A 3 -29.43 4.58 33.50
N HIS A 4 -30.04 3.47 33.09
CA HIS A 4 -29.31 2.24 32.72
C HIS A 4 -28.81 2.26 31.26
N HIS A 5 -28.52 3.45 30.73
CA HIS A 5 -28.10 3.59 29.32
C HIS A 5 -26.73 2.92 29.06
N HIS A 6 -26.61 2.28 27.90
CA HIS A 6 -25.35 1.64 27.49
C HIS A 6 -24.96 1.99 26.05
N HIS A 7 -23.72 1.66 25.69
CA HIS A 7 -23.22 1.80 24.33
C HIS A 7 -21.92 1.02 24.16
N HIS A 8 -21.82 0.21 23.11
CA HIS A 8 -20.63 -0.60 22.86
C HIS A 8 -20.48 -0.93 21.36
N SER A 9 -19.42 -1.66 21.02
CA SER A 9 -19.18 -2.05 19.62
C SER A 9 -20.17 -3.12 19.16
N HIS A 10 -20.00 -3.63 17.94
CA HIS A 10 -20.93 -4.63 17.40
C HIS A 10 -20.24 -5.98 17.16
N MET A 11 -19.31 -6.04 16.22
CA MET A 11 -18.72 -7.32 15.82
C MET A 11 -17.28 -7.16 15.31
N SER A 12 -16.37 -8.00 15.79
CA SER A 12 -14.99 -8.03 15.29
C SER A 12 -14.89 -8.96 14.08
N THR A 13 -14.94 -8.37 12.89
CA THR A 13 -15.00 -9.14 11.63
C THR A 13 -13.77 -10.04 11.43
N PRO A 14 -13.98 -11.35 11.20
CA PRO A 14 -12.90 -12.28 10.84
C PRO A 14 -12.28 -11.91 9.48
N LEU A 15 -11.32 -10.99 9.49
CA LEU A 15 -10.72 -10.45 8.27
C LEU A 15 -10.02 -11.53 7.41
N THR A 16 -10.05 -11.34 6.10
CA THR A 16 -9.35 -12.22 5.15
C THR A 16 -8.58 -11.42 4.10
N GLY A 17 -7.67 -12.07 3.39
CA GLY A 17 -6.85 -11.40 2.39
C GLY A 17 -5.38 -11.83 2.42
N LYS A 18 -4.51 -11.04 1.78
CA LYS A 18 -3.07 -11.36 1.72
C LYS A 18 -2.20 -10.09 1.76
N PRO A 19 -1.01 -10.16 2.38
CA PRO A 19 -0.04 -9.06 2.35
C PRO A 19 0.82 -9.08 1.07
N GLY A 20 1.99 -8.45 1.13
CA GLY A 20 2.90 -8.44 -0.01
C GLY A 20 3.89 -7.28 0.03
N ALA A 21 3.64 -6.28 -0.80
CA ALA A 21 4.53 -5.12 -0.94
C ALA A 21 4.01 -4.11 -1.98
N LEU A 22 4.85 -3.13 -2.32
CA LEU A 22 4.53 -2.13 -3.36
C LEU A 22 5.34 -2.43 -4.65
N PRO A 23 4.90 -1.91 -5.81
CA PRO A 23 5.67 -2.04 -7.07
C PRO A 23 7.01 -1.27 -7.01
N ALA A 24 8.11 -1.93 -7.40
CA ALA A 24 9.45 -1.34 -7.33
C ALA A 24 9.62 -0.17 -8.32
N ASN A 25 8.87 -0.22 -9.43
CA ASN A 25 8.95 0.83 -10.46
C ASN A 25 7.99 2.00 -10.16
N LEU A 26 8.08 2.55 -8.94
CA LEU A 26 7.32 3.75 -8.58
C LEU A 26 7.70 4.93 -9.49
N ASP A 27 8.94 4.90 -9.99
CA ASP A 27 9.44 5.91 -10.92
C ASP A 27 8.73 5.83 -12.28
N ASP A 28 8.28 4.63 -12.64
CA ASP A 28 7.61 4.39 -13.93
C ASP A 28 6.15 4.90 -13.91
N MET A 29 5.46 4.69 -12.79
CA MET A 29 4.04 5.09 -12.67
C MET A 29 3.85 6.62 -12.66
N LYS A 30 2.65 7.04 -13.03
CA LYS A 30 2.30 8.47 -13.09
C LYS A 30 2.23 9.12 -11.70
N VAL A 31 2.40 10.44 -11.65
CA VAL A 31 2.31 11.19 -10.40
C VAL A 31 0.97 10.93 -9.69
N ALA A 32 -0.11 10.92 -10.46
CA ALA A 32 -1.45 10.65 -9.94
C ALA A 32 -1.54 9.25 -9.30
N GLU A 33 -0.80 8.29 -9.85
CA GLU A 33 -0.75 6.93 -9.30
C GLU A 33 -0.05 6.93 -7.94
N LEU A 34 1.07 7.64 -7.85
CA LEU A 34 1.81 7.76 -6.59
C LEU A 34 0.93 8.39 -5.50
N LYS A 35 0.25 9.50 -5.84
CA LYS A 35 -0.68 10.15 -4.92
C LYS A 35 -1.86 9.24 -4.55
N GLN A 36 -2.23 8.35 -5.47
CA GLN A 36 -3.28 7.35 -5.20
C GLN A 36 -2.81 6.37 -4.11
N GLU A 37 -1.61 5.83 -4.29
CA GLU A 37 -1.03 4.89 -3.32
C GLU A 37 -0.80 5.56 -1.95
N LEU A 38 -0.70 6.90 -1.95
CA LEU A 38 -0.59 7.68 -0.71
C LEU A 38 -1.94 7.77 0.02
N LYS A 39 -2.96 8.28 -0.67
CA LYS A 39 -4.29 8.49 -0.07
C LYS A 39 -4.87 7.18 0.49
N LEU A 40 -4.61 6.06 -0.19
CA LEU A 40 -5.12 4.75 0.25
C LEU A 40 -4.49 4.30 1.58
N ARG A 41 -3.30 4.84 1.89
CA ARG A 41 -2.57 4.44 3.10
C ARG A 41 -2.45 5.60 4.11
N SER A 42 -3.28 6.64 3.92
CA SER A 42 -3.26 7.82 4.80
C SER A 42 -1.92 8.57 4.75
N LEU A 43 -1.69 9.28 3.64
CA LEU A 43 -0.43 10.01 3.41
C LEU A 43 -0.66 11.33 2.66
N PRO A 44 0.10 12.39 3.00
CA PRO A 44 -0.01 13.70 2.33
C PRO A 44 0.50 13.67 0.87
N VAL A 45 -0.34 14.15 -0.06
CA VAL A 45 -0.01 14.14 -1.49
C VAL A 45 0.56 15.50 -1.97
N SER A 46 1.11 16.27 -1.04
CA SER A 46 1.58 17.64 -1.32
C SER A 46 3.02 17.67 -1.89
N GLY A 47 3.71 16.52 -1.88
CA GLY A 47 5.10 16.49 -2.33
C GLY A 47 5.27 16.28 -3.84
N THR A 48 6.50 16.42 -4.33
CA THR A 48 6.81 16.20 -5.77
C THR A 48 6.89 14.70 -6.09
N LYS A 49 6.92 14.37 -7.38
CA LYS A 49 6.91 12.96 -7.84
C LYS A 49 7.96 12.10 -7.09
N THR A 50 9.19 12.60 -7.01
CA THR A 50 10.27 11.89 -6.30
C THR A 50 9.97 11.75 -4.80
N GLU A 51 9.43 12.82 -4.20
CA GLU A 51 9.06 12.78 -2.77
C GLU A 51 7.95 11.76 -2.49
N LEU A 52 6.97 11.70 -3.40
CA LEU A 52 5.88 10.73 -3.30
C LEU A 52 6.44 9.30 -3.29
N ILE A 53 7.31 9.01 -4.27
CA ILE A 53 7.99 7.72 -4.38
C ILE A 53 8.72 7.35 -3.08
N GLU A 54 9.59 8.25 -2.62
CA GLU A 54 10.37 8.02 -1.39
C GLU A 54 9.46 7.77 -0.18
N ARG A 55 8.35 8.50 -0.09
CA ARG A 55 7.43 8.33 1.05
C ARG A 55 6.57 7.05 0.90
N LEU A 56 6.38 6.60 -0.34
CA LEU A 56 5.77 5.30 -0.60
C LEU A 56 6.65 4.19 -0.03
N ARG A 57 7.94 4.26 -0.36
CA ARG A 57 8.94 3.32 0.15
C ARG A 57 9.06 3.43 1.68
N ALA A 58 9.18 4.66 2.18
CA ALA A 58 9.31 4.93 3.61
C ALA A 58 8.14 4.33 4.42
N TYR A 59 6.92 4.71 4.08
CA TYR A 59 5.72 4.19 4.78
C TYR A 59 5.69 2.64 4.78
N GLN A 60 6.10 2.05 3.66
CA GLN A 60 6.17 0.59 3.55
C GLN A 60 7.31 0.04 4.43
N ASP A 61 8.40 0.81 4.53
CA ASP A 61 9.53 0.43 5.36
C ASP A 61 9.20 0.52 6.87
N GLN A 62 8.35 1.49 7.23
CA GLN A 62 7.91 1.67 8.63
C GLN A 62 7.21 0.41 9.16
N ILE A 63 6.35 -0.18 8.32
CA ILE A 63 5.69 -1.44 8.67
C ILE A 63 6.61 -2.64 8.37
N SER A 64 7.52 -2.45 7.40
CA SER A 64 8.51 -3.47 6.99
C SER A 64 7.87 -4.61 6.19
N PRO A 65 8.58 -5.13 5.16
CA PRO A 65 8.06 -6.24 4.33
C PRO A 65 7.97 -7.57 5.10
N VAL A 66 6.89 -7.74 5.86
CA VAL A 66 6.64 -8.96 6.62
C VAL A 66 5.20 -9.47 6.43
N PRO A 67 5.01 -10.82 6.38
CA PRO A 67 3.67 -11.42 6.29
C PRO A 67 2.74 -10.97 7.44
N GLY A 68 3.27 -10.97 8.66
CA GLY A 68 2.52 -10.47 9.80
C GLY A 68 2.62 -8.95 9.94
N ALA A 69 2.21 -8.23 8.90
CA ALA A 69 2.26 -6.76 8.89
C ALA A 69 1.42 -6.16 10.03
N PRO A 70 2.05 -5.35 10.91
CA PRO A 70 1.36 -4.79 12.10
C PRO A 70 0.34 -3.69 11.76
N LYS A 71 0.40 -3.17 10.54
CA LYS A 71 -0.48 -2.06 10.11
C LYS A 71 -1.95 -2.50 10.03
N ALA A 72 -2.87 -1.53 10.11
CA ALA A 72 -4.32 -1.80 10.12
C ALA A 72 -4.80 -2.55 8.85
N PRO A 73 -5.92 -3.30 8.95
CA PRO A 73 -6.49 -4.06 7.81
C PRO A 73 -6.69 -3.21 6.54
N ALA A 74 -6.64 -1.88 6.68
CA ALA A 74 -6.77 -0.97 5.55
C ALA A 74 -5.81 -1.31 4.39
N ALA A 75 -6.39 -1.58 3.22
CA ALA A 75 -5.63 -1.89 2.00
C ALA A 75 -6.56 -1.96 0.78
N MET A 1 29.02 -40.31 39.91
CA MET A 1 29.97 -39.32 39.34
C MET A 1 29.71 -39.07 37.85
N GLY A 2 29.05 -37.95 37.54
CA GLY A 2 28.76 -37.62 36.15
C GLY A 2 27.87 -36.38 36.01
N HIS A 3 28.46 -35.26 35.59
CA HIS A 3 27.71 -34.02 35.37
C HIS A 3 27.15 -33.97 33.94
N HIS A 4 25.87 -34.30 33.79
CA HIS A 4 25.26 -34.43 32.46
C HIS A 4 23.78 -34.01 32.47
N HIS A 5 23.42 -33.07 31.60
CA HIS A 5 22.05 -32.55 31.50
C HIS A 5 21.74 -32.14 30.04
N HIS A 6 20.47 -32.22 29.64
CA HIS A 6 20.06 -31.85 28.27
C HIS A 6 18.89 -30.85 28.29
N HIS A 7 18.74 -30.10 27.20
CA HIS A 7 17.61 -29.17 27.05
C HIS A 7 17.38 -28.78 25.58
N HIS A 8 16.27 -29.26 25.01
CA HIS A 8 15.90 -28.96 23.62
C HIS A 8 14.47 -28.39 23.54
N SER A 9 14.33 -27.16 23.06
CA SER A 9 13.01 -26.52 22.92
C SER A 9 12.98 -25.61 21.69
N HIS A 10 11.82 -25.53 21.03
CA HIS A 10 11.63 -24.67 19.86
C HIS A 10 10.14 -24.48 19.55
N MET A 11 9.54 -23.47 20.19
CA MET A 11 8.10 -23.20 20.06
C MET A 11 7.81 -22.20 18.92
N SER A 12 6.74 -22.45 18.16
CA SER A 12 6.35 -21.58 17.05
C SER A 12 4.98 -20.92 17.29
N THR A 13 4.88 -19.63 16.98
CA THR A 13 3.64 -18.87 17.17
C THR A 13 2.74 -18.93 15.92
N PRO A 14 1.42 -18.70 16.08
CA PRO A 14 0.47 -18.67 14.93
C PRO A 14 0.89 -17.71 13.80
N LEU A 15 0.63 -18.10 12.56
CA LEU A 15 1.01 -17.30 11.39
C LEU A 15 -0.16 -16.44 10.89
N THR A 16 -0.03 -15.12 11.04
CA THR A 16 -1.08 -14.18 10.62
C THR A 16 -0.88 -13.72 9.16
N GLY A 17 -1.87 -13.02 8.63
CA GLY A 17 -1.83 -12.58 7.24
C GLY A 17 -1.16 -11.21 7.04
N LYS A 18 -0.59 -10.99 5.86
CA LYS A 18 0.06 -9.71 5.54
C LYS A 18 0.09 -9.47 4.02
N PRO A 19 0.17 -8.19 3.57
CA PRO A 19 0.30 -7.86 2.14
C PRO A 19 1.61 -8.38 1.53
N GLY A 20 1.80 -8.12 0.23
CA GLY A 20 3.03 -8.53 -0.44
C GLY A 20 4.13 -7.48 -0.32
N ALA A 21 4.05 -6.45 -1.15
CA ALA A 21 5.01 -5.34 -1.14
C ALA A 21 4.59 -4.22 -2.11
N LEU A 22 4.91 -2.97 -1.77
CA LEU A 22 4.63 -1.84 -2.66
C LEU A 22 5.37 -1.99 -4.00
N PRO A 23 4.77 -1.52 -5.11
CA PRO A 23 5.34 -1.67 -6.47
C PRO A 23 6.81 -1.20 -6.57
N ALA A 24 7.63 -1.99 -7.26
CA ALA A 24 9.03 -1.62 -7.47
C ALA A 24 9.17 -0.59 -8.61
N ASN A 25 8.11 -0.44 -9.41
CA ASN A 25 8.13 0.47 -10.57
C ASN A 25 7.59 1.87 -10.21
N LEU A 26 7.73 2.27 -8.94
CA LEU A 26 7.19 3.56 -8.46
C LEU A 26 7.62 4.75 -9.33
N ASP A 27 8.87 4.74 -9.82
CA ASP A 27 9.36 5.82 -10.68
C ASP A 27 8.79 5.72 -12.10
N ASP A 28 8.54 4.48 -12.54
CA ASP A 28 7.90 4.23 -13.85
C ASP A 28 6.41 4.59 -13.80
N MET A 29 5.84 4.59 -12.59
CA MET A 29 4.46 5.00 -12.36
C MET A 29 4.28 6.51 -12.54
N LYS A 30 3.04 6.93 -12.75
CA LYS A 30 2.70 8.33 -12.98
C LYS A 30 2.33 9.06 -11.68
N VAL A 31 2.47 10.39 -11.69
CA VAL A 31 2.22 11.22 -10.50
C VAL A 31 0.85 10.95 -9.86
N ALA A 32 -0.19 10.91 -10.69
CA ALA A 32 -1.57 10.65 -10.23
C ALA A 32 -1.70 9.26 -9.58
N GLU A 33 -0.97 8.29 -10.12
CA GLU A 33 -1.02 6.91 -9.61
C GLU A 33 -0.31 6.79 -8.26
N LEU A 34 0.77 7.55 -8.09
CA LEU A 34 1.47 7.63 -6.81
C LEU A 34 0.59 8.28 -5.73
N LYS A 35 0.01 9.44 -6.06
CA LYS A 35 -0.93 10.13 -5.17
C LYS A 35 -2.10 9.20 -4.77
N GLN A 36 -2.59 8.46 -5.75
CA GLN A 36 -3.71 7.53 -5.54
C GLN A 36 -3.41 6.52 -4.42
N GLU A 37 -2.22 5.91 -4.47
CA GLU A 37 -1.80 4.96 -3.44
C GLU A 37 -1.49 5.66 -2.10
N LEU A 38 -0.86 6.83 -2.16
CA LEU A 38 -0.58 7.62 -0.96
C LEU A 38 -1.85 7.90 -0.16
N LYS A 39 -2.85 8.48 -0.82
CA LYS A 39 -4.09 8.90 -0.14
C LYS A 39 -4.86 7.72 0.46
N LEU A 40 -4.67 6.52 -0.10
CA LEU A 40 -5.29 5.31 0.46
C LEU A 40 -4.60 4.89 1.77
N ARG A 41 -3.31 5.21 1.90
CA ARG A 41 -2.57 4.99 3.15
C ARG A 41 -2.49 6.29 3.98
N SER A 42 -3.35 7.26 3.66
CA SER A 42 -3.45 8.54 4.40
C SER A 42 -2.16 9.38 4.31
N LEU A 43 -1.30 9.05 3.36
CA LEU A 43 -0.02 9.73 3.17
C LEU A 43 -0.18 11.07 2.43
N PRO A 44 0.50 12.14 2.91
CA PRO A 44 0.44 13.47 2.26
C PRO A 44 0.86 13.45 0.78
N VAL A 45 -0.04 13.88 -0.10
CA VAL A 45 0.20 13.84 -1.55
C VAL A 45 0.74 15.17 -2.11
N SER A 46 1.11 16.09 -1.21
CA SER A 46 1.57 17.44 -1.62
C SER A 46 3.00 17.43 -2.23
N GLY A 47 3.79 16.40 -1.93
CA GLY A 47 5.17 16.35 -2.41
C GLY A 47 5.29 16.16 -3.93
N THR A 48 6.51 16.33 -4.45
CA THR A 48 6.79 16.12 -5.89
C THR A 48 6.82 14.62 -6.22
N LYS A 49 6.86 14.29 -7.52
CA LYS A 49 6.87 12.89 -7.97
C LYS A 49 7.89 12.04 -7.21
N THR A 50 9.11 12.57 -7.03
CA THR A 50 10.15 11.87 -6.27
C THR A 50 9.74 11.70 -4.79
N GLU A 51 9.21 12.78 -4.20
CA GLU A 51 8.79 12.75 -2.80
C GLU A 51 7.63 11.76 -2.57
N LEU A 52 6.74 11.64 -3.56
CA LEU A 52 5.64 10.66 -3.50
C LEU A 52 6.19 9.24 -3.41
N ILE A 53 7.19 8.95 -4.26
CA ILE A 53 7.89 7.66 -4.26
C ILE A 53 8.57 7.40 -2.90
N GLU A 54 9.36 8.35 -2.44
CA GLU A 54 10.05 8.24 -1.15
C GLU A 54 9.07 8.12 0.02
N ARG A 55 7.88 8.73 -0.14
CA ARG A 55 6.85 8.68 0.90
C ARG A 55 6.30 7.25 1.07
N LEU A 56 5.93 6.63 -0.05
CA LEU A 56 5.48 5.22 -0.04
C LEU A 56 6.58 4.29 0.50
N ARG A 57 7.78 4.42 -0.08
CA ARG A 57 8.93 3.60 0.33
C ARG A 57 9.24 3.75 1.82
N ALA A 58 9.12 4.97 2.36
CA ALA A 58 9.33 5.21 3.80
C ALA A 58 8.24 4.52 4.64
N TYR A 59 7.00 4.58 4.16
CA TYR A 59 5.87 3.94 4.86
C TYR A 59 6.04 2.41 4.93
N GLN A 60 6.57 1.81 3.86
CA GLN A 60 6.80 0.37 3.83
C GLN A 60 8.06 0.00 4.65
N ASP A 61 9.13 0.77 4.45
CA ASP A 61 10.42 0.53 5.10
C ASP A 61 10.30 0.40 6.64
N GLN A 62 9.31 1.07 7.22
CA GLN A 62 9.12 1.06 8.68
C GLN A 62 8.27 -0.15 9.15
N ILE A 63 7.45 -0.71 8.26
CA ILE A 63 6.58 -1.84 8.61
C ILE A 63 7.15 -3.18 8.13
N SER A 64 8.12 -3.13 7.20
CA SER A 64 8.72 -4.33 6.62
C SER A 64 9.52 -5.15 7.65
N PRO A 65 9.34 -6.48 7.67
CA PRO A 65 10.10 -7.36 8.58
C PRO A 65 11.56 -7.55 8.12
N VAL A 66 12.46 -6.71 8.62
CA VAL A 66 13.89 -6.84 8.31
C VAL A 66 14.51 -8.01 9.08
N PRO A 67 15.66 -8.56 8.59
CA PRO A 67 16.33 -9.75 9.16
C PRO A 67 16.27 -9.86 10.69
N GLY A 68 16.78 -8.84 11.40
CA GLY A 68 16.85 -8.91 12.86
C GLY A 68 16.07 -7.81 13.57
N ALA A 69 14.76 -7.78 13.40
CA ALA A 69 13.90 -6.82 14.11
C ALA A 69 12.43 -7.26 14.11
N PRO A 70 11.67 -6.93 15.19
CA PRO A 70 10.23 -7.23 15.27
C PRO A 70 9.37 -6.32 14.37
N LYS A 71 8.13 -6.72 14.10
CA LYS A 71 7.27 -5.99 13.17
C LYS A 71 5.77 -6.16 13.50
N ALA A 72 4.95 -5.34 12.84
CA ALA A 72 3.49 -5.43 12.97
C ALA A 72 2.82 -5.32 11.58
N PRO A 73 2.28 -6.44 11.05
CA PRO A 73 1.68 -6.46 9.71
C PRO A 73 0.30 -5.78 9.63
N ALA A 74 0.12 -4.90 8.66
CA ALA A 74 -1.16 -4.23 8.44
C ALA A 74 -1.98 -4.94 7.35
N ALA A 75 -2.91 -5.78 7.78
CA ALA A 75 -3.76 -6.55 6.85
C ALA A 75 -5.19 -6.71 7.38
N MET A 1 -42.50 -15.13 -40.12
CA MET A 1 -42.92 -14.39 -38.91
C MET A 1 -42.31 -15.00 -37.65
N GLY A 2 -41.33 -14.31 -37.06
CA GLY A 2 -40.71 -14.77 -35.83
C GLY A 2 -39.25 -14.34 -35.68
N HIS A 3 -39.03 -13.03 -35.53
CA HIS A 3 -37.69 -12.50 -35.35
C HIS A 3 -37.07 -12.96 -34.02
N HIS A 4 -36.10 -13.86 -34.10
CA HIS A 4 -35.43 -14.39 -32.90
C HIS A 4 -34.61 -13.30 -32.19
N HIS A 5 -34.96 -13.00 -30.94
CA HIS A 5 -34.36 -11.88 -30.20
C HIS A 5 -32.93 -12.16 -29.71
N HIS A 6 -32.20 -11.09 -29.48
CA HIS A 6 -30.85 -11.15 -28.90
C HIS A 6 -30.75 -10.23 -27.67
N HIS A 7 -29.74 -10.44 -26.82
CA HIS A 7 -29.55 -9.57 -25.65
C HIS A 7 -28.10 -9.60 -25.13
N HIS A 8 -27.51 -8.43 -24.98
CA HIS A 8 -26.14 -8.29 -24.47
C HIS A 8 -26.08 -8.45 -22.94
N SER A 9 -25.11 -9.21 -22.45
CA SER A 9 -24.96 -9.43 -21.01
C SER A 9 -23.49 -9.31 -20.56
N HIS A 10 -23.23 -8.44 -19.58
CA HIS A 10 -21.89 -8.27 -19.02
C HIS A 10 -21.96 -7.75 -17.57
N MET A 11 -21.03 -8.19 -16.74
CA MET A 11 -21.02 -7.82 -15.31
C MET A 11 -19.80 -6.95 -14.95
N SER A 12 -19.98 -6.04 -13.98
CA SER A 12 -18.88 -5.21 -13.47
C SER A 12 -18.92 -5.12 -11.94
N THR A 13 -18.17 -5.98 -11.28
CA THR A 13 -18.13 -6.03 -9.81
C THR A 13 -16.71 -5.75 -9.27
N PRO A 14 -16.52 -4.61 -8.58
CA PRO A 14 -15.22 -4.28 -7.96
C PRO A 14 -14.92 -5.13 -6.71
N LEU A 15 -13.80 -5.83 -6.72
CA LEU A 15 -13.43 -6.73 -5.60
C LEU A 15 -12.72 -5.97 -4.47
N THR A 16 -12.52 -6.66 -3.34
CA THR A 16 -11.86 -6.05 -2.17
C THR A 16 -10.48 -6.67 -1.92
N GLY A 17 -9.66 -5.98 -1.12
CA GLY A 17 -8.32 -6.45 -0.80
C GLY A 17 -7.32 -5.31 -0.65
N LYS A 18 -6.43 -5.42 0.35
CA LYS A 18 -5.44 -4.36 0.61
C LYS A 18 -4.08 -4.96 1.03
N PRO A 19 -3.20 -5.22 0.04
CA PRO A 19 -1.84 -5.71 0.31
C PRO A 19 -0.83 -4.57 0.59
N GLY A 20 -0.18 -4.62 1.75
CA GLY A 20 0.80 -3.59 2.10
C GLY A 20 2.11 -3.76 1.36
N ALA A 21 2.10 -3.47 0.05
CA ALA A 21 3.30 -3.61 -0.79
C ALA A 21 3.42 -2.46 -1.81
N LEU A 22 4.54 -2.45 -2.54
CA LEU A 22 4.80 -1.45 -3.59
C LEU A 22 5.25 -2.12 -4.90
N PRO A 23 4.84 -1.57 -6.07
CA PRO A 23 5.37 -2.01 -7.37
C PRO A 23 6.84 -1.58 -7.55
N ALA A 24 7.61 -2.35 -8.31
CA ALA A 24 9.04 -2.05 -8.53
C ALA A 24 9.24 -0.77 -9.35
N ASN A 25 8.40 -0.56 -10.36
CA ASN A 25 8.50 0.62 -11.22
C ASN A 25 7.63 1.78 -10.72
N LEU A 26 8.04 2.41 -9.63
CA LEU A 26 7.31 3.54 -9.07
C LEU A 26 7.46 4.80 -9.93
N ASP A 27 8.63 4.97 -10.56
CA ASP A 27 8.86 6.13 -11.44
C ASP A 27 8.07 6.00 -12.75
N ASP A 28 7.77 4.77 -13.15
CA ASP A 28 6.93 4.53 -14.34
C ASP A 28 5.45 4.83 -14.05
N MET A 29 5.10 4.93 -12.77
CA MET A 29 3.75 5.31 -12.36
C MET A 29 3.56 6.84 -12.41
N LYS A 30 2.41 7.27 -12.92
CA LYS A 30 2.10 8.69 -13.03
C LYS A 30 1.95 9.35 -11.65
N VAL A 31 2.16 10.67 -11.57
CA VAL A 31 2.09 11.40 -10.30
C VAL A 31 0.75 11.17 -9.57
N ALA A 32 -0.35 11.19 -10.32
CA ALA A 32 -1.68 10.94 -9.76
C ALA A 32 -1.80 9.50 -9.20
N GLU A 33 -1.10 8.56 -9.82
CA GLU A 33 -1.08 7.17 -9.35
C GLU A 33 -0.29 7.06 -8.04
N LEU A 34 0.90 7.66 -8.01
CA LEU A 34 1.72 7.71 -6.80
C LEU A 34 0.95 8.36 -5.62
N LYS A 35 0.30 9.48 -5.89
CA LYS A 35 -0.52 10.17 -4.89
C LYS A 35 -1.72 9.30 -4.44
N GLN A 36 -2.25 8.50 -5.36
CA GLN A 36 -3.33 7.56 -5.02
C GLN A 36 -2.81 6.49 -4.05
N GLU A 37 -1.67 5.89 -4.40
CA GLU A 37 -0.99 4.91 -3.54
C GLU A 37 -0.71 5.49 -2.14
N LEU A 38 -0.48 6.79 -2.07
CA LEU A 38 -0.27 7.49 -0.79
C LEU A 38 -1.57 7.62 0.01
N LYS A 39 -2.55 8.32 -0.55
CA LYS A 39 -3.79 8.64 0.16
C LYS A 39 -4.54 7.39 0.64
N LEU A 40 -4.50 6.30 -0.13
CA LEU A 40 -5.15 5.04 0.26
C LEU A 40 -4.50 4.44 1.53
N ARG A 41 -3.25 4.83 1.79
CA ARG A 41 -2.52 4.37 2.98
C ARG A 41 -2.32 5.53 3.99
N SER A 42 -3.24 6.50 3.96
CA SER A 42 -3.27 7.62 4.93
C SER A 42 -2.10 8.60 4.74
N LEU A 43 -1.32 8.40 3.68
CA LEU A 43 -0.17 9.27 3.40
C LEU A 43 -0.61 10.54 2.64
N PRO A 44 0.02 11.70 2.95
CA PRO A 44 -0.29 12.97 2.27
C PRO A 44 0.20 13.00 0.81
N VAL A 45 -0.58 13.63 -0.06
CA VAL A 45 -0.27 13.68 -1.49
C VAL A 45 0.50 14.96 -1.88
N SER A 46 1.06 15.63 -0.87
CA SER A 46 1.83 16.86 -1.09
C SER A 46 3.31 16.56 -1.31
N GLY A 47 3.71 16.34 -2.57
CA GLY A 47 5.11 16.08 -2.88
C GLY A 47 5.41 16.02 -4.38
N THR A 48 6.69 15.89 -4.71
CA THR A 48 7.14 15.79 -6.10
C THR A 48 7.24 14.33 -6.54
N LYS A 49 7.44 14.10 -7.85
CA LYS A 49 7.54 12.75 -8.41
C LYS A 49 8.44 11.83 -7.55
N THR A 50 9.67 12.27 -7.31
CA THR A 50 10.62 11.50 -6.51
C THR A 50 10.22 11.44 -5.03
N GLU A 51 9.76 12.57 -4.50
CA GLU A 51 9.31 12.66 -3.11
C GLU A 51 8.23 11.61 -2.78
N LEU A 52 7.22 11.52 -3.64
CA LEU A 52 6.13 10.55 -3.47
C LEU A 52 6.68 9.11 -3.38
N ILE A 53 7.59 8.78 -4.30
CA ILE A 53 8.23 7.46 -4.32
C ILE A 53 8.92 7.14 -2.99
N GLU A 54 9.78 8.06 -2.54
CA GLU A 54 10.53 7.87 -1.29
C GLU A 54 9.61 7.91 -0.06
N ARG A 55 8.49 8.64 -0.16
CA ARG A 55 7.51 8.70 0.92
C ARG A 55 6.79 7.34 1.08
N LEU A 56 6.51 6.69 -0.05
CA LEU A 56 5.96 5.33 -0.05
C LEU A 56 6.89 4.36 0.71
N ARG A 57 8.18 4.41 0.40
CA ARG A 57 9.16 3.56 1.09
C ARG A 57 9.21 3.89 2.59
N ALA A 58 9.17 5.18 2.93
CA ALA A 58 9.20 5.62 4.33
C ALA A 58 8.08 4.96 5.15
N TYR A 59 6.89 4.87 4.58
CA TYR A 59 5.76 4.19 5.21
C TYR A 59 6.00 2.67 5.28
N GLN A 60 6.33 2.08 4.13
CA GLN A 60 6.60 0.64 4.05
C GLN A 60 7.74 0.20 4.98
N ASP A 61 8.67 1.11 5.23
CA ASP A 61 9.81 0.84 6.12
C ASP A 61 9.38 0.77 7.59
N GLN A 62 8.54 1.72 8.02
CA GLN A 62 8.13 1.81 9.42
C GLN A 62 7.02 0.83 9.79
N ILE A 63 6.29 0.31 8.79
CA ILE A 63 5.25 -0.70 9.05
C ILE A 63 5.80 -2.14 9.01
N SER A 64 6.93 -2.33 8.32
CA SER A 64 7.52 -3.67 8.18
C SER A 64 8.72 -3.86 9.13
N PRO A 65 8.79 -5.00 9.84
CA PRO A 65 9.91 -5.29 10.75
C PRO A 65 11.28 -5.25 10.05
N VAL A 66 12.18 -4.41 10.53
CA VAL A 66 13.52 -4.29 9.94
C VAL A 66 14.36 -5.56 10.16
N PRO A 67 14.70 -6.29 9.08
CA PRO A 67 15.44 -7.56 9.17
C PRO A 67 16.88 -7.37 9.67
N GLY A 68 17.09 -7.51 10.98
CA GLY A 68 18.41 -7.34 11.56
C GLY A 68 18.83 -5.87 11.71
N ALA A 69 18.81 -5.13 10.59
CA ALA A 69 19.19 -3.71 10.56
C ALA A 69 20.70 -3.51 10.77
N PRO A 70 21.30 -2.49 10.10
CA PRO A 70 22.73 -2.18 10.25
C PRO A 70 23.14 -1.89 11.71
N LYS A 71 24.34 -2.31 12.09
CA LYS A 71 24.85 -2.07 13.45
C LYS A 71 25.35 -0.63 13.62
N ALA A 72 25.11 -0.06 14.80
CA ALA A 72 25.54 1.31 15.11
C ALA A 72 26.90 1.32 15.82
N PRO A 73 27.78 2.31 15.50
CA PRO A 73 29.10 2.44 16.14
C PRO A 73 29.01 2.60 17.67
N ALA A 74 29.32 1.53 18.40
CA ALA A 74 29.25 1.54 19.87
C ALA A 74 30.41 2.34 20.48
N ALA A 75 30.10 3.13 21.51
CA ALA A 75 31.12 3.91 22.22
C ALA A 75 31.81 3.08 23.33
N MET A 1 -43.34 -34.45 3.61
CA MET A 1 -42.13 -34.36 2.76
C MET A 1 -41.34 -33.08 3.06
N GLY A 2 -40.02 -33.11 2.84
CA GLY A 2 -39.19 -31.94 3.10
C GLY A 2 -37.80 -32.28 3.61
N HIS A 3 -36.89 -31.30 3.57
CA HIS A 3 -35.50 -31.51 3.99
C HIS A 3 -34.87 -30.26 4.63
N HIS A 4 -33.61 -30.38 5.01
CA HIS A 4 -32.87 -29.29 5.67
C HIS A 4 -31.36 -29.38 5.36
N HIS A 5 -30.78 -28.34 4.76
CA HIS A 5 -29.40 -28.38 4.30
C HIS A 5 -28.68 -27.03 4.46
N HIS A 6 -27.43 -27.07 4.91
CA HIS A 6 -26.55 -25.90 4.97
C HIS A 6 -25.36 -26.06 4.01
N HIS A 7 -24.50 -25.04 3.94
CA HIS A 7 -23.31 -25.11 3.08
C HIS A 7 -22.03 -24.81 3.89
N HIS A 8 -20.88 -25.19 3.34
CA HIS A 8 -19.59 -25.00 4.02
C HIS A 8 -19.09 -23.55 3.95
N SER A 9 -18.09 -23.26 4.77
CA SER A 9 -17.38 -21.97 4.76
C SER A 9 -16.17 -22.02 3.82
N HIS A 10 -15.55 -20.87 3.54
CA HIS A 10 -14.41 -20.82 2.64
C HIS A 10 -13.09 -20.60 3.38
N MET A 11 -12.47 -21.70 3.81
CA MET A 11 -11.19 -21.65 4.54
C MET A 11 -10.02 -22.04 3.62
N SER A 12 -9.06 -21.13 3.47
CA SER A 12 -7.92 -21.37 2.55
C SER A 12 -6.60 -21.46 3.31
N THR A 13 -5.52 -21.74 2.56
CA THR A 13 -4.17 -21.84 3.14
C THR A 13 -3.29 -20.65 2.70
N PRO A 14 -2.40 -20.15 3.58
CA PRO A 14 -1.47 -19.05 3.24
C PRO A 14 -0.37 -19.50 2.26
N LEU A 15 0.43 -18.54 1.77
CA LEU A 15 1.51 -18.83 0.83
C LEU A 15 2.75 -19.37 1.56
N THR A 16 3.50 -20.26 0.90
CA THR A 16 4.71 -20.87 1.49
C THR A 16 5.68 -19.81 2.05
N GLY A 17 5.96 -18.78 1.25
CA GLY A 17 6.84 -17.69 1.70
C GLY A 17 7.16 -16.69 0.59
N LYS A 18 6.14 -16.02 0.06
CA LYS A 18 6.34 -15.00 -0.97
C LYS A 18 6.40 -13.58 -0.36
N PRO A 19 7.39 -12.76 -0.76
CA PRO A 19 7.57 -11.40 -0.23
C PRO A 19 6.55 -10.39 -0.78
N GLY A 20 5.74 -9.82 0.10
CA GLY A 20 4.73 -8.84 -0.31
C GLY A 20 5.15 -7.40 -0.04
N ALA A 21 5.15 -6.57 -1.08
CA ALA A 21 5.55 -5.15 -0.95
C ALA A 21 5.02 -4.29 -2.12
N LEU A 22 5.37 -3.01 -2.10
CA LEU A 22 4.98 -2.08 -3.17
C LEU A 22 5.79 -2.35 -4.46
N PRO A 23 5.25 -1.97 -5.63
CA PRO A 23 5.97 -2.12 -6.92
C PRO A 23 7.39 -1.55 -6.89
N ALA A 24 8.37 -2.34 -7.33
CA ALA A 24 9.78 -1.92 -7.32
C ALA A 24 10.00 -0.58 -8.05
N ASN A 25 9.37 -0.44 -9.22
CA ASN A 25 9.49 0.79 -10.01
C ASN A 25 8.30 1.73 -9.79
N LEU A 26 8.20 2.29 -8.58
CA LEU A 26 7.22 3.36 -8.31
C LEU A 26 7.57 4.60 -9.15
N ASP A 27 8.85 4.75 -9.47
CA ASP A 27 9.34 5.84 -10.29
C ASP A 27 8.80 5.76 -11.74
N ASP A 28 8.44 4.56 -12.17
CA ASP A 28 7.91 4.34 -13.51
C ASP A 28 6.39 4.61 -13.57
N MET A 29 5.78 4.86 -12.42
CA MET A 29 4.34 5.13 -12.34
C MET A 29 4.03 6.62 -12.53
N LYS A 30 2.76 6.95 -12.76
CA LYS A 30 2.33 8.34 -12.95
C LYS A 30 2.09 9.06 -11.60
N VAL A 31 2.25 10.38 -11.59
CA VAL A 31 2.09 11.19 -10.37
C VAL A 31 0.74 10.93 -9.68
N ALA A 32 -0.35 11.14 -10.41
CA ALA A 32 -1.70 10.97 -9.86
C ALA A 32 -1.94 9.54 -9.34
N GLU A 33 -1.26 8.57 -9.94
CA GLU A 33 -1.38 7.17 -9.52
C GLU A 33 -0.66 6.92 -8.18
N LEU A 34 0.51 7.55 -8.03
CA LEU A 34 1.24 7.53 -6.75
C LEU A 34 0.42 8.22 -5.66
N LYS A 35 -0.15 9.38 -6.01
CA LYS A 35 -1.04 10.13 -5.11
C LYS A 35 -2.20 9.27 -4.60
N GLN A 36 -2.78 8.47 -5.49
CA GLN A 36 -3.84 7.53 -5.12
C GLN A 36 -3.36 6.58 -4.01
N GLU A 37 -2.22 5.92 -4.25
CA GLU A 37 -1.62 5.01 -3.26
C GLU A 37 -1.33 5.71 -1.92
N LEU A 38 -0.92 6.98 -2.00
CA LEU A 38 -0.67 7.78 -0.79
C LEU A 38 -1.96 8.04 0.00
N LYS A 39 -2.94 8.67 -0.66
CA LYS A 39 -4.19 9.07 0.00
C LYS A 39 -4.97 7.86 0.55
N LEU A 40 -4.82 6.71 -0.09
CA LEU A 40 -5.47 5.48 0.39
C LEU A 40 -4.84 4.99 1.72
N ARG A 41 -3.57 5.35 1.95
CA ARG A 41 -2.86 4.95 3.17
C ARG A 41 -2.59 6.16 4.10
N SER A 42 -3.43 7.19 3.99
CA SER A 42 -3.38 8.36 4.89
C SER A 42 -2.05 9.14 4.75
N LEU A 43 -1.50 9.17 3.55
CA LEU A 43 -0.24 9.89 3.28
C LEU A 43 -0.49 11.21 2.53
N PRO A 44 0.21 12.30 2.91
CA PRO A 44 0.09 13.61 2.23
C PRO A 44 0.62 13.58 0.79
N VAL A 45 -0.17 14.10 -0.16
CA VAL A 45 0.16 14.04 -1.59
C VAL A 45 0.70 15.39 -2.12
N SER A 46 1.13 16.25 -1.21
CA SER A 46 1.58 17.62 -1.56
C SER A 46 3.04 17.66 -2.06
N GLY A 47 3.62 16.50 -2.38
CA GLY A 47 5.02 16.45 -2.79
C GLY A 47 5.23 16.26 -4.29
N THR A 48 6.48 16.36 -4.74
CA THR A 48 6.84 16.13 -6.14
C THR A 48 6.86 14.63 -6.47
N LYS A 49 6.95 14.28 -7.75
CA LYS A 49 7.06 12.87 -8.19
C LYS A 49 8.02 12.08 -7.29
N THR A 50 9.23 12.61 -7.10
CA THR A 50 10.25 11.97 -6.27
C THR A 50 9.78 11.79 -4.82
N GLU A 51 9.23 12.87 -4.24
CA GLU A 51 8.80 12.85 -2.83
C GLU A 51 7.66 11.84 -2.59
N LEU A 52 6.74 11.74 -3.55
CA LEU A 52 5.64 10.77 -3.47
C LEU A 52 6.19 9.33 -3.42
N ILE A 53 7.16 9.06 -4.28
CA ILE A 53 7.85 7.77 -4.32
C ILE A 53 8.55 7.47 -2.98
N GLU A 54 9.42 8.38 -2.55
CA GLU A 54 10.16 8.23 -1.30
C GLU A 54 9.23 8.00 -0.10
N ARG A 55 8.12 8.73 -0.07
CA ARG A 55 7.13 8.61 1.00
C ARG A 55 6.50 7.21 1.03
N LEU A 56 6.25 6.64 -0.15
CA LEU A 56 5.76 5.25 -0.26
C LEU A 56 6.83 4.24 0.17
N ARG A 57 8.06 4.42 -0.32
CA ARG A 57 9.19 3.54 0.02
C ARG A 57 9.39 3.48 1.55
N ALA A 58 9.37 4.66 2.18
CA ALA A 58 9.55 4.77 3.63
C ALA A 58 8.36 4.20 4.42
N TYR A 59 7.14 4.46 3.93
CA TYR A 59 5.93 3.92 4.56
C TYR A 59 5.91 2.39 4.49
N GLN A 60 6.54 1.84 3.44
CA GLN A 60 6.66 0.40 3.29
C GLN A 60 7.78 -0.15 4.21
N ASP A 61 8.92 0.54 4.24
CA ASP A 61 10.05 0.13 5.09
C ASP A 61 9.65 -0.01 6.57
N GLN A 62 8.93 0.97 7.09
CA GLN A 62 8.53 0.98 8.51
C GLN A 62 7.57 -0.19 8.87
N ILE A 63 6.88 -0.74 7.87
CA ILE A 63 5.98 -1.89 8.10
C ILE A 63 6.62 -3.21 7.64
N SER A 64 7.66 -3.11 6.81
CA SER A 64 8.41 -4.30 6.31
C SER A 64 7.59 -5.12 5.28
N PRO A 65 8.27 -5.74 4.28
CA PRO A 65 7.61 -6.66 3.33
C PRO A 65 6.97 -7.87 4.03
N VAL A 66 5.65 -7.84 4.17
CA VAL A 66 4.92 -8.88 4.89
C VAL A 66 4.34 -9.95 3.95
N PRO A 67 4.33 -11.23 4.38
CA PRO A 67 3.76 -12.34 3.60
C PRO A 67 2.24 -12.22 3.42
N GLY A 68 1.79 -12.17 2.17
CA GLY A 68 0.35 -12.02 1.89
C GLY A 68 0.06 -10.81 1.00
N ALA A 69 0.86 -9.76 1.14
CA ALA A 69 0.75 -8.57 0.30
C ALA A 69 1.21 -8.86 -1.15
N PRO A 70 0.92 -7.96 -2.12
CA PRO A 70 1.37 -8.13 -3.52
C PRO A 70 2.84 -8.58 -3.64
N LYS A 71 3.04 -9.76 -4.25
CA LYS A 71 4.38 -10.34 -4.42
C LYS A 71 5.31 -9.41 -5.24
N ALA A 72 6.27 -8.79 -4.57
CA ALA A 72 7.21 -7.88 -5.23
C ALA A 72 8.50 -7.68 -4.42
N PRO A 73 9.63 -8.26 -4.88
CA PRO A 73 10.94 -8.02 -4.25
C PRO A 73 11.51 -6.63 -4.63
N ALA A 74 12.56 -6.21 -3.92
CA ALA A 74 13.16 -4.90 -4.16
C ALA A 74 13.77 -4.77 -5.57
N ALA A 75 13.92 -3.54 -6.05
CA ALA A 75 14.45 -3.26 -7.38
C ALA A 75 15.94 -3.67 -7.52
N MET A 1 -21.92 -25.45 -52.68
CA MET A 1 -20.70 -25.85 -51.91
C MET A 1 -20.29 -24.75 -50.92
N GLY A 2 -19.28 -25.03 -50.10
CA GLY A 2 -18.82 -24.05 -49.11
C GLY A 2 -19.79 -23.89 -47.94
N HIS A 3 -20.53 -24.96 -47.63
CA HIS A 3 -21.53 -24.92 -46.54
C HIS A 3 -20.90 -25.23 -45.18
N HIS A 4 -19.57 -25.24 -45.12
CA HIS A 4 -18.83 -25.47 -43.86
C HIS A 4 -19.39 -24.63 -42.70
N HIS A 5 -19.46 -25.22 -41.52
CA HIS A 5 -19.97 -24.52 -40.33
C HIS A 5 -19.30 -25.02 -39.04
N HIS A 6 -18.29 -24.29 -38.57
CA HIS A 6 -17.58 -24.62 -37.33
C HIS A 6 -16.83 -23.40 -36.78
N HIS A 7 -17.04 -23.09 -35.50
CA HIS A 7 -16.38 -21.95 -34.87
C HIS A 7 -16.67 -21.92 -33.36
N HIS A 8 -15.65 -21.58 -32.56
CA HIS A 8 -15.81 -21.49 -31.11
C HIS A 8 -14.63 -20.74 -30.46
N SER A 9 -14.91 -19.56 -29.91
CA SER A 9 -13.90 -18.75 -29.22
C SER A 9 -13.91 -19.02 -27.71
N HIS A 10 -12.74 -18.95 -27.07
CA HIS A 10 -12.62 -19.15 -25.63
C HIS A 10 -12.54 -17.82 -24.86
N MET A 11 -12.93 -17.84 -23.59
CA MET A 11 -12.84 -16.67 -22.73
C MET A 11 -11.74 -16.85 -21.66
N SER A 12 -10.91 -15.83 -21.49
CA SER A 12 -9.79 -15.90 -20.53
C SER A 12 -9.81 -14.70 -19.57
N THR A 13 -9.67 -14.97 -18.28
CA THR A 13 -9.68 -13.91 -17.26
C THR A 13 -8.27 -13.37 -16.99
N PRO A 14 -8.15 -12.10 -16.57
CA PRO A 14 -6.85 -11.46 -16.30
C PRO A 14 -6.19 -11.94 -14.99
N LEU A 15 -5.15 -11.22 -14.55
CA LEU A 15 -4.40 -11.56 -13.33
C LEU A 15 -3.98 -10.31 -12.57
N THR A 16 -3.18 -10.47 -11.51
CA THR A 16 -2.71 -9.33 -10.71
C THR A 16 -1.62 -8.53 -11.44
N GLY A 17 -0.53 -9.22 -11.78
CA GLY A 17 0.61 -8.57 -12.43
C GLY A 17 1.34 -7.62 -11.49
N LYS A 18 1.17 -7.84 -10.18
CA LYS A 18 1.74 -6.95 -9.16
C LYS A 18 2.22 -7.73 -7.91
N PRO A 19 3.24 -7.22 -7.22
CA PRO A 19 3.71 -7.79 -5.94
C PRO A 19 2.74 -7.51 -4.78
N GLY A 20 2.85 -8.29 -3.69
CA GLY A 20 1.99 -8.08 -2.54
C GLY A 20 2.12 -6.68 -1.94
N ALA A 21 3.34 -6.21 -1.76
CA ALA A 21 3.61 -4.88 -1.22
C ALA A 21 3.67 -3.82 -2.34
N LEU A 22 4.22 -2.65 -2.02
CA LEU A 22 4.38 -1.57 -2.99
C LEU A 22 5.39 -1.97 -4.09
N PRO A 23 4.99 -1.85 -5.38
CA PRO A 23 5.82 -2.31 -6.52
C PRO A 23 7.16 -1.57 -6.65
N ALA A 24 8.08 -2.16 -7.42
CA ALA A 24 9.38 -1.52 -7.71
C ALA A 24 9.29 -0.61 -8.93
N ASN A 25 8.07 -0.29 -9.33
CA ASN A 25 7.81 0.55 -10.52
C ASN A 25 7.40 1.97 -10.13
N LEU A 26 7.51 2.31 -8.85
CA LEU A 26 7.03 3.61 -8.34
C LEU A 26 7.68 4.79 -9.08
N ASP A 27 8.89 4.56 -9.61
CA ASP A 27 9.58 5.55 -10.44
C ASP A 27 8.78 5.86 -11.72
N ASP A 28 8.42 4.81 -12.46
CA ASP A 28 7.65 4.96 -13.70
C ASP A 28 6.17 5.31 -13.41
N MET A 29 5.64 4.81 -12.30
CA MET A 29 4.26 5.10 -11.89
C MET A 29 4.04 6.62 -11.76
N LYS A 30 3.07 7.12 -12.50
CA LYS A 30 2.85 8.56 -12.66
C LYS A 30 2.32 9.23 -11.37
N VAL A 31 2.35 10.57 -11.37
CA VAL A 31 1.99 11.36 -10.17
C VAL A 31 0.64 10.95 -9.57
N ALA A 32 -0.42 10.97 -10.38
CA ALA A 32 -1.77 10.61 -9.90
C ALA A 32 -1.82 9.16 -9.39
N GLU A 33 -1.13 8.27 -10.10
CA GLU A 33 -1.03 6.87 -9.70
C GLU A 33 -0.41 6.71 -8.30
N LEU A 34 0.69 7.44 -8.06
CA LEU A 34 1.35 7.45 -6.75
C LEU A 34 0.43 8.06 -5.68
N LYS A 35 -0.18 9.20 -6.01
CA LYS A 35 -1.10 9.90 -5.10
C LYS A 35 -2.32 9.03 -4.74
N GLN A 36 -2.71 8.14 -5.66
CA GLN A 36 -3.83 7.21 -5.40
C GLN A 36 -3.49 6.27 -4.23
N GLU A 37 -2.29 5.69 -4.24
CA GLU A 37 -1.81 4.86 -3.14
C GLU A 37 -1.71 5.67 -1.84
N LEU A 38 -1.13 6.86 -1.94
CA LEU A 38 -0.94 7.75 -0.78
C LEU A 38 -2.26 8.08 -0.06
N LYS A 39 -3.25 8.58 -0.81
CA LYS A 39 -4.54 8.99 -0.21
C LYS A 39 -5.21 7.84 0.54
N LEU A 40 -5.11 6.62 -0.01
CA LEU A 40 -5.68 5.43 0.63
C LEU A 40 -4.97 5.11 1.96
N ARG A 41 -3.73 5.56 2.09
CA ARG A 41 -2.91 5.29 3.27
C ARG A 41 -2.75 6.54 4.16
N SER A 42 -3.57 7.56 3.90
CA SER A 42 -3.55 8.82 4.68
C SER A 42 -2.22 9.56 4.55
N LEU A 43 -1.48 9.26 3.48
CA LEU A 43 -0.17 9.89 3.22
C LEU A 43 -0.31 11.19 2.42
N PRO A 44 0.59 12.18 2.65
CA PRO A 44 0.60 13.45 1.90
C PRO A 44 0.67 13.27 0.37
N VAL A 45 -0.37 13.72 -0.33
CA VAL A 45 -0.42 13.61 -1.80
C VAL A 45 0.14 14.87 -2.49
N SER A 46 0.23 15.97 -1.74
CA SER A 46 0.70 17.25 -2.31
C SER A 46 2.23 17.35 -2.29
N GLY A 47 2.89 16.33 -2.83
CA GLY A 47 4.35 16.36 -2.96
C GLY A 47 4.80 16.10 -4.39
N THR A 48 6.07 16.39 -4.68
CA THR A 48 6.63 16.16 -6.02
C THR A 48 6.92 14.67 -6.27
N LYS A 49 7.14 14.32 -7.53
CA LYS A 49 7.33 12.92 -7.96
C LYS A 49 8.29 12.13 -7.03
N THR A 50 9.49 12.69 -6.82
CA THR A 50 10.50 12.05 -5.97
C THR A 50 10.01 11.92 -4.52
N GLU A 51 9.38 12.98 -4.00
CA GLU A 51 8.83 12.95 -2.63
C GLU A 51 7.82 11.81 -2.47
N LEU A 52 6.98 11.62 -3.48
CA LEU A 52 5.97 10.55 -3.47
C LEU A 52 6.63 9.16 -3.43
N ILE A 53 7.68 8.98 -4.24
CA ILE A 53 8.41 7.71 -4.31
C ILE A 53 9.12 7.39 -2.99
N GLU A 54 9.89 8.35 -2.47
CA GLU A 54 10.58 8.18 -1.18
C GLU A 54 9.58 7.88 -0.06
N ARG A 55 8.48 8.65 -0.04
CA ARG A 55 7.42 8.49 0.94
C ARG A 55 6.84 7.07 0.96
N LEU A 56 6.54 6.54 -0.23
CA LEU A 56 6.03 5.17 -0.36
C LEU A 56 7.06 4.13 0.11
N ARG A 57 8.30 4.25 -0.37
CA ARG A 57 9.36 3.31 -0.01
C ARG A 57 9.70 3.35 1.49
N ALA A 58 9.68 4.55 2.07
CA ALA A 58 9.96 4.73 3.50
C ALA A 58 8.79 4.24 4.37
N TYR A 59 7.57 4.42 3.87
CA TYR A 59 6.37 3.93 4.56
C TYR A 59 6.37 2.38 4.60
N GLN A 60 6.49 1.76 3.44
CA GLN A 60 6.55 0.29 3.35
C GLN A 60 7.75 -0.27 4.12
N ASP A 61 8.88 0.44 4.06
CA ASP A 61 10.11 0.05 4.75
C ASP A 61 9.88 -0.16 6.27
N GLN A 62 9.37 0.88 6.93
CA GLN A 62 9.23 0.88 8.39
C GLN A 62 8.09 -0.05 8.88
N ILE A 63 7.04 -0.20 8.08
CA ILE A 63 5.91 -1.07 8.47
C ILE A 63 6.22 -2.55 8.21
N SER A 64 7.21 -2.81 7.35
CA SER A 64 7.65 -4.18 7.05
C SER A 64 8.74 -4.64 8.04
N PRO A 65 8.66 -5.89 8.53
CA PRO A 65 9.66 -6.44 9.47
C PRO A 65 11.01 -6.73 8.78
N VAL A 66 12.06 -6.07 9.26
CA VAL A 66 13.41 -6.24 8.68
C VAL A 66 13.90 -7.70 8.79
N PRO A 67 14.27 -8.33 7.64
CA PRO A 67 14.68 -9.73 7.60
C PRO A 67 16.12 -9.97 8.09
N GLY A 68 16.26 -10.25 9.39
CA GLY A 68 17.58 -10.51 9.98
C GLY A 68 18.54 -9.32 9.92
N ALA A 69 18.00 -8.13 9.67
CA ALA A 69 18.81 -6.92 9.57
C ALA A 69 19.22 -6.40 10.97
N PRO A 70 20.47 -5.94 11.13
CA PRO A 70 20.97 -5.44 12.42
C PRO A 70 20.30 -4.12 12.86
N LYS A 71 19.19 -4.25 13.59
CA LYS A 71 18.46 -3.09 14.11
C LYS A 71 19.10 -2.58 15.41
N ALA A 72 19.84 -3.46 16.09
CA ALA A 72 20.45 -3.12 17.39
C ALA A 72 21.98 -2.96 17.29
N PRO A 73 22.46 -1.72 17.13
CA PRO A 73 23.90 -1.43 17.14
C PRO A 73 24.45 -1.26 18.57
N ALA A 74 25.67 -0.73 18.68
CA ALA A 74 26.32 -0.49 19.98
C ALA A 74 27.64 0.26 19.82
N ALA A 75 28.32 0.56 20.92
CA ALA A 75 29.64 1.18 20.87
C ALA A 75 30.73 0.16 20.48
N MET A 1 4.75 -21.39 55.58
CA MET A 1 4.46 -22.71 54.93
C MET A 1 3.23 -22.62 54.03
N GLY A 2 3.18 -23.46 52.99
CA GLY A 2 2.03 -23.46 52.09
C GLY A 2 2.28 -24.22 50.80
N HIS A 3 1.21 -24.44 50.04
CA HIS A 3 1.30 -25.19 48.78
C HIS A 3 1.34 -24.23 47.57
N HIS A 4 2.54 -23.84 47.19
CA HIS A 4 2.75 -22.91 46.08
C HIS A 4 3.01 -23.65 44.76
N HIS A 5 1.93 -23.93 44.03
CA HIS A 5 2.01 -24.66 42.76
C HIS A 5 2.09 -23.70 41.55
N HIS A 6 2.11 -22.39 41.84
CA HIS A 6 2.29 -21.35 40.80
C HIS A 6 1.05 -21.27 39.87
N HIS A 7 0.91 -20.16 39.15
CA HIS A 7 -0.23 -19.97 38.23
C HIS A 7 0.12 -20.36 36.78
N HIS A 8 -0.90 -20.50 35.94
CA HIS A 8 -0.71 -20.72 34.50
C HIS A 8 -1.45 -19.67 33.66
N SER A 9 -0.86 -18.48 33.57
CA SER A 9 -1.46 -17.39 32.77
C SER A 9 -1.10 -17.56 31.29
N HIS A 10 -2.12 -17.78 30.46
CA HIS A 10 -1.92 -18.04 29.03
C HIS A 10 -1.61 -16.75 28.27
N MET A 11 -0.49 -16.74 27.55
CA MET A 11 -0.07 -15.56 26.77
C MET A 11 0.53 -15.97 25.43
N SER A 12 0.37 -15.12 24.41
CA SER A 12 0.86 -15.43 23.05
C SER A 12 1.34 -14.18 22.30
N THR A 13 1.81 -14.39 21.07
CA THR A 13 2.25 -13.29 20.20
C THR A 13 1.12 -12.82 19.26
N PRO A 14 1.09 -11.53 18.89
CA PRO A 14 0.08 -10.99 17.96
C PRO A 14 0.30 -11.45 16.51
N LEU A 15 -0.78 -11.88 15.87
CA LEU A 15 -0.73 -12.40 14.50
C LEU A 15 -1.14 -11.33 13.46
N THR A 16 -0.94 -11.64 12.19
CA THR A 16 -1.33 -10.74 11.09
C THR A 16 -1.53 -11.51 9.77
N GLY A 17 -2.34 -10.97 8.88
CA GLY A 17 -2.59 -11.59 7.59
C GLY A 17 -2.60 -10.60 6.43
N LYS A 18 -1.88 -9.49 6.58
CA LYS A 18 -1.80 -8.46 5.54
C LYS A 18 -0.40 -8.36 4.94
N PRO A 19 -0.30 -8.20 3.60
CA PRO A 19 0.99 -8.00 2.91
C PRO A 19 1.45 -6.54 2.92
N GLY A 20 2.73 -6.30 2.58
CA GLY A 20 3.26 -4.95 2.55
C GLY A 20 4.42 -4.77 1.58
N ALA A 21 4.11 -4.65 0.28
CA ALA A 21 5.13 -4.44 -0.75
C ALA A 21 4.66 -3.44 -1.82
N LEU A 22 5.55 -2.50 -2.18
CA LEU A 22 5.25 -1.50 -3.20
C LEU A 22 5.43 -2.06 -4.63
N PRO A 23 4.70 -1.52 -5.62
CA PRO A 23 4.91 -1.88 -7.03
C PRO A 23 6.27 -1.36 -7.56
N ALA A 24 7.17 -2.28 -7.91
CA ALA A 24 8.53 -1.92 -8.35
C ALA A 24 8.54 -0.80 -9.41
N ASN A 25 7.48 -0.73 -10.22
CA ASN A 25 7.38 0.26 -11.29
C ASN A 25 6.87 1.63 -10.78
N LEU A 26 7.23 2.00 -9.54
CA LEU A 26 6.83 3.29 -8.97
C LEU A 26 7.13 4.47 -9.90
N ASP A 27 8.39 4.63 -10.29
CA ASP A 27 8.80 5.74 -11.14
C ASP A 27 8.15 5.68 -12.54
N ASP A 28 7.72 4.47 -12.93
CA ASP A 28 7.06 4.27 -14.23
C ASP A 28 5.61 4.80 -14.20
N MET A 29 4.95 4.69 -13.06
CA MET A 29 3.56 5.16 -12.92
C MET A 29 3.49 6.69 -12.87
N LYS A 30 2.37 7.23 -13.34
CA LYS A 30 2.18 8.69 -13.40
C LYS A 30 2.04 9.29 -11.99
N VAL A 31 2.40 10.58 -11.87
CA VAL A 31 2.36 11.28 -10.57
C VAL A 31 1.03 11.09 -9.83
N ALA A 32 -0.08 11.18 -10.56
CA ALA A 32 -1.41 10.95 -9.98
C ALA A 32 -1.54 9.54 -9.39
N GLU A 33 -1.04 8.53 -10.12
CA GLU A 33 -1.07 7.14 -9.66
C GLU A 33 -0.21 6.97 -8.40
N LEU A 34 0.91 7.69 -8.33
CA LEU A 34 1.77 7.67 -7.14
C LEU A 34 1.10 8.36 -5.94
N LYS A 35 0.41 9.47 -6.20
CA LYS A 35 -0.37 10.15 -5.15
C LYS A 35 -1.57 9.29 -4.73
N GLN A 36 -2.06 8.46 -5.65
CA GLN A 36 -3.11 7.48 -5.32
C GLN A 36 -2.56 6.44 -4.33
N GLU A 37 -1.34 5.97 -4.59
CA GLU A 37 -0.63 5.06 -3.68
C GLU A 37 -0.56 5.63 -2.25
N LEU A 38 -0.32 6.93 -2.15
CA LEU A 38 -0.23 7.62 -0.87
C LEU A 38 -1.59 7.73 -0.17
N LYS A 39 -2.56 8.35 -0.84
CA LYS A 39 -3.87 8.63 -0.23
C LYS A 39 -4.59 7.36 0.23
N LEU A 40 -4.49 6.28 -0.56
CA LEU A 40 -5.13 5.00 -0.21
C LEU A 40 -4.55 4.38 1.07
N ARG A 41 -3.41 4.89 1.51
CA ARG A 41 -2.75 4.40 2.73
C ARG A 41 -2.49 5.55 3.74
N SER A 42 -3.32 6.60 3.65
CA SER A 42 -3.29 7.73 4.61
C SER A 42 -1.97 8.51 4.60
N LEU A 43 -1.33 8.59 3.45
CA LEU A 43 -0.07 9.34 3.30
C LEU A 43 -0.30 10.70 2.59
N PRO A 44 0.47 11.75 2.98
CA PRO A 44 0.37 13.09 2.36
C PRO A 44 0.74 13.08 0.87
N VAL A 45 -0.07 13.77 0.05
CA VAL A 45 0.14 13.78 -1.42
C VAL A 45 0.64 15.13 -1.93
N SER A 46 1.06 16.00 -1.02
CA SER A 46 1.44 17.39 -1.37
C SER A 46 2.86 17.50 -1.96
N GLY A 47 3.48 16.37 -2.26
CA GLY A 47 4.84 16.37 -2.81
C GLY A 47 4.92 16.05 -4.30
N THR A 48 6.10 16.24 -4.89
CA THR A 48 6.34 15.89 -6.30
C THR A 48 6.67 14.40 -6.47
N LYS A 49 6.87 13.97 -7.71
CA LYS A 49 7.12 12.56 -8.04
C LYS A 49 8.15 11.90 -7.11
N THR A 50 9.28 12.57 -6.89
CA THR A 50 10.33 12.04 -6.00
C THR A 50 9.82 11.94 -4.54
N GLU A 51 9.14 12.99 -4.08
CA GLU A 51 8.54 13.00 -2.73
C GLU A 51 7.60 11.81 -2.53
N LEU A 52 6.77 11.55 -3.54
CA LEU A 52 5.77 10.47 -3.48
C LEU A 52 6.43 9.10 -3.21
N ILE A 53 7.43 8.77 -4.02
CA ILE A 53 8.15 7.50 -3.87
C ILE A 53 8.82 7.37 -2.50
N GLU A 54 9.61 8.37 -2.12
CA GLU A 54 10.32 8.35 -0.84
C GLU A 54 9.34 8.26 0.35
N ARG A 55 8.19 8.91 0.21
CA ARG A 55 7.15 8.87 1.23
C ARG A 55 6.61 7.44 1.41
N LEU A 56 6.40 6.76 0.29
CA LEU A 56 6.01 5.33 0.31
C LEU A 56 7.10 4.47 0.96
N ARG A 57 8.35 4.71 0.58
CA ARG A 57 9.48 3.96 1.13
C ARG A 57 9.62 4.16 2.65
N ALA A 58 9.31 5.36 3.13
CA ALA A 58 9.29 5.66 4.57
C ALA A 58 8.16 4.90 5.28
N TYR A 59 7.00 4.82 4.62
CA TYR A 59 5.86 4.06 5.15
C TYR A 59 6.20 2.56 5.25
N GLN A 60 6.84 2.01 4.22
CA GLN A 60 7.27 0.61 4.22
C GLN A 60 8.35 0.35 5.29
N ASP A 61 9.33 1.25 5.34
CA ASP A 61 10.46 1.15 6.27
C ASP A 61 10.02 0.82 7.72
N GLN A 62 8.91 1.41 8.15
CA GLN A 62 8.44 1.27 9.53
C GLN A 62 7.55 0.03 9.74
N ILE A 63 6.87 -0.42 8.68
CA ILE A 63 5.93 -1.55 8.80
C ILE A 63 6.56 -2.89 8.39
N SER A 64 7.65 -2.84 7.62
CA SER A 64 8.31 -4.05 7.10
C SER A 64 9.02 -4.82 8.22
N PRO A 65 8.98 -6.17 8.18
CA PRO A 65 9.63 -7.02 9.20
C PRO A 65 11.16 -6.98 9.15
N VAL A 66 11.73 -5.91 9.69
CA VAL A 66 13.18 -5.73 9.75
C VAL A 66 13.77 -6.21 11.10
N PRO A 67 15.01 -6.75 11.09
CA PRO A 67 15.65 -7.31 12.31
C PRO A 67 15.78 -6.31 13.47
N GLY A 68 16.36 -5.14 13.20
CA GLY A 68 16.56 -4.13 14.25
C GLY A 68 15.26 -3.49 14.73
N ALA A 69 14.38 -3.14 13.77
CA ALA A 69 13.07 -2.54 14.06
C ALA A 69 13.20 -1.11 14.64
N PRO A 70 12.70 -0.09 13.90
CA PRO A 70 12.73 1.31 14.36
C PRO A 70 12.17 1.50 15.79
N LYS A 71 12.87 2.28 16.61
CA LYS A 71 12.50 2.46 18.01
C LYS A 71 11.11 3.11 18.19
N ALA A 72 10.59 3.74 17.13
CA ALA A 72 9.25 4.35 17.18
C ALA A 72 8.33 3.74 16.10
N PRO A 73 7.74 2.56 16.38
CA PRO A 73 6.83 1.88 15.46
C PRO A 73 5.34 2.16 15.75
N ALA A 74 4.46 1.41 15.07
CA ALA A 74 3.01 1.51 15.30
C ALA A 74 2.52 0.35 16.18
N ALA A 75 1.62 0.66 17.12
CA ALA A 75 1.06 -0.36 18.03
C ALA A 75 -0.36 -0.79 17.60
N MET A 1 -47.12 16.24 21.85
CA MET A 1 -47.20 14.79 21.55
C MET A 1 -46.92 14.51 20.07
N GLY A 2 -46.26 13.38 19.78
CA GLY A 2 -45.92 13.05 18.40
C GLY A 2 -45.75 11.54 18.17
N HIS A 3 -45.89 11.12 16.92
CA HIS A 3 -45.78 9.71 16.55
C HIS A 3 -44.31 9.30 16.32
N HIS A 4 -43.83 8.32 17.08
CA HIS A 4 -42.44 7.82 16.94
C HIS A 4 -42.41 6.48 16.17
N HIS A 5 -42.00 6.54 14.90
CA HIS A 5 -41.93 5.34 14.06
C HIS A 5 -40.52 4.71 14.09
N HIS A 6 -40.38 3.59 14.81
CA HIS A 6 -39.08 2.92 14.95
C HIS A 6 -38.69 2.14 13.69
N HIS A 7 -37.38 2.09 13.40
CA HIS A 7 -36.85 1.39 12.23
C HIS A 7 -35.33 1.15 12.31
N HIS A 8 -34.82 0.25 11.48
CA HIS A 8 -33.37 0.00 11.39
C HIS A 8 -32.97 -0.33 9.94
N SER A 9 -31.67 -0.20 9.63
CA SER A 9 -31.17 -0.43 8.26
C SER A 9 -29.80 -1.14 8.28
N HIS A 10 -29.20 -1.34 7.10
CA HIS A 10 -27.89 -1.99 6.99
C HIS A 10 -26.81 -1.02 6.48
N MET A 11 -25.55 -1.35 6.71
CA MET A 11 -24.43 -0.55 6.21
C MET A 11 -23.28 -1.45 5.74
N SER A 12 -23.12 -1.60 4.43
CA SER A 12 -22.08 -2.46 3.85
C SER A 12 -20.74 -1.70 3.69
N THR A 13 -19.65 -2.38 4.02
CA THR A 13 -18.30 -1.80 3.92
C THR A 13 -17.58 -2.28 2.64
N PRO A 14 -16.61 -1.51 2.12
CA PRO A 14 -15.91 -1.85 0.87
C PRO A 14 -14.78 -2.90 1.04
N LEU A 15 -14.43 -3.56 -0.06
CA LEU A 15 -13.28 -4.48 -0.07
C LEU A 15 -11.95 -3.73 -0.02
N THR A 16 -10.85 -4.44 0.25
CA THR A 16 -9.52 -3.82 0.34
C THR A 16 -8.42 -4.77 -0.13
N GLY A 17 -7.45 -4.23 -0.88
CA GLY A 17 -6.30 -5.01 -1.31
C GLY A 17 -5.11 -4.87 -0.35
N LYS A 18 -4.89 -5.90 0.47
CA LYS A 18 -3.85 -5.88 1.52
C LYS A 18 -2.45 -5.56 0.94
N PRO A 19 -1.85 -4.43 1.35
CA PRO A 19 -0.50 -4.05 0.90
C PRO A 19 0.62 -4.71 1.71
N GLY A 20 1.60 -5.28 1.01
CA GLY A 20 2.77 -5.85 1.67
C GLY A 20 4.08 -5.37 1.06
N ALA A 21 4.20 -5.54 -0.25
CA ALA A 21 5.36 -5.06 -1.01
C ALA A 21 4.92 -4.14 -2.16
N LEU A 22 5.61 -3.01 -2.31
CA LEU A 22 5.26 -2.02 -3.35
C LEU A 22 5.75 -2.45 -4.74
N PRO A 23 5.03 -2.06 -5.81
CA PRO A 23 5.47 -2.28 -7.19
C PRO A 23 6.76 -1.48 -7.52
N ALA A 24 7.78 -2.17 -7.99
CA ALA A 24 9.08 -1.54 -8.25
C ALA A 24 8.99 -0.34 -9.22
N ASN A 25 7.94 -0.33 -10.05
CA ASN A 25 7.76 0.73 -11.06
C ASN A 25 7.13 2.01 -10.50
N LEU A 26 7.17 2.22 -9.18
CA LEU A 26 6.66 3.46 -8.57
C LEU A 26 7.21 4.72 -9.26
N ASP A 27 8.53 4.74 -9.48
CA ASP A 27 9.18 5.86 -10.14
C ASP A 27 8.88 5.91 -11.65
N ASP A 28 8.61 4.75 -12.24
CA ASP A 28 8.30 4.67 -13.68
C ASP A 28 6.85 5.10 -13.98
N MET A 29 5.97 5.01 -12.98
CA MET A 29 4.58 5.43 -13.14
C MET A 29 4.42 6.95 -13.04
N LYS A 30 3.17 7.42 -13.14
CA LYS A 30 2.88 8.85 -13.13
C LYS A 30 2.70 9.40 -11.70
N VAL A 31 2.73 10.72 -11.56
CA VAL A 31 2.57 11.37 -10.25
C VAL A 31 1.17 11.07 -9.66
N ALA A 32 0.14 11.12 -10.50
CA ALA A 32 -1.23 10.84 -10.09
C ALA A 32 -1.36 9.46 -9.42
N GLU A 33 -0.65 8.47 -9.96
CA GLU A 33 -0.64 7.11 -9.39
C GLU A 33 -0.13 7.11 -7.95
N LEU A 34 0.99 7.77 -7.73
CA LEU A 34 1.59 7.89 -6.39
C LEU A 34 0.62 8.57 -5.41
N LYS A 35 0.02 9.67 -5.85
CA LYS A 35 -0.97 10.40 -5.05
C LYS A 35 -2.16 9.49 -4.68
N GLN A 36 -2.57 8.64 -5.61
CA GLN A 36 -3.65 7.67 -5.36
C GLN A 36 -3.19 6.60 -4.35
N GLU A 37 -1.95 6.12 -4.51
CA GLU A 37 -1.35 5.16 -3.57
C GLU A 37 -1.28 5.72 -2.14
N LEU A 38 -1.16 7.04 -2.03
CA LEU A 38 -1.07 7.70 -0.73
C LEU A 38 -2.42 7.74 0.00
N LYS A 39 -3.46 8.27 -0.65
CA LYS A 39 -4.80 8.42 -0.03
C LYS A 39 -5.36 7.09 0.48
N LEU A 40 -5.02 5.99 -0.18
CA LEU A 40 -5.45 4.65 0.26
C LEU A 40 -4.92 4.32 1.66
N ARG A 41 -3.70 4.77 1.94
CA ARG A 41 -3.02 4.45 3.20
C ARG A 41 -2.92 5.68 4.14
N SER A 42 -3.86 6.62 3.99
CA SER A 42 -3.97 7.78 4.90
C SER A 42 -2.80 8.77 4.74
N LEU A 43 -2.02 8.61 3.68
CA LEU A 43 -0.87 9.49 3.41
C LEU A 43 -1.30 10.73 2.60
N PRO A 44 -0.63 11.89 2.81
CA PRO A 44 -0.99 13.14 2.12
C PRO A 44 -0.65 13.12 0.62
N VAL A 45 -1.64 13.38 -0.22
CA VAL A 45 -1.48 13.32 -1.68
C VAL A 45 -0.72 14.53 -2.26
N SER A 46 0.14 15.16 -1.46
CA SER A 46 0.88 16.35 -1.90
C SER A 46 2.41 16.15 -1.77
N GLY A 47 3.11 16.46 -2.86
CA GLY A 47 4.56 16.32 -2.91
C GLY A 47 5.06 16.07 -4.33
N THR A 48 6.36 16.24 -4.57
CA THR A 48 6.93 16.03 -5.92
C THR A 48 7.10 14.54 -6.24
N LYS A 49 7.24 14.23 -7.54
CA LYS A 49 7.39 12.85 -8.02
C LYS A 49 8.36 12.03 -7.14
N THR A 50 9.62 12.47 -7.10
CA THR A 50 10.67 11.74 -6.36
C THR A 50 10.31 11.54 -4.88
N GLU A 51 9.81 12.60 -4.24
CA GLU A 51 9.50 12.56 -2.81
C GLU A 51 8.34 11.60 -2.49
N LEU A 52 7.30 11.60 -3.33
CA LEU A 52 6.15 10.70 -3.13
C LEU A 52 6.57 9.23 -3.22
N ILE A 53 7.43 8.92 -4.20
CA ILE A 53 7.98 7.58 -4.36
C ILE A 53 8.72 7.12 -3.10
N GLU A 54 9.68 7.92 -2.67
CA GLU A 54 10.46 7.62 -1.46
C GLU A 54 9.60 7.69 -0.19
N ARG A 55 8.50 8.45 -0.24
CA ARG A 55 7.55 8.52 0.87
C ARG A 55 6.83 7.17 1.04
N LEU A 56 6.37 6.59 -0.07
CA LEU A 56 5.77 5.26 -0.06
C LEU A 56 6.77 4.20 0.44
N ARG A 57 7.99 4.23 -0.12
CA ARG A 57 9.05 3.30 0.30
C ARG A 57 9.43 3.49 1.77
N ALA A 58 9.44 4.75 2.23
CA ALA A 58 9.73 5.06 3.63
C ALA A 58 8.63 4.53 4.55
N TYR A 59 7.37 4.68 4.11
CA TYR A 59 6.22 4.16 4.85
C TYR A 59 6.32 2.64 5.07
N GLN A 60 6.62 1.91 4.00
CA GLN A 60 6.83 0.47 4.10
C GLN A 60 8.05 0.14 4.98
N ASP A 61 9.14 0.90 4.80
CA ASP A 61 10.36 0.72 5.57
C ASP A 61 10.12 0.81 7.09
N GLN A 62 9.40 1.85 7.51
CA GLN A 62 9.14 2.07 8.94
C GLN A 62 8.20 1.01 9.54
N ILE A 63 7.27 0.49 8.72
CA ILE A 63 6.34 -0.56 9.18
C ILE A 63 6.84 -1.97 8.85
N SER A 64 8.06 -2.05 8.30
CA SER A 64 8.69 -3.32 7.90
C SER A 64 8.03 -3.89 6.62
N PRO A 65 8.70 -3.79 5.46
CA PRO A 65 8.18 -4.32 4.20
C PRO A 65 8.12 -5.85 4.18
N VAL A 66 6.92 -6.41 4.17
CA VAL A 66 6.74 -7.87 4.18
C VAL A 66 6.38 -8.42 2.79
N PRO A 67 7.06 -9.50 2.34
CA PRO A 67 6.76 -10.14 1.05
C PRO A 67 5.52 -11.04 1.10
N GLY A 68 4.88 -11.10 2.27
CA GLY A 68 3.73 -11.97 2.47
C GLY A 68 3.92 -12.95 3.62
N ALA A 69 5.19 -13.27 3.90
CA ALA A 69 5.57 -14.19 5.00
C ALA A 69 5.13 -15.64 4.71
N PRO A 70 5.75 -16.64 5.37
CA PRO A 70 5.38 -18.06 5.21
C PRO A 70 4.01 -18.42 5.82
N LYS A 71 3.09 -17.46 5.84
CA LYS A 71 1.73 -17.67 6.34
C LYS A 71 0.86 -18.36 5.29
N ALA A 72 0.97 -19.67 5.20
CA ALA A 72 0.26 -20.45 4.18
C ALA A 72 -0.95 -21.22 4.75
N PRO A 73 -2.19 -20.78 4.43
CA PRO A 73 -3.41 -21.50 4.83
C PRO A 73 -3.81 -22.60 3.82
N ALA A 74 -2.90 -22.92 2.90
CA ALA A 74 -3.15 -23.93 1.86
C ALA A 74 -2.58 -25.30 2.26
N ALA A 75 -2.50 -26.22 1.29
CA ALA A 75 -1.94 -27.57 1.53
C ALA A 75 -1.36 -28.18 0.25
N MET A 1 -43.77 32.89 5.93
CA MET A 1 -44.14 31.98 4.81
C MET A 1 -42.91 31.23 4.27
N GLY A 2 -43.04 30.63 3.09
CA GLY A 2 -41.95 29.86 2.51
C GLY A 2 -42.33 28.41 2.31
N HIS A 3 -41.51 27.67 1.57
CA HIS A 3 -41.79 26.25 1.29
C HIS A 3 -40.56 25.38 1.50
N HIS A 4 -40.79 24.08 1.69
CA HIS A 4 -39.72 23.11 1.95
C HIS A 4 -39.66 22.03 0.87
N HIS A 5 -38.49 21.79 0.32
CA HIS A 5 -38.31 20.80 -0.75
C HIS A 5 -37.13 19.87 -0.45
N HIS A 6 -37.37 18.56 -0.56
CA HIS A 6 -36.32 17.56 -0.33
C HIS A 6 -35.85 16.90 -1.63
N HIS A 7 -34.66 16.31 -1.59
CA HIS A 7 -34.11 15.58 -2.72
C HIS A 7 -33.22 14.42 -2.23
N HIS A 8 -33.66 13.19 -2.48
CA HIS A 8 -32.98 11.99 -1.98
C HIS A 8 -32.22 11.27 -3.10
N SER A 9 -30.89 11.34 -3.06
CA SER A 9 -30.03 10.67 -4.04
C SER A 9 -29.33 9.45 -3.42
N HIS A 10 -29.85 8.25 -3.69
CA HIS A 10 -29.24 7.01 -3.18
C HIS A 10 -27.97 6.67 -3.96
N MET A 11 -26.82 7.10 -3.43
CA MET A 11 -25.52 6.85 -4.06
C MET A 11 -24.80 5.65 -3.42
N SER A 12 -23.88 5.06 -4.16
CA SER A 12 -23.23 3.80 -3.75
C SER A 12 -21.97 4.03 -2.90
N THR A 13 -21.42 2.94 -2.37
CA THR A 13 -20.22 2.98 -1.52
C THR A 13 -19.09 2.17 -2.17
N PRO A 14 -17.95 2.82 -2.51
CA PRO A 14 -16.79 2.13 -3.10
C PRO A 14 -16.03 1.26 -2.08
N LEU A 15 -15.90 -0.03 -2.37
CA LEU A 15 -15.16 -0.95 -1.49
C LEU A 15 -13.67 -0.62 -1.46
N THR A 16 -13.01 -0.91 -0.33
CA THR A 16 -11.60 -0.57 -0.15
C THR A 16 -10.72 -1.82 0.01
N GLY A 17 -9.90 -2.08 -1.01
CA GLY A 17 -8.96 -3.19 -0.93
C GLY A 17 -7.68 -2.81 -0.18
N LYS A 18 -6.83 -3.79 0.10
CA LYS A 18 -5.58 -3.54 0.82
C LYS A 18 -4.44 -3.11 -0.12
N PRO A 19 -3.86 -1.91 0.11
CA PRO A 19 -2.71 -1.42 -0.65
C PRO A 19 -1.36 -1.68 0.05
N GLY A 20 -1.30 -2.73 0.86
CA GLY A 20 -0.11 -3.02 1.66
C GLY A 20 1.02 -3.68 0.86
N ALA A 21 1.46 -3.03 -0.21
CA ALA A 21 2.58 -3.50 -1.05
C ALA A 21 2.88 -2.52 -2.18
N LEU A 22 4.14 -2.10 -2.28
CA LEU A 22 4.55 -1.13 -3.31
C LEU A 22 5.07 -1.82 -4.58
N PRO A 23 4.74 -1.28 -5.76
CA PRO A 23 5.27 -1.77 -7.04
C PRO A 23 6.75 -1.36 -7.26
N ALA A 24 7.49 -2.15 -8.03
CA ALA A 24 8.87 -1.83 -8.38
C ALA A 24 8.93 -0.70 -9.43
N ASN A 25 7.79 -0.50 -10.11
CA ASN A 25 7.68 0.53 -11.16
C ASN A 25 7.34 1.92 -10.60
N LEU A 26 7.66 2.18 -9.33
CA LEU A 26 7.37 3.50 -8.72
C LEU A 26 7.94 4.65 -9.57
N ASP A 27 9.12 4.43 -10.15
CA ASP A 27 9.76 5.41 -11.02
C ASP A 27 8.99 5.58 -12.34
N ASP A 28 8.43 4.48 -12.85
CA ASP A 28 7.64 4.48 -14.09
C ASP A 28 6.24 5.07 -13.87
N MET A 29 5.65 4.77 -12.71
CA MET A 29 4.28 5.16 -12.39
C MET A 29 4.08 6.68 -12.42
N LYS A 30 2.92 7.10 -12.92
CA LYS A 30 2.57 8.51 -13.02
C LYS A 30 2.35 9.16 -11.63
N VAL A 31 2.66 10.45 -11.55
CA VAL A 31 2.51 11.22 -10.30
C VAL A 31 1.13 11.00 -9.64
N ALA A 32 0.08 11.03 -10.44
CA ALA A 32 -1.29 10.82 -9.94
C ALA A 32 -1.47 9.43 -9.31
N GLU A 33 -0.86 8.42 -9.92
CA GLU A 33 -0.97 7.04 -9.43
C GLU A 33 -0.25 6.87 -8.09
N LEU A 34 0.89 7.53 -7.94
CA LEU A 34 1.62 7.53 -6.67
C LEU A 34 0.77 8.14 -5.56
N LYS A 35 0.13 9.27 -5.84
CA LYS A 35 -0.78 9.92 -4.88
C LYS A 35 -2.00 9.04 -4.59
N GLN A 36 -2.40 8.24 -5.58
CA GLN A 36 -3.53 7.32 -5.43
C GLN A 36 -3.28 6.28 -4.33
N GLU A 37 -2.03 5.81 -4.20
CA GLU A 37 -1.67 4.89 -3.11
C GLU A 37 -1.40 5.65 -1.80
N LEU A 38 -0.92 6.88 -1.89
CA LEU A 38 -0.73 7.73 -0.71
C LEU A 38 -2.04 7.94 0.06
N LYS A 39 -3.07 8.42 -0.65
CA LYS A 39 -4.39 8.67 -0.06
C LYS A 39 -4.95 7.41 0.63
N LEU A 40 -4.70 6.24 0.03
CA LEU A 40 -5.20 4.97 0.56
C LEU A 40 -4.49 4.59 1.88
N ARG A 41 -3.23 5.01 2.04
CA ARG A 41 -2.44 4.66 3.23
C ARG A 41 -2.30 5.85 4.20
N SER A 42 -3.23 6.82 4.11
CA SER A 42 -3.25 7.98 5.04
C SER A 42 -1.99 8.85 4.90
N LEU A 43 -1.40 8.85 3.73
CA LEU A 43 -0.20 9.65 3.44
C LEU A 43 -0.55 10.94 2.68
N PRO A 44 0.22 12.03 2.89
CA PRO A 44 -0.03 13.31 2.20
C PRO A 44 0.27 13.26 0.69
N VAL A 45 -0.68 13.73 -0.11
CA VAL A 45 -0.53 13.76 -1.58
C VAL A 45 0.39 14.90 -2.02
N SER A 46 0.54 15.92 -1.18
CA SER A 46 1.42 17.07 -1.46
C SER A 46 2.89 16.63 -1.59
N GLY A 47 3.37 16.54 -2.83
CA GLY A 47 4.77 16.20 -3.06
C GLY A 47 5.14 16.06 -4.54
N THR A 48 6.43 16.28 -4.86
CA THR A 48 6.94 16.05 -6.22
C THR A 48 7.15 14.55 -6.48
N LYS A 49 7.51 14.19 -7.72
CA LYS A 49 7.73 12.78 -8.08
C LYS A 49 8.67 12.08 -7.07
N THR A 50 9.81 12.71 -6.79
CA THR A 50 10.76 12.19 -5.79
C THR A 50 10.11 12.04 -4.42
N GLU A 51 9.44 13.10 -3.96
CA GLU A 51 8.76 13.11 -2.66
C GLU A 51 7.78 11.95 -2.51
N LEU A 52 6.97 11.73 -3.55
CA LEU A 52 5.96 10.66 -3.52
C LEU A 52 6.60 9.27 -3.41
N ILE A 53 7.61 9.02 -4.25
CA ILE A 53 8.31 7.72 -4.25
C ILE A 53 8.95 7.42 -2.89
N GLU A 54 9.68 8.39 -2.32
CA GLU A 54 10.32 8.19 -1.01
C GLU A 54 9.28 8.10 0.11
N ARG A 55 8.22 8.91 0.02
CA ARG A 55 7.12 8.88 1.00
C ARG A 55 6.43 7.51 1.01
N LEU A 56 6.16 6.97 -0.18
CA LEU A 56 5.61 5.62 -0.31
C LEU A 56 6.54 4.59 0.33
N ARG A 57 7.81 4.63 -0.04
CA ARG A 57 8.81 3.68 0.47
C ARG A 57 8.96 3.76 2.00
N ALA A 58 9.09 4.98 2.53
CA ALA A 58 9.29 5.19 3.97
C ALA A 58 8.17 4.53 4.80
N TYR A 59 6.91 4.82 4.44
CA TYR A 59 5.76 4.23 5.15
C TYR A 59 5.80 2.70 5.12
N GLN A 60 6.17 2.13 3.98
CA GLN A 60 6.26 0.68 3.82
C GLN A 60 7.53 0.14 4.53
N ASP A 61 8.56 0.97 4.58
CA ASP A 61 9.86 0.59 5.15
C ASP A 61 9.75 0.30 6.66
N GLN A 62 8.91 1.08 7.35
CA GLN A 62 8.70 0.90 8.79
C GLN A 62 8.07 -0.48 9.12
N ILE A 63 7.21 -0.97 8.22
CA ILE A 63 6.47 -2.22 8.45
C ILE A 63 7.07 -3.40 7.64
N SER A 64 8.23 -3.18 7.04
CA SER A 64 8.91 -4.22 6.23
C SER A 64 10.38 -4.39 6.68
N PRO A 65 10.82 -5.65 6.93
CA PRO A 65 12.19 -5.93 7.41
C PRO A 65 13.29 -5.29 6.55
N VAL A 66 14.02 -4.34 7.11
CA VAL A 66 15.03 -3.57 6.37
C VAL A 66 16.42 -4.23 6.40
N PRO A 67 17.14 -4.22 5.24
CA PRO A 67 18.49 -4.76 5.14
C PRO A 67 19.58 -3.72 5.50
N GLY A 68 20.16 -3.84 6.69
CA GLY A 68 21.19 -2.91 7.13
C GLY A 68 20.63 -1.59 7.66
N ALA A 69 20.07 -0.78 6.73
CA ALA A 69 19.45 0.53 7.07
C ALA A 69 20.47 1.58 7.54
N PRO A 70 20.17 2.88 7.37
CA PRO A 70 21.04 3.98 7.83
C PRO A 70 21.03 4.14 9.37
N LYS A 71 22.08 4.75 9.90
CA LYS A 71 22.19 4.96 11.36
C LYS A 71 21.75 6.38 11.75
N ALA A 72 20.59 6.49 12.39
CA ALA A 72 20.06 7.80 12.80
C ALA A 72 19.20 7.68 14.06
N PRO A 73 19.75 8.05 15.24
CA PRO A 73 18.99 8.02 16.50
C PRO A 73 17.92 9.13 16.57
N ALA A 74 16.82 8.85 17.27
CA ALA A 74 15.74 9.83 17.45
C ALA A 74 15.91 10.66 18.73
N ALA A 75 15.18 11.76 18.83
CA ALA A 75 15.24 12.62 20.02
C ALA A 75 14.45 12.03 21.20
N MET A 1 -51.79 17.31 4.06
CA MET A 1 -50.43 17.52 3.48
C MET A 1 -49.40 17.85 4.58
N GLY A 2 -48.12 17.72 4.25
CA GLY A 2 -47.06 18.00 5.22
C GLY A 2 -46.01 16.91 5.29
N HIS A 3 -45.15 16.83 4.27
CA HIS A 3 -44.06 15.84 4.22
C HIS A 3 -42.74 16.49 3.79
N HIS A 4 -41.63 15.93 4.27
CA HIS A 4 -40.29 16.40 3.89
C HIS A 4 -39.56 15.35 3.03
N HIS A 5 -38.72 15.81 2.11
CA HIS A 5 -37.97 14.91 1.24
C HIS A 5 -36.82 14.21 1.99
N HIS A 6 -37.03 12.94 2.30
CA HIS A 6 -36.04 12.14 3.01
C HIS A 6 -34.80 11.84 2.14
N HIS A 7 -33.90 12.81 2.07
CA HIS A 7 -32.65 12.65 1.33
C HIS A 7 -31.83 11.45 1.86
N HIS A 8 -31.30 10.64 0.95
CA HIS A 8 -30.52 9.46 1.32
C HIS A 8 -29.55 9.06 0.21
N SER A 9 -28.30 8.78 0.59
CA SER A 9 -27.27 8.35 -0.37
C SER A 9 -26.62 7.03 0.08
N HIS A 10 -26.42 6.10 -0.85
CA HIS A 10 -25.79 4.82 -0.52
C HIS A 10 -24.29 5.02 -0.16
N MET A 11 -24.02 5.16 1.14
CA MET A 11 -22.65 5.42 1.61
C MET A 11 -22.10 4.27 2.45
N SER A 12 -21.13 3.55 1.89
CA SER A 12 -20.41 2.49 2.62
C SER A 12 -18.94 2.88 2.81
N THR A 13 -18.24 2.13 3.66
CA THR A 13 -16.80 2.35 3.89
C THR A 13 -15.97 1.34 3.11
N PRO A 14 -14.89 1.79 2.44
CA PRO A 14 -14.01 0.90 1.66
C PRO A 14 -13.25 -0.12 2.53
N LEU A 15 -13.41 -1.40 2.22
CA LEU A 15 -12.71 -2.47 2.95
C LEU A 15 -11.21 -2.48 2.65
N THR A 16 -10.43 -3.08 3.55
CA THR A 16 -8.97 -3.11 3.43
C THR A 16 -8.49 -4.28 2.54
N GLY A 17 -8.89 -5.49 2.89
CA GLY A 17 -8.41 -6.67 2.19
C GLY A 17 -7.03 -7.11 2.67
N LYS A 18 -6.24 -7.72 1.78
CA LYS A 18 -4.88 -8.17 2.11
C LYS A 18 -3.82 -7.36 1.35
N PRO A 19 -3.20 -6.36 2.02
CA PRO A 19 -2.08 -5.60 1.43
C PRO A 19 -0.73 -6.30 1.65
N GLY A 20 0.36 -5.55 1.55
CA GLY A 20 1.68 -6.11 1.81
C GLY A 20 2.81 -5.19 1.38
N ALA A 21 3.43 -5.50 0.25
CA ALA A 21 4.58 -4.74 -0.25
C ALA A 21 4.16 -3.69 -1.30
N LEU A 22 5.15 -2.95 -1.81
CA LEU A 22 4.91 -1.93 -2.84
C LEU A 22 5.84 -2.14 -4.04
N PRO A 23 5.31 -2.01 -5.27
CA PRO A 23 6.10 -2.22 -6.51
C PRO A 23 7.25 -1.20 -6.68
N ALA A 24 8.40 -1.68 -7.13
CA ALA A 24 9.57 -0.81 -7.36
C ALA A 24 9.38 0.09 -8.60
N ASN A 25 8.26 -0.09 -9.29
CA ASN A 25 7.96 0.69 -10.51
C ASN A 25 7.35 2.07 -10.19
N LEU A 26 7.54 2.54 -8.96
CA LEU A 26 6.99 3.83 -8.52
C LEU A 26 7.49 4.99 -9.41
N ASP A 27 8.78 4.95 -9.77
CA ASP A 27 9.35 5.93 -10.69
C ASP A 27 8.69 5.85 -12.09
N ASP A 28 8.32 4.65 -12.49
CA ASP A 28 7.70 4.42 -13.80
C ASP A 28 6.26 4.95 -13.85
N MET A 29 5.49 4.70 -12.78
CA MET A 29 4.09 5.16 -12.70
C MET A 29 4.02 6.69 -12.58
N LYS A 30 2.86 7.25 -12.92
CA LYS A 30 2.67 8.70 -12.98
C LYS A 30 2.23 9.31 -11.64
N VAL A 31 2.22 10.64 -11.57
CA VAL A 31 1.89 11.38 -10.35
C VAL A 31 0.52 11.00 -9.78
N ALA A 32 -0.49 10.99 -10.65
CA ALA A 32 -1.86 10.64 -10.24
C ALA A 32 -1.95 9.25 -9.61
N GLU A 33 -1.19 8.30 -10.16
CA GLU A 33 -1.16 6.93 -9.64
C GLU A 33 -0.47 6.86 -8.28
N LEU A 34 0.63 7.59 -8.14
CA LEU A 34 1.37 7.64 -6.87
C LEU A 34 0.51 8.26 -5.75
N LYS A 35 -0.13 9.40 -6.05
CA LYS A 35 -1.02 10.06 -5.09
C LYS A 35 -2.20 9.15 -4.69
N GLN A 36 -2.70 8.36 -5.66
CA GLN A 36 -3.78 7.41 -5.39
C GLN A 36 -3.36 6.38 -4.34
N GLU A 37 -2.14 5.86 -4.47
CA GLU A 37 -1.56 4.95 -3.47
C GLU A 37 -1.36 5.63 -2.10
N LEU A 38 -0.89 6.88 -2.14
CA LEU A 38 -0.65 7.66 -0.90
C LEU A 38 -1.95 7.89 -0.11
N LYS A 39 -2.95 8.48 -0.77
CA LYS A 39 -4.20 8.88 -0.10
C LYS A 39 -4.90 7.69 0.59
N LEU A 40 -4.81 6.51 -0.01
CA LEU A 40 -5.40 5.30 0.59
C LEU A 40 -4.74 4.95 1.93
N ARG A 41 -3.45 5.23 2.06
CA ARG A 41 -2.69 4.91 3.27
C ARG A 41 -2.39 6.17 4.11
N SER A 42 -3.20 7.21 3.93
CA SER A 42 -3.14 8.43 4.76
C SER A 42 -1.81 9.18 4.59
N LEU A 43 -1.15 8.96 3.46
CA LEU A 43 0.14 9.59 3.19
C LEU A 43 -0.01 10.92 2.42
N PRO A 44 0.70 11.99 2.84
CA PRO A 44 0.66 13.31 2.18
C PRO A 44 0.91 13.24 0.66
N VAL A 45 -0.11 13.60 -0.12
CA VAL A 45 -0.02 13.58 -1.59
C VAL A 45 0.58 14.86 -2.17
N SER A 46 0.74 15.89 -1.34
CA SER A 46 1.18 17.22 -1.80
C SER A 46 2.70 17.33 -1.99
N GLY A 47 3.34 16.23 -2.39
CA GLY A 47 4.79 16.23 -2.61
C GLY A 47 5.18 16.15 -4.09
N THR A 48 6.48 16.23 -4.36
CA THR A 48 7.00 16.10 -5.74
C THR A 48 6.99 14.64 -6.21
N LYS A 49 7.09 14.43 -7.52
CA LYS A 49 7.13 13.07 -8.11
C LYS A 49 8.07 12.14 -7.32
N THR A 50 9.25 12.66 -6.96
CA THR A 50 10.24 11.90 -6.18
C THR A 50 9.76 11.64 -4.75
N GLU A 51 9.21 12.67 -4.11
CA GLU A 51 8.71 12.54 -2.73
C GLU A 51 7.58 11.51 -2.63
N LEU A 52 6.66 11.52 -3.60
CA LEU A 52 5.56 10.55 -3.63
C LEU A 52 6.10 9.11 -3.58
N ILE A 53 7.21 8.90 -4.28
CA ILE A 53 7.88 7.60 -4.34
C ILE A 53 8.55 7.24 -3.00
N GLU A 54 9.46 8.10 -2.55
CA GLU A 54 10.21 7.85 -1.30
C GLU A 54 9.28 7.76 -0.08
N ARG A 55 8.17 8.50 -0.12
CA ARG A 55 7.18 8.45 0.96
C ARG A 55 6.51 7.06 1.04
N LEU A 56 6.19 6.48 -0.13
CA LEU A 56 5.67 5.11 -0.18
C LEU A 56 6.72 4.10 0.32
N ARG A 57 7.95 4.24 -0.16
CA ARG A 57 9.05 3.35 0.24
C ARG A 57 9.35 3.47 1.74
N ALA A 58 9.35 4.69 2.25
CA ALA A 58 9.60 4.95 3.68
C ALA A 58 8.50 4.37 4.57
N TYR A 59 7.24 4.47 4.11
CA TYR A 59 6.10 3.88 4.82
C TYR A 59 6.22 2.35 4.86
N GLN A 60 6.50 1.76 3.69
CA GLN A 60 6.71 0.31 3.58
C GLN A 60 7.89 -0.14 4.47
N ASP A 61 8.96 0.66 4.46
CA ASP A 61 10.17 0.37 5.24
C ASP A 61 9.86 0.29 6.75
N GLN A 62 9.16 1.29 7.28
CA GLN A 62 8.87 1.37 8.72
C GLN A 62 7.86 0.30 9.17
N ILE A 63 7.00 -0.18 8.27
CA ILE A 63 6.01 -1.21 8.63
C ILE A 63 6.56 -2.62 8.40
N SER A 64 7.62 -2.74 7.60
CA SER A 64 8.25 -4.03 7.32
C SER A 64 9.35 -4.36 8.34
N PRO A 65 9.32 -5.55 8.96
CA PRO A 65 10.35 -5.97 9.93
C PRO A 65 11.75 -6.08 9.31
N VAL A 66 12.48 -4.97 9.29
CA VAL A 66 13.83 -4.94 8.71
C VAL A 66 14.90 -4.61 9.76
N PRO A 67 16.12 -5.18 9.63
CA PRO A 67 17.23 -4.91 10.57
C PRO A 67 17.50 -3.40 10.74
N GLY A 68 17.60 -2.69 9.62
CA GLY A 68 17.85 -1.25 9.65
C GLY A 68 16.58 -0.42 9.83
N ALA A 69 15.64 -0.93 10.62
CA ALA A 69 14.40 -0.21 10.92
C ALA A 69 14.68 1.15 11.58
N PRO A 70 13.76 2.13 11.42
CA PRO A 70 13.93 3.47 12.02
C PRO A 70 14.10 3.42 13.55
N LYS A 71 14.80 4.39 14.11
CA LYS A 71 15.02 4.48 15.56
C LYS A 71 13.73 4.86 16.29
N ALA A 72 12.78 5.44 15.55
CA ALA A 72 11.45 5.76 16.08
C ALA A 72 10.62 4.50 16.34
N PRO A 73 10.07 4.32 17.56
CA PRO A 73 9.27 3.14 17.92
C PRO A 73 7.90 3.09 17.21
N ALA A 74 7.17 2.00 17.40
CA ALA A 74 5.84 1.84 16.81
C ALA A 74 4.84 2.89 17.31
N ALA A 75 4.05 3.44 16.40
CA ALA A 75 3.06 4.49 16.74
C ALA A 75 1.62 3.94 16.76
N MET A 1 -43.43 -3.42 -26.81
CA MET A 1 -43.41 -2.52 -25.62
C MET A 1 -42.80 -3.22 -24.40
N GLY A 2 -42.23 -4.40 -24.60
CA GLY A 2 -41.66 -5.17 -23.50
C GLY A 2 -42.54 -6.34 -23.08
N HIS A 3 -42.16 -7.01 -21.98
CA HIS A 3 -42.92 -8.14 -21.45
C HIS A 3 -42.66 -8.29 -19.94
N HIS A 4 -41.40 -8.32 -19.56
CA HIS A 4 -41.00 -8.41 -18.15
C HIS A 4 -39.71 -7.62 -17.90
N HIS A 5 -39.79 -6.56 -17.10
CA HIS A 5 -38.64 -5.68 -16.87
C HIS A 5 -37.60 -6.33 -15.95
N HIS A 6 -36.53 -6.85 -16.55
CA HIS A 6 -35.44 -7.45 -15.78
C HIS A 6 -34.56 -6.36 -15.15
N HIS A 7 -34.73 -6.15 -13.86
CA HIS A 7 -34.02 -5.09 -13.12
C HIS A 7 -32.51 -5.37 -13.05
N HIS A 8 -31.71 -4.31 -13.20
CA HIS A 8 -30.24 -4.43 -13.16
C HIS A 8 -29.74 -4.71 -11.73
N SER A 9 -29.57 -5.99 -11.42
CA SER A 9 -29.05 -6.42 -10.11
C SER A 9 -27.55 -6.71 -10.18
N HIS A 10 -26.83 -6.49 -9.08
CA HIS A 10 -25.39 -6.76 -9.02
C HIS A 10 -25.07 -7.95 -8.12
N MET A 11 -24.07 -8.76 -8.49
CA MET A 11 -23.73 -9.97 -7.73
C MET A 11 -22.38 -10.57 -8.17
N SER A 12 -21.90 -11.55 -7.39
CA SER A 12 -20.67 -12.31 -7.69
C SER A 12 -19.43 -11.41 -7.89
N THR A 13 -19.44 -10.22 -7.27
CA THR A 13 -18.30 -9.29 -7.39
C THR A 13 -17.10 -9.77 -6.55
N PRO A 14 -15.88 -9.83 -7.14
CA PRO A 14 -14.67 -10.39 -6.48
C PRO A 14 -14.06 -9.48 -5.36
N LEU A 15 -14.88 -8.62 -4.78
CA LEU A 15 -14.44 -7.73 -3.67
C LEU A 15 -13.28 -6.81 -4.06
N THR A 16 -12.77 -6.06 -3.08
CA THR A 16 -11.63 -5.15 -3.27
C THR A 16 -10.53 -5.42 -2.23
N GLY A 17 -9.43 -6.02 -2.67
CA GLY A 17 -8.34 -6.38 -1.75
C GLY A 17 -7.13 -5.46 -1.86
N LYS A 18 -6.06 -5.80 -1.12
CA LYS A 18 -4.83 -5.01 -1.13
C LYS A 18 -3.58 -5.90 -1.34
N PRO A 19 -2.49 -5.35 -1.90
CA PRO A 19 -1.20 -6.03 -1.97
C PRO A 19 -0.31 -5.72 -0.75
N GLY A 20 0.20 -6.74 -0.08
CA GLY A 20 1.03 -6.54 1.11
C GLY A 20 2.49 -6.18 0.79
N ALA A 21 2.67 -5.19 -0.10
CA ALA A 21 4.00 -4.74 -0.52
C ALA A 21 3.90 -3.57 -1.50
N LEU A 22 5.04 -2.96 -1.85
CA LEU A 22 5.06 -1.85 -2.81
C LEU A 22 5.28 -2.35 -4.25
N PRO A 23 4.54 -1.79 -5.23
CA PRO A 23 4.76 -2.09 -6.65
C PRO A 23 6.22 -1.84 -7.10
N ALA A 24 6.71 -2.68 -7.99
CA ALA A 24 8.10 -2.58 -8.46
C ALA A 24 8.33 -1.37 -9.37
N ASN A 25 7.26 -0.90 -10.01
CA ASN A 25 7.37 0.21 -10.99
C ASN A 25 6.93 1.56 -10.41
N LEU A 26 7.04 1.75 -9.09
CA LEU A 26 6.69 3.05 -8.46
C LEU A 26 7.35 4.23 -9.18
N ASP A 27 8.63 4.08 -9.54
CA ASP A 27 9.37 5.12 -10.26
C ASP A 27 8.79 5.34 -11.68
N ASP A 28 8.34 4.25 -12.30
CA ASP A 28 7.77 4.29 -13.66
C ASP A 28 6.38 4.94 -13.65
N MET A 29 5.64 4.76 -12.56
CA MET A 29 4.27 5.28 -12.44
C MET A 29 4.22 6.81 -12.48
N LYS A 30 3.07 7.35 -12.86
CA LYS A 30 2.87 8.80 -13.00
C LYS A 30 2.58 9.46 -11.63
N VAL A 31 2.84 10.76 -11.56
CA VAL A 31 2.70 11.52 -10.31
C VAL A 31 1.31 11.33 -9.67
N ALA A 32 0.26 11.51 -10.45
CA ALA A 32 -1.12 11.35 -9.97
C ALA A 32 -1.43 9.91 -9.53
N GLU A 33 -0.74 8.94 -10.11
CA GLU A 33 -0.94 7.52 -9.76
C GLU A 33 -0.34 7.22 -8.38
N LEU A 34 0.85 7.75 -8.12
CA LEU A 34 1.49 7.63 -6.80
C LEU A 34 0.62 8.26 -5.71
N LYS A 35 -0.06 9.35 -6.07
CA LYS A 35 -1.00 10.01 -5.16
C LYS A 35 -2.19 9.11 -4.83
N GLN A 36 -2.57 8.25 -5.76
CA GLN A 36 -3.62 7.24 -5.51
C GLN A 36 -3.14 6.23 -4.46
N GLU A 37 -1.90 5.76 -4.60
CA GLU A 37 -1.25 4.89 -3.61
C GLU A 37 -1.28 5.53 -2.21
N LEU A 38 -0.82 6.78 -2.14
CA LEU A 38 -0.71 7.52 -0.88
C LEU A 38 -2.05 7.68 -0.15
N LYS A 39 -3.06 8.20 -0.84
CA LYS A 39 -4.36 8.51 -0.22
C LYS A 39 -5.02 7.27 0.41
N LEU A 40 -4.82 6.11 -0.20
CA LEU A 40 -5.37 4.85 0.32
C LEU A 40 -4.71 4.44 1.65
N ARG A 41 -3.62 5.14 1.99
CA ARG A 41 -2.82 4.84 3.19
C ARG A 41 -2.73 6.07 4.11
N SER A 42 -3.60 7.06 3.86
CA SER A 42 -3.61 8.32 4.65
C SER A 42 -2.29 9.07 4.54
N LEU A 43 -1.62 8.96 3.39
CA LEU A 43 -0.35 9.64 3.14
C LEU A 43 -0.56 10.93 2.32
N PRO A 44 0.13 12.03 2.70
CA PRO A 44 0.00 13.33 2.01
C PRO A 44 0.47 13.30 0.54
N VAL A 45 -0.37 13.81 -0.35
CA VAL A 45 -0.10 13.78 -1.80
C VAL A 45 0.38 15.14 -2.33
N SER A 46 0.78 16.02 -1.41
CA SER A 46 1.15 17.41 -1.75
C SER A 46 2.44 17.51 -2.57
N GLY A 47 3.46 16.75 -2.19
CA GLY A 47 4.79 16.92 -2.77
C GLY A 47 4.94 16.45 -4.22
N THR A 48 6.15 16.61 -4.75
CA THR A 48 6.48 16.19 -6.12
C THR A 48 6.68 14.67 -6.22
N LYS A 49 6.78 14.15 -7.45
CA LYS A 49 6.89 12.70 -7.68
C LYS A 49 7.99 12.07 -6.81
N THR A 50 9.20 12.62 -6.85
CA THR A 50 10.31 12.11 -6.03
C THR A 50 9.93 12.06 -4.54
N GLU A 51 9.30 13.13 -4.06
CA GLU A 51 8.82 13.21 -2.68
C GLU A 51 7.81 12.08 -2.37
N LEU A 52 6.91 11.83 -3.32
CA LEU A 52 5.88 10.79 -3.17
C LEU A 52 6.51 9.40 -3.11
N ILE A 53 7.43 9.11 -4.03
CA ILE A 53 8.14 7.83 -4.07
C ILE A 53 8.89 7.57 -2.75
N GLU A 54 9.67 8.55 -2.31
CA GLU A 54 10.40 8.46 -1.05
C GLU A 54 9.44 8.23 0.13
N ARG A 55 8.31 8.95 0.12
CA ARG A 55 7.28 8.81 1.17
C ARG A 55 6.67 7.38 1.18
N LEU A 56 6.44 6.82 -0.01
CA LEU A 56 5.97 5.44 -0.14
C LEU A 56 6.98 4.44 0.43
N ARG A 57 8.24 4.57 -0.01
CA ARG A 57 9.30 3.66 0.43
C ARG A 57 9.76 3.94 1.88
N ALA A 58 9.44 5.14 2.37
CA ALA A 58 9.64 5.46 3.79
C ALA A 58 8.55 4.79 4.65
N TYR A 59 7.31 4.87 4.16
CA TYR A 59 6.17 4.19 4.80
C TYR A 59 6.38 2.67 4.81
N GLN A 60 7.13 2.18 3.81
CA GLN A 60 7.48 0.75 3.72
C GLN A 60 8.57 0.37 4.73
N ASP A 61 9.57 1.23 4.90
CA ASP A 61 10.72 0.95 5.78
C ASP A 61 10.27 0.62 7.23
N GLN A 62 9.12 1.15 7.64
CA GLN A 62 8.60 0.94 9.00
C GLN A 62 7.67 -0.30 9.09
N ILE A 63 7.45 -0.98 7.96
CA ILE A 63 6.62 -2.19 7.93
C ILE A 63 7.25 -3.32 7.10
N SER A 64 8.43 -3.07 6.54
CA SER A 64 9.11 -4.04 5.66
C SER A 64 9.93 -5.07 6.45
N PRO A 65 9.87 -6.36 6.05
CA PRO A 65 10.73 -7.40 6.64
C PRO A 65 12.19 -7.29 6.14
N VAL A 66 13.00 -6.54 6.89
CA VAL A 66 14.40 -6.29 6.51
C VAL A 66 15.29 -7.55 6.69
N PRO A 67 16.29 -7.75 5.81
CA PRO A 67 17.26 -8.84 5.95
C PRO A 67 18.08 -8.77 7.25
N GLY A 68 18.77 -7.64 7.47
CA GLY A 68 19.59 -7.48 8.67
C GLY A 68 19.49 -6.09 9.29
N ALA A 69 19.47 -5.06 8.45
CA ALA A 69 19.42 -3.65 8.90
C ALA A 69 20.73 -3.24 9.62
N PRO A 70 21.08 -1.93 9.56
CA PRO A 70 22.31 -1.41 10.21
C PRO A 70 22.48 -1.88 11.67
N LYS A 71 23.48 -2.73 11.90
CA LYS A 71 23.79 -3.20 13.25
C LYS A 71 24.46 -2.10 14.08
N ALA A 72 23.69 -1.52 15.01
CA ALA A 72 24.14 -0.36 15.80
C ALA A 72 24.56 0.82 14.87
N PRO A 73 23.57 1.53 14.29
CA PRO A 73 23.82 2.58 13.27
C PRO A 73 24.81 3.67 13.71
N ALA A 74 26.11 3.36 13.61
CA ALA A 74 27.20 4.30 13.93
C ALA A 74 27.02 4.96 15.31
N ALA A 75 26.34 4.26 16.21
CA ALA A 75 26.07 4.77 17.57
C ALA A 75 27.33 4.80 18.45
N MET A 1 -38.43 -21.73 30.81
CA MET A 1 -39.24 -22.24 29.66
C MET A 1 -38.37 -23.06 28.69
N GLY A 2 -38.54 -24.38 28.72
CA GLY A 2 -37.86 -25.24 27.76
C GLY A 2 -36.41 -25.58 28.13
N HIS A 3 -36.22 -26.17 29.32
CA HIS A 3 -34.91 -26.71 29.78
C HIS A 3 -33.67 -25.84 29.46
N HIS A 4 -33.23 -25.84 28.20
CA HIS A 4 -31.97 -25.17 27.82
C HIS A 4 -32.15 -24.27 26.58
N HIS A 5 -31.86 -22.98 26.73
CA HIS A 5 -31.96 -22.03 25.60
C HIS A 5 -30.82 -20.98 25.62
N HIS A 6 -29.62 -21.42 25.25
CA HIS A 6 -28.45 -20.53 25.08
C HIS A 6 -27.20 -21.36 24.70
N HIS A 7 -26.67 -21.13 23.50
CA HIS A 7 -25.52 -21.90 23.00
C HIS A 7 -24.23 -21.06 22.94
N HIS A 8 -23.17 -21.64 22.40
CA HIS A 8 -21.89 -20.92 22.23
C HIS A 8 -21.27 -21.25 20.86
N SER A 9 -21.17 -20.26 19.99
CA SER A 9 -20.67 -20.44 18.61
C SER A 9 -19.21 -19.97 18.47
N HIS A 10 -18.61 -20.21 17.31
CA HIS A 10 -17.23 -19.78 17.04
C HIS A 10 -17.10 -19.15 15.64
N MET A 11 -17.23 -17.83 15.58
CA MET A 11 -17.07 -17.08 14.33
C MET A 11 -15.61 -16.60 14.14
N SER A 12 -15.11 -16.67 12.91
CA SER A 12 -13.73 -16.26 12.60
C SER A 12 -13.65 -14.78 12.20
N THR A 13 -14.69 -14.30 11.52
CA THR A 13 -14.78 -12.91 11.00
C THR A 13 -13.69 -12.60 9.95
N PRO A 14 -14.01 -11.80 8.91
CA PRO A 14 -13.05 -11.47 7.83
C PRO A 14 -11.74 -10.84 8.34
N LEU A 15 -10.72 -10.82 7.48
CA LEU A 15 -9.41 -10.25 7.83
C LEU A 15 -9.03 -9.09 6.89
N THR A 16 -8.05 -8.29 7.29
CA THR A 16 -7.67 -7.08 6.55
C THR A 16 -7.01 -7.39 5.20
N GLY A 17 -7.69 -7.02 4.11
CA GLY A 17 -7.11 -7.10 2.77
C GLY A 17 -6.06 -6.02 2.56
N LYS A 18 -4.86 -6.42 2.16
CA LYS A 18 -3.72 -5.50 2.11
C LYS A 18 -2.60 -6.02 1.20
N PRO A 19 -1.87 -5.10 0.52
CA PRO A 19 -0.67 -5.47 -0.24
C PRO A 19 0.55 -5.70 0.67
N GLY A 20 1.09 -6.92 0.66
CA GLY A 20 2.25 -7.24 1.50
C GLY A 20 3.41 -6.28 1.31
N ALA A 21 3.60 -5.84 0.06
CA ALA A 21 4.63 -4.85 -0.26
C ALA A 21 4.15 -3.92 -1.38
N LEU A 22 4.90 -2.85 -1.63
CA LEU A 22 4.55 -1.89 -2.69
C LEU A 22 5.35 -2.16 -3.98
N PRO A 23 4.80 -1.80 -5.16
CA PRO A 23 5.47 -2.03 -6.45
C PRO A 23 6.84 -1.33 -6.55
N ALA A 24 7.79 -1.99 -7.19
CA ALA A 24 9.14 -1.44 -7.36
C ALA A 24 9.19 -0.33 -8.43
N ASN A 25 8.24 -0.37 -9.36
CA ASN A 25 8.22 0.58 -10.49
C ASN A 25 7.50 1.90 -10.14
N LEU A 26 7.65 2.38 -8.91
CA LEU A 26 7.10 3.69 -8.51
C LEU A 26 7.59 4.81 -9.44
N ASP A 27 8.79 4.62 -9.99
CA ASP A 27 9.37 5.55 -10.96
C ASP A 27 8.53 5.60 -12.26
N ASP A 28 7.99 4.44 -12.65
CA ASP A 28 7.12 4.34 -13.82
C ASP A 28 5.69 4.77 -13.51
N MET A 29 5.32 4.72 -12.24
CA MET A 29 4.01 5.21 -11.79
C MET A 29 3.97 6.74 -11.82
N LYS A 30 2.99 7.29 -12.53
CA LYS A 30 2.87 8.74 -12.70
C LYS A 30 2.40 9.43 -11.41
N VAL A 31 2.46 10.76 -11.41
CA VAL A 31 2.14 11.55 -10.22
C VAL A 31 0.75 11.18 -9.63
N ALA A 32 -0.25 11.09 -10.50
CA ALA A 32 -1.61 10.74 -10.09
C ALA A 32 -1.68 9.34 -9.46
N GLU A 33 -0.94 8.40 -10.03
CA GLU A 33 -0.91 7.02 -9.53
C GLU A 33 -0.29 6.96 -8.12
N LEU A 34 0.84 7.66 -7.94
CA LEU A 34 1.51 7.72 -6.64
C LEU A 34 0.64 8.43 -5.59
N LYS A 35 0.09 9.60 -5.94
CA LYS A 35 -0.85 10.32 -5.07
C LYS A 35 -2.00 9.42 -4.63
N GLN A 36 -2.55 8.69 -5.58
CA GLN A 36 -3.63 7.73 -5.32
C GLN A 36 -3.20 6.68 -4.28
N GLU A 37 -2.03 6.09 -4.49
CA GLU A 37 -1.47 5.10 -3.56
C GLU A 37 -1.19 5.68 -2.17
N LEU A 38 -0.78 6.94 -2.13
CA LEU A 38 -0.52 7.63 -0.87
C LEU A 38 -1.81 7.84 -0.06
N LYS A 39 -2.80 8.46 -0.69
CA LYS A 39 -4.04 8.83 -0.01
C LYS A 39 -4.82 7.60 0.48
N LEU A 40 -4.62 6.44 -0.15
CA LEU A 40 -5.19 5.19 0.34
C LEU A 40 -4.75 4.89 1.78
N ARG A 41 -3.48 5.20 2.06
CA ARG A 41 -2.86 4.91 3.35
C ARG A 41 -2.62 6.19 4.18
N SER A 42 -3.43 7.22 3.91
CA SER A 42 -3.41 8.49 4.66
C SER A 42 -2.08 9.25 4.50
N LEU A 43 -1.28 8.88 3.51
CA LEU A 43 -0.01 9.56 3.24
C LEU A 43 -0.21 10.88 2.49
N PRO A 44 0.55 11.94 2.84
CA PRO A 44 0.41 13.26 2.19
C PRO A 44 0.81 13.23 0.71
N VAL A 45 -0.10 13.70 -0.15
CA VAL A 45 0.12 13.68 -1.60
C VAL A 45 0.71 15.01 -2.11
N SER A 46 0.76 15.99 -1.22
CA SER A 46 1.25 17.33 -1.58
C SER A 46 2.78 17.38 -1.69
N GLY A 47 3.30 16.83 -2.76
CA GLY A 47 4.75 16.89 -3.02
C GLY A 47 5.12 16.47 -4.44
N THR A 48 6.40 16.56 -4.78
CA THR A 48 6.88 16.17 -6.11
C THR A 48 6.83 14.65 -6.31
N LYS A 49 6.81 14.20 -7.56
CA LYS A 49 6.84 12.76 -7.85
C LYS A 49 7.96 12.06 -7.07
N THR A 50 9.07 12.76 -6.90
CA THR A 50 10.21 12.26 -6.11
C THR A 50 9.77 11.96 -4.67
N GLU A 51 9.17 12.96 -4.01
CA GLU A 51 8.67 12.81 -2.65
C GLU A 51 7.66 11.67 -2.53
N LEU A 52 6.78 11.56 -3.53
CA LEU A 52 5.75 10.51 -3.55
C LEU A 52 6.39 9.10 -3.54
N ILE A 53 7.43 8.93 -4.35
CA ILE A 53 8.18 7.66 -4.41
C ILE A 53 8.90 7.38 -3.08
N GLU A 54 9.67 8.35 -2.60
CA GLU A 54 10.40 8.23 -1.33
C GLU A 54 9.45 7.90 -0.18
N ARG A 55 8.30 8.58 -0.17
CA ARG A 55 7.30 8.42 0.89
C ARG A 55 6.70 7.01 0.92
N LEU A 56 6.36 6.47 -0.25
CA LEU A 56 5.85 5.10 -0.35
C LEU A 56 6.91 4.08 0.14
N ARG A 57 8.14 4.23 -0.34
CA ARG A 57 9.25 3.37 0.09
C ARG A 57 9.45 3.44 1.61
N ALA A 58 9.55 4.66 2.13
CA ALA A 58 9.77 4.89 3.57
C ALA A 58 8.63 4.34 4.43
N TYR A 59 7.39 4.48 3.94
CA TYR A 59 6.22 3.97 4.65
C TYR A 59 6.18 2.44 4.68
N GLN A 60 6.48 1.80 3.54
CA GLN A 60 6.53 0.34 3.47
C GLN A 60 7.71 -0.19 4.33
N ASP A 61 8.84 0.51 4.25
CA ASP A 61 10.05 0.14 4.98
C ASP A 61 9.84 0.14 6.50
N GLN A 62 8.93 0.98 7.00
CA GLN A 62 8.68 1.08 8.44
C GLN A 62 7.53 0.17 8.91
N ILE A 63 6.94 -0.60 7.98
CA ILE A 63 5.91 -1.59 8.32
C ILE A 63 6.31 -3.01 7.86
N SER A 64 7.45 -3.11 7.19
CA SER A 64 7.99 -4.39 6.70
C SER A 64 9.30 -4.74 7.40
N PRO A 65 9.60 -6.04 7.61
CA PRO A 65 10.86 -6.48 8.23
C PRO A 65 12.10 -6.08 7.39
N VAL A 66 13.17 -5.67 8.09
CA VAL A 66 14.40 -5.23 7.42
C VAL A 66 15.03 -6.35 6.58
N PRO A 67 15.84 -6.00 5.55
CA PRO A 67 16.54 -6.99 4.70
C PRO A 67 17.30 -8.06 5.51
N GLY A 68 17.85 -7.67 6.66
CA GLY A 68 18.55 -8.61 7.53
C GLY A 68 17.66 -9.73 8.07
N ALA A 69 16.35 -9.52 8.05
CA ALA A 69 15.40 -10.54 8.48
C ALA A 69 15.01 -11.47 7.30
N PRO A 70 14.94 -12.79 7.53
CA PRO A 70 14.61 -13.76 6.48
C PRO A 70 13.17 -13.60 5.94
N LYS A 71 13.01 -12.81 4.88
CA LYS A 71 11.71 -12.61 4.23
C LYS A 71 11.37 -13.77 3.28
N ALA A 72 10.37 -14.56 3.65
CA ALA A 72 9.92 -15.70 2.83
C ALA A 72 9.22 -15.21 1.55
N PRO A 73 9.68 -15.66 0.37
CA PRO A 73 9.11 -15.25 -0.93
C PRO A 73 7.72 -15.86 -1.20
N ALA A 74 6.93 -15.16 -2.01
CA ALA A 74 5.59 -15.63 -2.38
C ALA A 74 5.61 -16.45 -3.68
N ALA A 75 5.33 -17.75 -3.56
CA ALA A 75 5.31 -18.65 -4.71
C ALA A 75 3.89 -18.78 -5.32
N MET A 1 -52.08 -26.24 -8.00
CA MET A 1 -51.43 -26.92 -9.16
C MET A 1 -50.15 -26.17 -9.57
N GLY A 2 -49.01 -26.58 -9.02
CA GLY A 2 -47.75 -25.90 -9.29
C GLY A 2 -46.53 -26.79 -9.10
N HIS A 3 -46.02 -27.33 -10.21
CA HIS A 3 -44.81 -28.15 -10.20
C HIS A 3 -44.01 -27.96 -11.50
N HIS A 4 -42.93 -27.20 -11.44
CA HIS A 4 -42.13 -26.89 -12.64
C HIS A 4 -40.62 -27.06 -12.38
N HIS A 5 -39.83 -26.82 -13.43
CA HIS A 5 -38.36 -26.90 -13.35
C HIS A 5 -37.71 -25.57 -13.75
N HIS A 6 -36.69 -25.15 -13.01
CA HIS A 6 -36.02 -23.87 -13.28
C HIS A 6 -34.76 -23.70 -12.42
N HIS A 7 -33.67 -23.22 -13.04
CA HIS A 7 -32.43 -22.94 -12.29
C HIS A 7 -31.53 -21.93 -13.04
N HIS A 8 -30.98 -20.97 -12.30
CA HIS A 8 -29.99 -20.03 -12.84
C HIS A 8 -29.41 -19.15 -11.73
N SER A 9 -28.12 -19.27 -11.48
CA SER A 9 -27.45 -18.49 -10.43
C SER A 9 -25.92 -18.46 -10.62
N HIS A 10 -25.33 -17.30 -10.36
CA HIS A 10 -23.87 -17.14 -10.34
C HIS A 10 -23.45 -16.23 -9.17
N MET A 11 -23.25 -16.84 -8.01
CA MET A 11 -22.92 -16.09 -6.79
C MET A 11 -21.43 -15.73 -6.75
N SER A 12 -21.13 -14.48 -6.41
CA SER A 12 -19.75 -13.98 -6.42
C SER A 12 -19.11 -14.03 -5.03
N THR A 13 -17.77 -13.97 -4.99
CA THR A 13 -17.02 -13.99 -3.73
C THR A 13 -16.16 -12.72 -3.58
N PRO A 14 -16.31 -11.99 -2.45
CA PRO A 14 -15.49 -10.78 -2.17
C PRO A 14 -14.01 -11.12 -1.94
N LEU A 15 -13.27 -11.36 -3.02
CA LEU A 15 -11.82 -11.62 -2.94
C LEU A 15 -11.07 -10.41 -2.38
N THR A 16 -10.20 -10.64 -1.40
CA THR A 16 -9.45 -9.54 -0.76
C THR A 16 -8.41 -8.93 -1.73
N GLY A 17 -7.37 -9.70 -2.05
CA GLY A 17 -6.37 -9.29 -3.03
C GLY A 17 -5.93 -7.83 -2.92
N LYS A 18 -5.55 -7.42 -1.71
CA LYS A 18 -5.12 -6.02 -1.48
C LYS A 18 -3.59 -5.88 -1.61
N PRO A 19 -3.10 -4.70 -2.09
CA PRO A 19 -1.66 -4.44 -2.26
C PRO A 19 -0.81 -4.83 -1.05
N GLY A 20 -0.01 -5.89 -1.19
CA GLY A 20 0.82 -6.38 -0.08
C GLY A 20 2.23 -5.80 -0.08
N ALA A 21 2.56 -5.04 -1.12
CA ALA A 21 3.89 -4.40 -1.22
C ALA A 21 3.88 -3.26 -2.25
N LEU A 22 4.97 -2.50 -2.30
CA LEU A 22 5.11 -1.43 -3.29
C LEU A 22 5.50 -2.00 -4.66
N PRO A 23 4.86 -1.52 -5.75
CA PRO A 23 5.23 -1.94 -7.11
C PRO A 23 6.67 -1.56 -7.47
N ALA A 24 7.33 -2.37 -8.28
CA ALA A 24 8.69 -2.06 -8.73
C ALA A 24 8.72 -0.83 -9.65
N ASN A 25 7.56 -0.50 -10.22
CA ASN A 25 7.44 0.58 -11.20
C ASN A 25 7.14 1.95 -10.55
N LEU A 26 7.50 2.11 -9.28
CA LEU A 26 7.22 3.36 -8.52
C LEU A 26 7.61 4.62 -9.30
N ASP A 27 8.88 4.72 -9.70
CA ASP A 27 9.37 5.92 -10.37
C ASP A 27 8.95 5.99 -11.85
N ASP A 28 8.35 4.91 -12.35
CA ASP A 28 7.84 4.85 -13.73
C ASP A 28 6.37 5.31 -13.82
N MET A 29 5.62 5.15 -12.72
CA MET A 29 4.20 5.52 -12.69
C MET A 29 4.00 7.03 -12.72
N LYS A 30 2.74 7.46 -12.92
CA LYS A 30 2.38 8.87 -12.91
C LYS A 30 2.30 9.43 -11.47
N VAL A 31 2.45 10.75 -11.34
CA VAL A 31 2.29 11.40 -10.03
C VAL A 31 0.91 11.10 -9.43
N ALA A 32 -0.12 11.11 -10.29
CA ALA A 32 -1.49 10.79 -9.87
C ALA A 32 -1.59 9.36 -9.29
N GLU A 33 -0.82 8.43 -9.86
CA GLU A 33 -0.79 7.05 -9.38
C GLU A 33 -0.09 6.96 -8.01
N LEU A 34 1.00 7.71 -7.86
CA LEU A 34 1.69 7.81 -6.57
C LEU A 34 0.74 8.35 -5.49
N LYS A 35 0.03 9.43 -5.82
CA LYS A 35 -0.98 10.02 -4.92
C LYS A 35 -2.08 9.00 -4.58
N GLN A 36 -2.41 8.15 -5.55
CA GLN A 36 -3.43 7.11 -5.36
C GLN A 36 -3.02 6.14 -4.23
N GLU A 37 -1.78 5.67 -4.26
CA GLU A 37 -1.26 4.80 -3.20
C GLU A 37 -1.11 5.56 -1.86
N LEU A 38 -0.65 6.81 -1.94
CA LEU A 38 -0.47 7.65 -0.75
C LEU A 38 -1.78 7.80 0.04
N LYS A 39 -2.84 8.27 -0.63
CA LYS A 39 -4.13 8.53 0.02
C LYS A 39 -4.70 7.28 0.71
N LEU A 40 -4.39 6.11 0.18
CA LEU A 40 -4.82 4.83 0.77
C LEU A 40 -4.11 4.57 2.11
N ARG A 41 -2.83 4.91 2.18
CA ARG A 41 -2.05 4.70 3.42
C ARG A 41 -1.90 5.99 4.24
N SER A 42 -2.82 6.95 4.03
CA SER A 42 -2.87 8.20 4.83
C SER A 42 -1.59 9.05 4.69
N LEU A 43 -0.93 8.92 3.55
CA LEU A 43 0.32 9.66 3.27
C LEU A 43 0.05 10.99 2.53
N PRO A 44 0.81 12.05 2.84
CA PRO A 44 0.69 13.35 2.17
C PRO A 44 0.87 13.27 0.63
N VAL A 45 -0.17 13.64 -0.11
CA VAL A 45 -0.13 13.57 -1.59
C VAL A 45 0.50 14.83 -2.22
N SER A 46 0.59 15.92 -1.45
CA SER A 46 1.04 17.23 -1.97
C SER A 46 2.57 17.32 -2.18
N GLY A 47 3.20 16.23 -2.59
CA GLY A 47 4.64 16.26 -2.86
C GLY A 47 4.99 16.10 -4.35
N THR A 48 6.27 16.19 -4.69
CA THR A 48 6.72 16.01 -6.07
C THR A 48 6.88 14.53 -6.43
N LYS A 49 7.07 14.25 -7.73
CA LYS A 49 7.24 12.87 -8.24
C LYS A 49 8.18 12.03 -7.35
N THR A 50 9.42 12.48 -7.20
CA THR A 50 10.43 11.74 -6.44
C THR A 50 10.09 11.67 -4.94
N GLU A 51 9.54 12.75 -4.39
CA GLU A 51 9.12 12.78 -2.97
C GLU A 51 8.09 11.67 -2.67
N LEU A 52 7.04 11.60 -3.49
CA LEU A 52 5.97 10.63 -3.29
C LEU A 52 6.50 9.19 -3.32
N ILE A 53 7.46 8.93 -4.21
CA ILE A 53 8.12 7.62 -4.28
C ILE A 53 8.77 7.25 -2.95
N GLU A 54 9.67 8.10 -2.47
CA GLU A 54 10.36 7.86 -1.20
C GLU A 54 9.40 7.92 0.00
N ARG A 55 8.30 8.62 -0.17
CA ARG A 55 7.25 8.72 0.86
C ARG A 55 6.49 7.39 0.99
N LEU A 56 6.13 6.79 -0.15
CA LEU A 56 5.57 5.43 -0.17
C LEU A 56 6.55 4.44 0.45
N ARG A 57 7.81 4.54 0.04
CA ARG A 57 8.89 3.71 0.56
C ARG A 57 9.05 3.88 2.08
N ALA A 58 8.96 5.13 2.55
CA ALA A 58 9.07 5.43 3.97
C ALA A 58 7.99 4.71 4.81
N TYR A 59 6.75 4.73 4.31
CA TYR A 59 5.65 4.04 4.98
C TYR A 59 5.87 2.52 5.00
N GLN A 60 6.21 1.96 3.84
CA GLN A 60 6.49 0.53 3.71
C GLN A 60 7.65 0.11 4.61
N ASP A 61 8.66 0.97 4.68
CA ASP A 61 9.85 0.77 5.52
C ASP A 61 9.47 0.57 7.00
N GLN A 62 8.34 1.13 7.41
CA GLN A 62 7.88 1.06 8.79
C GLN A 62 6.98 -0.16 9.06
N ILE A 63 6.15 -0.54 8.08
CA ILE A 63 5.19 -1.64 8.26
C ILE A 63 5.76 -3.00 7.80
N SER A 64 6.78 -2.97 6.94
CA SER A 64 7.35 -4.21 6.38
C SER A 64 8.09 -5.04 7.43
N PRO A 65 7.97 -6.39 7.36
CA PRO A 65 8.78 -7.30 8.19
C PRO A 65 10.28 -7.29 7.79
N VAL A 66 11.05 -8.23 8.33
CA VAL A 66 12.47 -8.34 7.98
C VAL A 66 12.67 -8.76 6.51
N PRO A 67 13.48 -8.02 5.74
CA PRO A 67 13.72 -8.32 4.31
C PRO A 67 14.70 -9.49 4.09
N GLY A 68 15.82 -9.49 4.84
CA GLY A 68 16.81 -10.54 4.71
C GLY A 68 16.42 -11.81 5.47
N ALA A 69 15.88 -11.62 6.68
CA ALA A 69 15.42 -12.73 7.54
C ALA A 69 16.59 -13.58 8.07
N PRO A 70 16.63 -13.85 9.39
CA PRO A 70 17.67 -14.70 10.00
C PRO A 70 17.72 -16.11 9.38
N LYS A 71 18.74 -16.35 8.55
CA LYS A 71 18.87 -17.64 7.84
C LYS A 71 19.32 -18.76 8.78
N ALA A 72 18.36 -19.59 9.21
CA ALA A 72 18.63 -20.76 10.07
C ALA A 72 19.08 -20.36 11.49
N PRO A 73 18.44 -20.94 12.54
CA PRO A 73 18.83 -20.69 13.93
C PRO A 73 20.29 -21.10 14.22
N ALA A 74 21.13 -20.11 14.52
CA ALA A 74 22.56 -20.35 14.80
C ALA A 74 22.76 -21.23 16.04
N ALA A 75 23.61 -22.25 15.92
CA ALA A 75 23.93 -23.14 17.03
C ALA A 75 25.23 -23.94 16.77
N MET A 1 -8.32 -53.04 -25.29
CA MET A 1 -8.77 -52.68 -26.66
C MET A 1 -8.35 -51.25 -27.03
N GLY A 2 -7.67 -51.12 -28.17
CA GLY A 2 -7.25 -49.80 -28.64
C GLY A 2 -6.03 -49.24 -27.92
N HIS A 3 -5.45 -48.18 -28.47
CA HIS A 3 -4.34 -47.47 -27.85
C HIS A 3 -4.55 -45.95 -27.98
N HIS A 4 -5.05 -45.32 -26.92
CA HIS A 4 -5.33 -43.88 -26.95
C HIS A 4 -4.03 -43.06 -26.99
N HIS A 5 -3.90 -42.19 -28.01
CA HIS A 5 -2.69 -41.40 -28.21
C HIS A 5 -2.89 -39.92 -27.88
N HIS A 6 -2.25 -39.46 -26.81
CA HIS A 6 -2.28 -38.06 -26.39
C HIS A 6 -1.41 -37.85 -25.13
N HIS A 7 -0.26 -37.20 -25.30
CA HIS A 7 0.62 -36.90 -24.16
C HIS A 7 1.00 -35.41 -24.10
N HIS A 8 1.57 -35.00 -22.98
CA HIS A 8 2.01 -33.62 -22.76
C HIS A 8 3.09 -33.56 -21.68
N SER A 9 4.31 -33.18 -22.05
CA SER A 9 5.43 -33.13 -21.09
C SER A 9 6.24 -31.83 -21.18
N HIS A 10 5.79 -30.81 -20.45
CA HIS A 10 6.55 -29.55 -20.33
C HIS A 10 6.04 -28.71 -19.15
N MET A 11 6.92 -27.93 -18.55
CA MET A 11 6.56 -27.07 -17.41
C MET A 11 6.91 -25.60 -17.69
N SER A 12 6.16 -24.69 -17.07
CA SER A 12 6.40 -23.25 -17.23
C SER A 12 6.28 -22.49 -15.90
N THR A 13 7.40 -22.03 -15.37
CA THR A 13 7.43 -21.34 -14.07
C THR A 13 7.56 -19.80 -14.24
N PRO A 14 6.77 -19.02 -13.48
CA PRO A 14 6.91 -17.56 -13.43
C PRO A 14 8.16 -17.14 -12.63
N LEU A 15 8.87 -16.13 -13.12
CA LEU A 15 10.12 -15.68 -12.48
C LEU A 15 9.87 -14.55 -11.47
N THR A 16 9.09 -13.54 -11.88
CA THR A 16 8.85 -12.36 -11.04
C THR A 16 7.38 -12.23 -10.62
N GLY A 17 7.15 -11.79 -9.38
CA GLY A 17 5.80 -11.58 -8.88
C GLY A 17 5.66 -11.91 -7.39
N LYS A 18 5.68 -10.88 -6.53
CA LYS A 18 5.57 -11.08 -5.07
C LYS A 18 4.86 -9.89 -4.39
N PRO A 19 3.79 -10.17 -3.62
CA PRO A 19 3.03 -9.13 -2.88
C PRO A 19 3.66 -8.78 -1.52
N GLY A 20 2.89 -8.08 -0.69
CA GLY A 20 3.39 -7.68 0.64
C GLY A 20 4.35 -6.50 0.58
N ALA A 21 4.28 -5.73 -0.52
CA ALA A 21 5.20 -4.61 -0.72
C ALA A 21 4.71 -3.65 -1.82
N LEU A 22 5.52 -2.64 -2.14
CA LEU A 22 5.19 -1.66 -3.18
C LEU A 22 5.52 -2.18 -4.58
N PRO A 23 4.90 -1.59 -5.63
CA PRO A 23 5.26 -1.88 -7.02
C PRO A 23 6.75 -1.57 -7.33
N ALA A 24 7.32 -2.31 -8.28
CA ALA A 24 8.74 -2.16 -8.64
C ALA A 24 8.96 -1.00 -9.63
N ASN A 25 7.87 -0.45 -10.17
CA ASN A 25 7.96 0.59 -11.20
C ASN A 25 7.44 1.96 -10.69
N LEU A 26 7.47 2.18 -9.38
CA LEU A 26 6.97 3.45 -8.77
C LEU A 26 7.47 4.69 -9.55
N ASP A 27 8.76 4.73 -9.84
CA ASP A 27 9.35 5.86 -10.56
C ASP A 27 8.93 5.87 -12.05
N ASP A 28 8.70 4.69 -12.60
CA ASP A 28 8.28 4.56 -14.00
C ASP A 28 6.78 4.89 -14.17
N MET A 29 6.03 4.75 -13.07
CA MET A 29 4.59 5.02 -13.07
C MET A 29 4.29 6.52 -13.12
N LYS A 30 3.00 6.86 -13.11
CA LYS A 30 2.56 8.26 -13.23
C LYS A 30 2.31 8.90 -11.85
N VAL A 31 2.43 10.23 -11.79
CA VAL A 31 2.23 10.98 -10.54
C VAL A 31 0.89 10.63 -9.87
N ALA A 32 -0.19 10.64 -10.65
CA ALA A 32 -1.52 10.30 -10.14
C ALA A 32 -1.54 8.92 -9.44
N GLU A 33 -0.91 7.93 -10.09
CA GLU A 33 -0.81 6.58 -9.53
C GLU A 33 -0.23 6.59 -8.11
N LEU A 34 0.91 7.28 -7.96
CA LEU A 34 1.60 7.40 -6.68
C LEU A 34 0.74 8.13 -5.64
N LYS A 35 0.14 9.25 -6.05
CA LYS A 35 -0.71 10.05 -5.16
C LYS A 35 -1.85 9.20 -4.58
N GLN A 36 -2.42 8.31 -5.40
CA GLN A 36 -3.49 7.42 -4.94
C GLN A 36 -3.00 6.46 -3.87
N GLU A 37 -1.90 5.75 -4.12
CA GLU A 37 -1.34 4.79 -3.16
C GLU A 37 -0.89 5.48 -1.86
N LEU A 38 -0.67 6.79 -1.92
CA LEU A 38 -0.44 7.60 -0.72
C LEU A 38 -1.75 7.88 0.02
N LYS A 39 -2.68 8.58 -0.64
CA LYS A 39 -3.93 9.02 0.00
C LYS A 39 -4.80 7.84 0.47
N LEU A 40 -4.76 6.73 -0.26
CA LEU A 40 -5.46 5.51 0.16
C LEU A 40 -4.91 4.97 1.50
N ARG A 41 -3.64 5.27 1.77
CA ARG A 41 -2.98 4.84 3.01
C ARG A 41 -2.83 6.02 4.00
N SER A 42 -3.63 7.07 3.78
CA SER A 42 -3.66 8.26 4.67
C SER A 42 -2.36 9.09 4.59
N LEU A 43 -1.53 8.82 3.59
CA LEU A 43 -0.28 9.56 3.39
C LEU A 43 -0.54 10.86 2.62
N PRO A 44 0.10 11.98 3.04
CA PRO A 44 -0.10 13.29 2.39
C PRO A 44 0.63 13.42 1.04
N VAL A 45 -0.11 13.80 0.00
CA VAL A 45 0.46 13.98 -1.35
C VAL A 45 1.07 15.37 -1.55
N SER A 46 1.40 16.04 -0.45
CA SER A 46 1.92 17.42 -0.49
C SER A 46 3.40 17.45 -0.89
N GLY A 47 3.71 17.00 -2.10
CA GLY A 47 5.11 16.99 -2.55
C GLY A 47 5.27 16.68 -4.04
N THR A 48 6.52 16.61 -4.49
CA THR A 48 6.84 16.30 -5.89
C THR A 48 6.81 14.79 -6.16
N LYS A 49 6.91 14.41 -7.44
CA LYS A 49 6.94 12.97 -7.82
C LYS A 49 7.93 12.18 -6.96
N THR A 50 9.13 12.73 -6.79
CA THR A 50 10.18 12.08 -5.98
C THR A 50 9.72 11.87 -4.55
N GLU A 51 9.13 12.90 -3.94
CA GLU A 51 8.62 12.82 -2.57
C GLU A 51 7.57 11.71 -2.41
N LEU A 52 6.68 11.61 -3.40
CA LEU A 52 5.62 10.58 -3.40
C LEU A 52 6.24 9.18 -3.31
N ILE A 53 7.20 8.92 -4.20
CA ILE A 53 7.90 7.62 -4.23
C ILE A 53 8.63 7.35 -2.90
N GLU A 54 9.45 8.30 -2.48
CA GLU A 54 10.26 8.15 -1.27
C GLU A 54 9.40 7.96 -0.02
N ARG A 55 8.26 8.66 0.07
CA ARG A 55 7.37 8.53 1.22
C ARG A 55 6.62 7.19 1.21
N LEU A 56 6.21 6.74 0.01
CA LEU A 56 5.66 5.38 -0.14
C LEU A 56 6.64 4.36 0.43
N ARG A 57 7.91 4.50 0.06
CA ARG A 57 9.00 3.62 0.54
C ARG A 57 9.21 3.74 2.05
N ALA A 58 9.48 4.95 2.53
CA ALA A 58 9.75 5.18 3.97
C ALA A 58 8.63 4.63 4.85
N TYR A 59 7.38 4.86 4.46
CA TYR A 59 6.22 4.35 5.21
C TYR A 59 6.12 2.81 5.15
N GLN A 60 6.38 2.25 3.97
CA GLN A 60 6.32 0.79 3.80
C GLN A 60 7.49 0.10 4.54
N ASP A 61 8.63 0.78 4.57
CA ASP A 61 9.84 0.27 5.23
C ASP A 61 9.65 0.20 6.77
N GLN A 62 9.14 1.28 7.36
CA GLN A 62 8.95 1.33 8.82
C GLN A 62 7.93 0.27 9.30
N ILE A 63 6.88 0.03 8.51
CA ILE A 63 5.93 -1.05 8.81
C ILE A 63 6.51 -2.41 8.41
N SER A 64 7.47 -2.38 7.48
CA SER A 64 8.24 -3.57 7.07
C SER A 64 7.45 -4.52 6.15
N PRO A 65 8.08 -5.04 5.09
CA PRO A 65 7.46 -6.03 4.19
C PRO A 65 7.27 -7.42 4.85
N VAL A 66 6.95 -8.41 4.03
CA VAL A 66 6.77 -9.79 4.52
C VAL A 66 8.08 -10.37 5.10
N PRO A 67 8.12 -10.67 6.42
CA PRO A 67 9.32 -11.23 7.08
C PRO A 67 9.70 -12.62 6.54
N GLY A 68 8.70 -13.39 6.12
CA GLY A 68 8.96 -14.68 5.48
C GLY A 68 9.87 -14.54 4.27
N ALA A 69 9.45 -13.71 3.31
CA ALA A 69 10.27 -13.37 2.14
C ALA A 69 10.56 -14.58 1.22
N PRO A 70 10.76 -14.33 -0.09
CA PRO A 70 11.19 -15.37 -1.04
C PRO A 70 12.69 -15.68 -0.93
N LYS A 71 13.02 -16.94 -0.63
CA LYS A 71 14.42 -17.35 -0.48
C LYS A 71 15.14 -17.41 -1.84
N ALA A 72 16.40 -16.97 -1.87
CA ALA A 72 17.19 -16.98 -3.09
C ALA A 72 17.50 -18.43 -3.55
N PRO A 73 17.32 -18.73 -4.85
CA PRO A 73 17.62 -20.07 -5.41
C PRO A 73 19.11 -20.47 -5.29
N ALA A 74 19.51 -21.49 -6.03
CA ALA A 74 20.91 -21.95 -6.03
C ALA A 74 21.83 -20.97 -6.80
N ALA A 75 21.98 -19.77 -6.26
CA ALA A 75 22.79 -18.71 -6.89
C ALA A 75 22.31 -18.36 -8.33
#